data_3G4M
# 
_entry.id   3G4M 
# 
_audit_conform.dict_name       mmcif_pdbx.dic 
_audit_conform.dict_version    5.378 
_audit_conform.dict_location   http://mmcif.pdb.org/dictionaries/ascii/mmcif_pdbx.dic 
# 
loop_
_database_2.database_id 
_database_2.database_code 
_database_2.pdbx_database_accession 
_database_2.pdbx_DOI 
PDB   3G4M         pdb_00003g4m 10.2210/pdb3g4m/pdb 
NDB   UR0187       ?            ?                   
RCSB  RCSB051416   ?            ?                   
WWPDB D_1000051416 ?            ?                   
# 
loop_
_pdbx_database_related.db_name 
_pdbx_database_related.db_id 
_pdbx_database_related.details 
_pdbx_database_related.content_type 
PDB 1U8D 'Guanine riboswitch bound to cognate ligand hypoxanthine' unspecified 
PDB 3GAO .                                                         unspecified 
PDB 3GER .                                                         unspecified 
PDB 3GES .                                                         unspecified 
# 
_pdbx_database_status.status_code                     REL 
_pdbx_database_status.entry_id                        3G4M 
_pdbx_database_status.recvd_initial_deposition_date   2009-02-04 
_pdbx_database_status.deposit_site                    RCSB 
_pdbx_database_status.process_site                    RCSB 
_pdbx_database_status.status_code_sf                  REL 
_pdbx_database_status.status_code_mr                  ? 
_pdbx_database_status.SG_entry                        ? 
_pdbx_database_status.pdb_format_compatible           Y 
_pdbx_database_status.status_code_cs                  ? 
_pdbx_database_status.status_code_nmr_data            ? 
_pdbx_database_status.methods_development_category    ? 
# 
loop_
_audit_author.name 
_audit_author.pdbx_ordinal 
'Gilbert, S.D.' 1 
'Batey, R.T.'   2 
# 
_citation.id                        primary 
_citation.title                     
'Adaptive ligand binding by the purine riboswitch in the recognition of Guanine and adenine analogs.' 
_citation.journal_abbrev            Structure 
_citation.journal_volume            17 
_citation.page_first                857 
_citation.page_last                 868 
_citation.year                      2009 
_citation.journal_id_ASTM           STRUE6 
_citation.country                   UK 
_citation.journal_id_ISSN           0969-2126 
_citation.journal_id_CSD            2005 
_citation.book_publisher            ? 
_citation.pdbx_database_id_PubMed   19523903 
_citation.pdbx_database_id_DOI      10.1016/j.str.2009.04.009 
# 
loop_
_citation_author.citation_id 
_citation_author.name 
_citation_author.ordinal 
_citation_author.identifier_ORCID 
primary 'Gilbert, S.D.' 1 ? 
primary 'Reyes, F.E.'   2 ? 
primary 'Edwards, A.L.' 3 ? 
primary 'Batey, R.T.'   4 ? 
# 
_cell.entry_id           3G4M 
_cell.length_a           127.430 
_cell.length_b           35.160 
_cell.length_c           42.240 
_cell.angle_alpha        90.00 
_cell.angle_beta         91.18 
_cell.angle_gamma        90.00 
_cell.Z_PDB              4 
_cell.pdbx_unique_axis   ? 
_cell.length_a_esd       ? 
_cell.length_b_esd       ? 
_cell.length_c_esd       ? 
_cell.angle_alpha_esd    ? 
_cell.angle_beta_esd     ? 
_cell.angle_gamma_esd    ? 
# 
_symmetry.entry_id                         3G4M 
_symmetry.space_group_name_H-M             'C 1 2 1' 
_symmetry.pdbx_full_space_group_name_H-M   ? 
_symmetry.cell_setting                     ? 
_symmetry.Int_Tables_number                5 
_symmetry.space_group_name_Hall            ? 
# 
loop_
_entity.id 
_entity.type 
_entity.src_method 
_entity.pdbx_description 
_entity.formula_weight 
_entity.pdbx_number_of_molecules 
_entity.pdbx_ec 
_entity.pdbx_mutation 
_entity.pdbx_fragment 
_entity.details 
1 polymer     syn 'Guanine riboswitch'    21506.783 1  ? ? ? ? 
2 non-polymer syn 9H-purin-2-amine        135.127   1  ? ? ? ? 
3 non-polymer syn 'ACETATE ION'           59.044    1  ? ? ? ? 
4 non-polymer syn 'COBALT HEXAMMINE(III)' 161.116   11 ? ? ? ? 
5 water       nat water                   18.015    64 ? ? ? ? 
# 
_entity_poly.entity_id                      1 
_entity_poly.type                           polyribonucleotide 
_entity_poly.nstd_linkage                   no 
_entity_poly.nstd_monomer                   no 
_entity_poly.pdbx_seq_one_letter_code       GGACAUAUAAUCGCGUGGAUAUGGCACGCAAGUUUCUACCGGGCACCGUAAAUGUCCGACUAUGUCC 
_entity_poly.pdbx_seq_one_letter_code_can   GGACAUAUAAUCGCGUGGAUAUGGCACGCAAGUUUCUACCGGGCACCGUAAAUGUCCGACUAUGUCC 
_entity_poly.pdbx_strand_id                 A 
_entity_poly.pdbx_target_identifier         ? 
# 
loop_
_entity_poly_seq.entity_id 
_entity_poly_seq.num 
_entity_poly_seq.mon_id 
_entity_poly_seq.hetero 
1 1  G n 
1 2  G n 
1 3  A n 
1 4  C n 
1 5  A n 
1 6  U n 
1 7  A n 
1 8  U n 
1 9  A n 
1 10 A n 
1 11 U n 
1 12 C n 
1 13 G n 
1 14 C n 
1 15 G n 
1 16 U n 
1 17 G n 
1 18 G n 
1 19 A n 
1 20 U n 
1 21 A n 
1 22 U n 
1 23 G n 
1 24 G n 
1 25 C n 
1 26 A n 
1 27 C n 
1 28 G n 
1 29 C n 
1 30 A n 
1 31 A n 
1 32 G n 
1 33 U n 
1 34 U n 
1 35 U n 
1 36 C n 
1 37 U n 
1 38 A n 
1 39 C n 
1 40 C n 
1 41 G n 
1 42 G n 
1 43 G n 
1 44 C n 
1 45 A n 
1 46 C n 
1 47 C n 
1 48 G n 
1 49 U n 
1 50 A n 
1 51 A n 
1 52 A n 
1 53 U n 
1 54 G n 
1 55 U n 
1 56 C n 
1 57 C n 
1 58 G n 
1 59 A n 
1 60 C n 
1 61 U n 
1 62 A n 
1 63 U n 
1 64 G n 
1 65 U n 
1 66 C n 
1 67 C n 
# 
_pdbx_entity_src_syn.entity_id              1 
_pdbx_entity_src_syn.pdbx_src_id            1 
_pdbx_entity_src_syn.pdbx_alt_source_flag   sample 
_pdbx_entity_src_syn.pdbx_beg_seq_num       ? 
_pdbx_entity_src_syn.pdbx_end_seq_num       ? 
_pdbx_entity_src_syn.organism_scientific    ? 
_pdbx_entity_src_syn.organism_common_name   ? 
_pdbx_entity_src_syn.ncbi_taxonomy_id       ? 
_pdbx_entity_src_syn.details                
;This sequence was engineered based on the guanine riboswitch in the 5'UTR of the xpt-pbuX gene in Bacillus subtilis.
;
# 
_struct_ref.id                         1 
_struct_ref.db_name                    PDB 
_struct_ref.db_code                    3G4M 
_struct_ref.pdbx_db_accession          3G4M 
_struct_ref.entity_id                  1 
_struct_ref.pdbx_align_begin           ? 
_struct_ref.pdbx_seq_one_letter_code   GGACAUAUAAUCGCGUGGAUAUGGCACGCAAGUUUCUACCGGGCACCGUAAAUGUCCGACUAUGUCC 
_struct_ref.pdbx_db_isoform            ? 
# 
_struct_ref_seq.align_id                      1 
_struct_ref_seq.ref_id                        1 
_struct_ref_seq.pdbx_PDB_id_code              3G4M 
_struct_ref_seq.pdbx_strand_id                A 
_struct_ref_seq.seq_align_beg                 1 
_struct_ref_seq.pdbx_seq_align_beg_ins_code   ? 
_struct_ref_seq.seq_align_end                 67 
_struct_ref_seq.pdbx_seq_align_end_ins_code   ? 
_struct_ref_seq.pdbx_db_accession             3G4M 
_struct_ref_seq.db_align_beg                  15 
_struct_ref_seq.pdbx_db_align_beg_ins_code    ? 
_struct_ref_seq.db_align_end                  81 
_struct_ref_seq.pdbx_db_align_end_ins_code    ? 
_struct_ref_seq.pdbx_auth_seq_align_beg       15 
_struct_ref_seq.pdbx_auth_seq_align_end       81 
# 
loop_
_chem_comp.id 
_chem_comp.type 
_chem_comp.mon_nstd_flag 
_chem_comp.name 
_chem_comp.pdbx_synonyms 
_chem_comp.formula 
_chem_comp.formula_weight 
2BP non-polymer   . 9H-purin-2-amine             2-AMINOPURINE 'C5 H5 N5'        135.127 
A   'RNA linking' y "ADENOSINE-5'-MONOPHOSPHATE" ?             'C10 H14 N5 O7 P' 347.221 
ACT non-polymer   . 'ACETATE ION'                ?             'C2 H3 O2 -1'     59.044  
C   'RNA linking' y "CYTIDINE-5'-MONOPHOSPHATE"  ?             'C9 H14 N3 O8 P'  323.197 
G   'RNA linking' y "GUANOSINE-5'-MONOPHOSPHATE" ?             'C10 H14 N5 O8 P' 363.221 
HOH non-polymer   . WATER                        ?             'H2 O'            18.015  
NCO non-polymer   . 'COBALT HEXAMMINE(III)'      ?             'Co H18 N6 3'     161.116 
U   'RNA linking' y "URIDINE-5'-MONOPHOSPHATE"   ?             'C9 H13 N2 O9 P'  324.181 
# 
_exptl.entry_id          3G4M 
_exptl.method            'X-RAY DIFFRACTION' 
_exptl.crystals_number   1 
# 
_exptl_crystal.id                    1 
_exptl_crystal.density_meas          ? 
_exptl_crystal.density_Matthews      2.20 
_exptl_crystal.density_percent_sol   44.08 
_exptl_crystal.description           ? 
_exptl_crystal.F_000                 ? 
_exptl_crystal.preparation           ? 
# 
_exptl_crystal_grow.crystal_id      1 
_exptl_crystal_grow.method          'VAPOR DIFFUSION, HANGING DROP' 
_exptl_crystal_grow.temp            298 
_exptl_crystal_grow.temp_details    ? 
_exptl_crystal_grow.pH              7.5 
_exptl_crystal_grow.pdbx_details    
;20% PEG 3K, 12.5 mM cobalt hexammine, 600mM ammonium acetate, 10 mM K-HEPES., pH 7.5, VAPOR DIFFUSION, HANGING DROP, temperature 298K
;
_exptl_crystal_grow.pdbx_pH_range   ? 
# 
loop_
_exptl_crystal_grow_comp.crystal_id 
_exptl_crystal_grow_comp.id 
_exptl_crystal_grow_comp.sol_id 
_exptl_crystal_grow_comp.name 
_exptl_crystal_grow_comp.volume 
_exptl_crystal_grow_comp.conc 
_exptl_crystal_grow_comp.details 
1 1 1 'PEG 3000'         ? ? ? 
1 2 1 'Cobalt hexammine' ? ? ? 
1 3 1 'Ammonium acetate' ? ? ? 
1 4 1 K-HEPES            ? ? ? 
1 5 2 'PEG 3000'         ? ? ? 
1 6 2 'Cobalt hexammine' ? ? ? 
1 7 2 'Ammonium acetate' ? ? ? 
1 8 2 K-HEPES            ? ? ? 
# 
_diffrn.id                     1 
_diffrn.ambient_temp           100 
_diffrn.ambient_temp_details   ? 
_diffrn.crystal_id             1 
# 
_diffrn_detector.diffrn_id              1 
_diffrn_detector.detector               'IMAGE PLATE' 
_diffrn_detector.type                   'RIGAKU RAXIS IV' 
_diffrn_detector.pdbx_collection_date   2008-11-17 
_diffrn_detector.details                ? 
# 
_diffrn_radiation.diffrn_id                        1 
_diffrn_radiation.wavelength_id                    1 
_diffrn_radiation.pdbx_monochromatic_or_laue_m_l   M 
_diffrn_radiation.monochromator                    'Nickel Filter' 
_diffrn_radiation.pdbx_diffrn_protocol             'SINGLE WAVELENGTH' 
_diffrn_radiation.pdbx_scattering_type             x-ray 
# 
_diffrn_radiation_wavelength.id           1 
_diffrn_radiation_wavelength.wavelength   1.5418 
_diffrn_radiation_wavelength.wt           1.0 
# 
_diffrn_source.diffrn_id                   1 
_diffrn_source.source                      'ROTATING ANODE' 
_diffrn_source.type                        RIGAKU 
_diffrn_source.pdbx_synchrotron_site       ? 
_diffrn_source.pdbx_synchrotron_beamline   ? 
_diffrn_source.pdbx_wavelength             ? 
_diffrn_source.pdbx_wavelength_list        1.5418 
# 
_reflns.entry_id                     3G4M 
_reflns.observed_criterion_sigma_I   3 
_reflns.observed_criterion_sigma_F   0 
_reflns.d_resolution_low             19.92 
_reflns.d_resolution_high            2.4 
_reflns.number_obs                   13481 
_reflns.number_all                   ? 
_reflns.percent_possible_obs         94.2 
_reflns.pdbx_Rmerge_I_obs            ? 
_reflns.pdbx_Rsym_value              0.08 
_reflns.pdbx_netI_over_sigmaI        8.1 
_reflns.B_iso_Wilson_estimate        ? 
_reflns.pdbx_redundancy              1.83 
_reflns.R_free_details               ? 
_reflns.limit_h_max                  ? 
_reflns.limit_h_min                  ? 
_reflns.limit_k_max                  ? 
_reflns.limit_k_min                  ? 
_reflns.limit_l_max                  ? 
_reflns.limit_l_min                  ? 
_reflns.observed_criterion_F_max     ? 
_reflns.observed_criterion_F_min     ? 
_reflns.pdbx_chi_squared             ? 
_reflns.pdbx_scaling_rejects         ? 
_reflns.pdbx_diffrn_id               1 
_reflns.pdbx_ordinal                 1 
# 
_reflns_shell.d_res_high             2.4 
_reflns_shell.d_res_low              2.49 
_reflns_shell.percent_possible_all   86.0 
_reflns_shell.Rmerge_I_obs           ? 
_reflns_shell.pdbx_Rsym_value        0.284 
_reflns_shell.meanI_over_sigI_obs    3.0 
_reflns_shell.pdbx_redundancy        1.64 
_reflns_shell.percent_possible_obs   ? 
_reflns_shell.number_unique_all      ? 
_reflns_shell.number_measured_all    ? 
_reflns_shell.number_measured_obs    ? 
_reflns_shell.number_unique_obs      ? 
_reflns_shell.pdbx_chi_squared       ? 
_reflns_shell.pdbx_diffrn_id         ? 
_reflns_shell.pdbx_ordinal           1 
# 
_refine.entry_id                                 3G4M 
_refine.ls_number_reflns_obs                     13374 
_refine.ls_number_reflns_all                     ? 
_refine.pdbx_ls_sigma_I                          ? 
_refine.pdbx_ls_sigma_F                          0.0 
_refine.pdbx_data_cutoff_high_absF               320880.12 
_refine.pdbx_data_cutoff_low_absF                0.000000 
_refine.pdbx_data_cutoff_high_rms_absF           ? 
_refine.ls_d_res_low                             19.92 
_refine.ls_d_res_high                            2.40 
_refine.ls_percent_reflns_obs                    93.4 
_refine.ls_R_factor_obs                          0.229 
_refine.ls_R_factor_all                          ? 
_refine.ls_R_factor_R_work                       0.229 
_refine.ls_R_factor_R_free                       0.278 
_refine.ls_R_factor_R_free_error                 0.008 
_refine.ls_R_factor_R_free_error_details         ? 
_refine.ls_percent_reflns_R_free                 9.7 
_refine.ls_number_reflns_R_free                  1296 
_refine.ls_number_parameters                     ? 
_refine.ls_number_restraints                     ? 
_refine.occupancy_min                            ? 
_refine.occupancy_max                            ? 
_refine.correlation_coeff_Fo_to_Fc               ? 
_refine.correlation_coeff_Fo_to_Fc_free          ? 
_refine.B_iso_mean                               40.1 
_refine.aniso_B[1][1]                            6.97 
_refine.aniso_B[2][2]                            -11.53 
_refine.aniso_B[3][3]                            4.57 
_refine.aniso_B[1][2]                            0.00 
_refine.aniso_B[1][3]                            8.80 
_refine.aniso_B[2][3]                            0.00 
_refine.solvent_model_details                    'FLAT MODEL' 
_refine.solvent_model_param_ksol                 0.35 
_refine.solvent_model_param_bsol                 26.0612 
_refine.pdbx_solvent_vdw_probe_radii             ? 
_refine.pdbx_solvent_ion_probe_radii             ? 
_refine.pdbx_solvent_shrinkage_radii             ? 
_refine.pdbx_ls_cross_valid_method               THROUGHOUT 
_refine.details                                  'BULK SOLVENT MODEL USED' 
_refine.pdbx_starting_model                      1U8D 
_refine.pdbx_method_to_determine_struct          'MOLECULAR REPLACEMENT' 
_refine.pdbx_isotropic_thermal_model             RESTRAINED 
_refine.pdbx_stereochemistry_target_values       'Engh & Huber' 
_refine.pdbx_stereochem_target_val_spec_case     ? 
_refine.pdbx_R_Free_selection_details            RANDOM 
_refine.pdbx_overall_ESU_R                       ? 
_refine.pdbx_overall_ESU_R_Free                  ? 
_refine.overall_SU_ML                            ? 
_refine.overall_SU_B                             ? 
_refine.ls_redundancy_reflns_obs                 ? 
_refine.B_iso_min                                ? 
_refine.B_iso_max                                ? 
_refine.overall_SU_R_Cruickshank_DPI             ? 
_refine.overall_SU_R_free                        ? 
_refine.ls_wR_factor_R_free                      ? 
_refine.ls_wR_factor_R_work                      ? 
_refine.overall_FOM_free_R_set                   ? 
_refine.overall_FOM_work_R_set                   ? 
_refine.pdbx_overall_phase_error                 ? 
_refine.pdbx_refine_id                           'X-RAY DIFFRACTION' 
_refine.pdbx_diffrn_id                           1 
_refine.pdbx_TLS_residual_ADP_flag               ? 
_refine.pdbx_overall_SU_R_free_Cruickshank_DPI   ? 
_refine.pdbx_overall_SU_R_Blow_DPI               ? 
_refine.pdbx_overall_SU_R_free_Blow_DPI          ? 
# 
_refine_analyze.entry_id                        3G4M 
_refine_analyze.Luzzati_coordinate_error_obs    0.35 
_refine_analyze.Luzzati_sigma_a_obs             0.60 
_refine_analyze.Luzzati_d_res_low_obs           5.00 
_refine_analyze.Luzzati_coordinate_error_free   0.43 
_refine_analyze.Luzzati_sigma_a_free            0.71 
_refine_analyze.Luzzati_d_res_low_free          ? 
_refine_analyze.number_disordered_residues      ? 
_refine_analyze.occupancy_sum_hydrogen          ? 
_refine_analyze.occupancy_sum_non_hydrogen      ? 
_refine_analyze.pdbx_Luzzati_d_res_high_obs     ? 
_refine_analyze.pdbx_refine_id                  'X-RAY DIFFRACTION' 
# 
_refine_hist.pdbx_refine_id                   'X-RAY DIFFRACTION' 
_refine_hist.cycle_id                         LAST 
_refine_hist.pdbx_number_atoms_protein        0 
_refine_hist.pdbx_number_atoms_nucleic_acid   1422 
_refine_hist.pdbx_number_atoms_ligand         91 
_refine_hist.number_atoms_solvent             64 
_refine_hist.number_atoms_total               1577 
_refine_hist.d_res_high                       2.40 
_refine_hist.d_res_low                        19.92 
# 
loop_
_refine_ls_restr.type 
_refine_ls_restr.dev_ideal 
_refine_ls_restr.dev_ideal_target 
_refine_ls_restr.weight 
_refine_ls_restr.number 
_refine_ls_restr.pdbx_refine_id 
_refine_ls_restr.pdbx_restraint_function 
c_bond_d                0.003 ? ? ? 'X-RAY DIFFRACTION' ? 
c_bond_d_na             ?     ? ? ? 'X-RAY DIFFRACTION' ? 
c_bond_d_prot           ?     ? ? ? 'X-RAY DIFFRACTION' ? 
c_angle_d               ?     ? ? ? 'X-RAY DIFFRACTION' ? 
c_angle_d_na            ?     ? ? ? 'X-RAY DIFFRACTION' ? 
c_angle_d_prot          ?     ? ? ? 'X-RAY DIFFRACTION' ? 
c_angle_deg             0.6   ? ? ? 'X-RAY DIFFRACTION' ? 
c_angle_deg_na          ?     ? ? ? 'X-RAY DIFFRACTION' ? 
c_angle_deg_prot        ?     ? ? ? 'X-RAY DIFFRACTION' ? 
c_dihedral_angle_d      20.6  ? ? ? 'X-RAY DIFFRACTION' ? 
c_dihedral_angle_d_na   ?     ? ? ? 'X-RAY DIFFRACTION' ? 
c_dihedral_angle_d_prot ?     ? ? ? 'X-RAY DIFFRACTION' ? 
c_improper_angle_d      1.20  ? ? ? 'X-RAY DIFFRACTION' ? 
c_improper_angle_d_na   ?     ? ? ? 'X-RAY DIFFRACTION' ? 
c_improper_angle_d_prot ?     ? ? ? 'X-RAY DIFFRACTION' ? 
c_mcbond_it             ?     ? ? ? 'X-RAY DIFFRACTION' ? 
c_mcangle_it            ?     ? ? ? 'X-RAY DIFFRACTION' ? 
c_scbond_it             ?     ? ? ? 'X-RAY DIFFRACTION' ? 
c_scangle_it            ?     ? ? ? 'X-RAY DIFFRACTION' ? 
# 
_refine_ls_shell.pdbx_total_number_of_bins_used   6 
_refine_ls_shell.d_res_high                       2.40 
_refine_ls_shell.d_res_low                        2.55 
_refine_ls_shell.number_reflns_R_work             1876 
_refine_ls_shell.R_factor_R_work                  0.382 
_refine_ls_shell.percent_reflns_obs               86.5 
_refine_ls_shell.R_factor_R_free                  0.407 
_refine_ls_shell.R_factor_R_free_error            0.030 
_refine_ls_shell.percent_reflns_R_free            9.1 
_refine_ls_shell.number_reflns_R_free             188 
_refine_ls_shell.number_reflns_all                ? 
_refine_ls_shell.R_factor_all                     ? 
_refine_ls_shell.number_reflns_obs                ? 
_refine_ls_shell.redundancy_reflns_obs            ? 
_refine_ls_shell.pdbx_refine_id                   'X-RAY DIFFRACTION' 
# 
loop_
_pdbx_xplor_file.serial_no 
_pdbx_xplor_file.param_file 
_pdbx_xplor_file.topol_file 
_pdbx_xplor_file.pdbx_refine_id 
1 protein_rep.param        protein.top   'X-RAY DIFFRACTION' 
2 dna-rna_rep_revise.param dna-rna.top   'X-RAY DIFFRACTION' 
3 water_rep.param          water.top     'X-RAY DIFFRACTION' 
4 cohex_rep.param          cohex_rep.top 'X-RAY DIFFRACTION' 
5 hpa5.param               hpa5.top      'X-RAY DIFFRACTION' 
# 
_struct.entry_id                  3G4M 
_struct.title                     'Crystal structure of guanine riboswitch bound to 2-aminopurine' 
_struct.pdbx_model_details        ? 
_struct.pdbx_CASP_flag            ? 
_struct.pdbx_model_type_details   ? 
# 
_struct_keywords.entry_id        3G4M 
_struct_keywords.pdbx_keywords   RNA 
_struct_keywords.text            
'riboswitch, mRNA, 2-aminopurine, guanine, three-way junction, RNA-ligand complex, double helix, base-triple., RNA' 
# 
loop_
_struct_asym.id 
_struct_asym.pdbx_blank_PDB_chainid_flag 
_struct_asym.pdbx_modified 
_struct_asym.entity_id 
_struct_asym.details 
A N N 1 ? 
B N N 2 ? 
C N N 3 ? 
D N N 4 ? 
E N N 4 ? 
F N N 4 ? 
G N N 4 ? 
H N N 4 ? 
I N N 4 ? 
J N N 4 ? 
K N N 4 ? 
L N N 4 ? 
M N N 4 ? 
N N N 4 ? 
O N N 5 ? 
# 
_struct_biol.id        1 
_struct_biol.details   ? 
# 
loop_
_struct_conn.id 
_struct_conn.conn_type_id 
_struct_conn.pdbx_leaving_atom_flag 
_struct_conn.pdbx_PDB_id 
_struct_conn.ptnr1_label_asym_id 
_struct_conn.ptnr1_label_comp_id 
_struct_conn.ptnr1_label_seq_id 
_struct_conn.ptnr1_label_atom_id 
_struct_conn.pdbx_ptnr1_label_alt_id 
_struct_conn.pdbx_ptnr1_PDB_ins_code 
_struct_conn.pdbx_ptnr1_standard_comp_id 
_struct_conn.ptnr1_symmetry 
_struct_conn.ptnr2_label_asym_id 
_struct_conn.ptnr2_label_comp_id 
_struct_conn.ptnr2_label_seq_id 
_struct_conn.ptnr2_label_atom_id 
_struct_conn.pdbx_ptnr2_label_alt_id 
_struct_conn.pdbx_ptnr2_PDB_ins_code 
_struct_conn.ptnr1_auth_asym_id 
_struct_conn.ptnr1_auth_comp_id 
_struct_conn.ptnr1_auth_seq_id 
_struct_conn.ptnr2_auth_asym_id 
_struct_conn.ptnr2_auth_comp_id 
_struct_conn.ptnr2_auth_seq_id 
_struct_conn.ptnr2_symmetry 
_struct_conn.pdbx_ptnr3_label_atom_id 
_struct_conn.pdbx_ptnr3_label_seq_id 
_struct_conn.pdbx_ptnr3_label_comp_id 
_struct_conn.pdbx_ptnr3_label_asym_id 
_struct_conn.pdbx_ptnr3_label_alt_id 
_struct_conn.pdbx_ptnr3_PDB_ins_code 
_struct_conn.details 
_struct_conn.pdbx_dist_value 
_struct_conn.pdbx_value_order 
_struct_conn.pdbx_role 
hydrog1  hydrog ? ? A G 2  N1 ? ? ? 1_555 A C 66 N3 ? ? A G 16 A C 80 1_555 ? ? ? ? ? ? WATSON-CRICK         ? ? ? 
hydrog2  hydrog ? ? A G 2  N2 ? ? ? 1_555 A C 66 O2 ? ? A G 16 A C 80 1_555 ? ? ? ? ? ? WATSON-CRICK         ? ? ? 
hydrog3  hydrog ? ? A G 2  O6 ? ? ? 1_555 A C 66 N4 ? ? A G 16 A C 80 1_555 ? ? ? ? ? ? WATSON-CRICK         ? ? ? 
hydrog4  hydrog ? ? A A 3  N1 ? ? ? 1_555 A U 65 N3 ? ? A A 17 A U 79 1_555 ? ? ? ? ? ? WATSON-CRICK         ? ? ? 
hydrog5  hydrog ? ? A A 3  N6 ? ? ? 1_555 A U 65 O4 ? ? A A 17 A U 79 1_555 ? ? ? ? ? ? WATSON-CRICK         ? ? ? 
hydrog6  hydrog ? ? A C 4  N3 ? ? ? 1_555 A G 64 N1 ? ? A C 18 A G 78 1_555 ? ? ? ? ? ? WATSON-CRICK         ? ? ? 
hydrog7  hydrog ? ? A C 4  N4 ? ? ? 1_555 A G 64 O6 ? ? A C 18 A G 78 1_555 ? ? ? ? ? ? WATSON-CRICK         ? ? ? 
hydrog8  hydrog ? ? A C 4  O2 ? ? ? 1_555 A G 64 N2 ? ? A C 18 A G 78 1_555 ? ? ? ? ? ? WATSON-CRICK         ? ? ? 
hydrog9  hydrog ? ? A A 5  N1 ? ? ? 1_555 A U 63 N3 ? ? A A 19 A U 77 1_555 ? ? ? ? ? ? WATSON-CRICK         ? ? ? 
hydrog10 hydrog ? ? A A 5  N6 ? ? ? 1_555 A U 63 O4 ? ? A A 19 A U 77 1_555 ? ? ? ? ? ? WATSON-CRICK         ? ? ? 
hydrog11 hydrog ? ? A U 6  N3 ? ? ? 1_555 A A 62 N1 ? ? A U 20 A A 76 1_555 ? ? ? ? ? ? WATSON-CRICK         ? ? ? 
hydrog12 hydrog ? ? A U 6  O4 ? ? ? 1_555 A A 62 N6 ? ? A U 20 A A 76 1_555 ? ? ? ? ? ? WATSON-CRICK         ? ? ? 
hydrog13 hydrog ? ? A A 7  N1 ? ? ? 1_555 A U 61 N3 ? ? A A 21 A U 75 1_555 ? ? ? ? ? ? WATSON-CRICK         ? ? ? 
hydrog14 hydrog ? ? A A 7  N6 ? ? ? 1_555 A U 61 O4 ? ? A A 21 A U 75 1_555 ? ? ? ? ? ? WATSON-CRICK         ? ? ? 
hydrog15 hydrog ? ? A U 8  N3 ? ? ? 1_555 A A 38 N1 ? ? A U 22 A A 52 1_555 ? ? ? ? ? ? WATSON-CRICK         ? ? ? 
hydrog16 hydrog ? ? A U 8  O4 ? ? ? 1_555 A A 38 N6 ? ? A U 22 A A 52 1_555 ? ? ? ? ? ? WATSON-CRICK         ? ? ? 
hydrog17 hydrog ? ? A A 9  N1 ? ? ? 1_555 A G 32 N2 ? ? A A 23 A G 46 1_555 ? ? ? ? ? ? TYPE_10_PAIR         ? ? ? 
hydrog18 hydrog ? ? A A 9  N6 ? ? ? 1_555 A G 32 N3 ? ? A A 23 A G 46 1_555 ? ? ? ? ? ? TYPE_10_PAIR         ? ? ? 
hydrog19 hydrog ? ? A U 11 N3 ? ? ? 1_555 A A 31 N1 ? ? A U 25 A A 45 1_555 ? ? ? ? ? ? WATSON-CRICK         ? ? ? 
hydrog20 hydrog ? ? A U 11 O4 ? ? ? 1_555 A A 31 N6 ? ? A U 25 A A 45 1_555 ? ? ? ? ? ? WATSON-CRICK         ? ? ? 
hydrog21 hydrog ? ? A C 12 N4 ? ? ? 1_555 A A 30 N1 ? ? A C 26 A A 44 1_555 ? ? ? ? ? ? 'C-A MISPAIR'        ? ? ? 
hydrog22 hydrog ? ? A G 13 N1 ? ? ? 1_555 A C 29 N3 ? ? A G 27 A C 43 1_555 ? ? ? ? ? ? WATSON-CRICK         ? ? ? 
hydrog23 hydrog ? ? A G 13 N2 ? ? ? 1_555 A C 29 O2 ? ? A G 27 A C 43 1_555 ? ? ? ? ? ? WATSON-CRICK         ? ? ? 
hydrog24 hydrog ? ? A G 13 O6 ? ? ? 1_555 A C 29 N4 ? ? A G 27 A C 43 1_555 ? ? ? ? ? ? WATSON-CRICK         ? ? ? 
hydrog25 hydrog ? ? A C 14 N3 ? ? ? 1_555 A G 28 N1 ? ? A C 28 A G 42 1_555 ? ? ? ? ? ? WATSON-CRICK         ? ? ? 
hydrog26 hydrog ? ? A C 14 N4 ? ? ? 1_555 A G 28 O6 ? ? A C 28 A G 42 1_555 ? ? ? ? ? ? WATSON-CRICK         ? ? ? 
hydrog27 hydrog ? ? A C 14 O2 ? ? ? 1_555 A G 28 N2 ? ? A C 28 A G 42 1_555 ? ? ? ? ? ? WATSON-CRICK         ? ? ? 
hydrog28 hydrog ? ? A G 15 N1 ? ? ? 1_555 A C 27 N3 ? ? A G 29 A C 41 1_555 ? ? ? ? ? ? WATSON-CRICK         ? ? ? 
hydrog29 hydrog ? ? A G 15 N2 ? ? ? 1_555 A C 27 O2 ? ? A G 29 A C 41 1_555 ? ? ? ? ? ? WATSON-CRICK         ? ? ? 
hydrog30 hydrog ? ? A G 15 O6 ? ? ? 1_555 A C 27 N4 ? ? A G 29 A C 41 1_555 ? ? ? ? ? ? WATSON-CRICK         ? ? ? 
hydrog31 hydrog ? ? A U 16 N3 ? ? ? 1_555 A A 26 N1 ? ? A U 30 A A 40 1_555 ? ? ? ? ? ? WATSON-CRICK         ? ? ? 
hydrog32 hydrog ? ? A U 16 O4 ? ? ? 1_555 A A 26 N6 ? ? A U 30 A A 40 1_555 ? ? ? ? ? ? WATSON-CRICK         ? ? ? 
hydrog33 hydrog ? ? A G 17 N1 ? ? ? 1_555 A C 25 N3 ? ? A G 31 A C 39 1_555 ? ? ? ? ? ? WATSON-CRICK         ? ? ? 
hydrog34 hydrog ? ? A G 17 N2 ? ? ? 1_555 A C 25 O2 ? ? A G 31 A C 39 1_555 ? ? ? ? ? ? WATSON-CRICK         ? ? ? 
hydrog35 hydrog ? ? A G 17 O6 ? ? ? 1_555 A C 25 N4 ? ? A G 31 A C 39 1_555 ? ? ? ? ? ? WATSON-CRICK         ? ? ? 
hydrog36 hydrog ? ? A A 19 N1 ? ? ? 1_555 A A 52 N6 ? ? A A 33 A A 66 1_555 ? ? ? ? ? ? TYPE_5_PAIR          ? ? ? 
hydrog37 hydrog ? ? A A 19 N6 ? ? ? 1_555 A A 52 N7 ? ? A A 33 A A 66 1_555 ? ? ? ? ? ? TYPE_5_PAIR          ? ? ? 
hydrog38 hydrog ? ? A U 20 O2 ? ? ? 1_555 A G 23 N2 ? ? A U 34 A G 37 1_555 ? ? ? ? ? ? 'U-G MISPAIR'        ? ? ? 
hydrog39 hydrog ? ? A U 20 N3 ? ? ? 1_555 A A 51 N7 ? ? A U 34 A A 65 1_555 ? ? ? ? ? ? 'REVERSED HOOGSTEEN' ? ? ? 
hydrog40 hydrog ? ? A U 20 O2 ? ? ? 1_555 A A 51 N6 ? ? A U 34 A A 65 1_555 ? ? ? ? ? ? 'REVERSED HOOGSTEEN' ? ? ? 
hydrog41 hydrog ? ? A A 21 N6 ? ? ? 1_555 A A 50 N1 ? ? A A 35 A A 64 1_555 ? ? ? ? ? ? TYPE_5_PAIR          ? ? ? 
hydrog42 hydrog ? ? A A 21 N7 ? ? ? 1_555 A A 50 N6 ? ? A A 35 A A 64 1_555 ? ? ? ? ? ? TYPE_5_PAIR          ? ? ? 
hydrog43 hydrog ? ? A G 23 N1 ? ? ? 1_555 A C 47 N3 ? ? A G 37 A C 61 1_555 ? ? ? ? ? ? WATSON-CRICK         ? ? ? 
hydrog44 hydrog ? ? A G 23 N2 ? ? ? 1_555 A C 47 O2 ? ? A G 37 A C 61 1_555 ? ? ? ? ? ? WATSON-CRICK         ? ? ? 
hydrog45 hydrog ? ? A G 23 O6 ? ? ? 1_555 A C 47 N4 ? ? A G 37 A C 61 1_555 ? ? ? ? ? ? WATSON-CRICK         ? ? ? 
hydrog46 hydrog ? ? A G 24 N1 ? ? ? 1_555 A C 46 N3 ? ? A G 38 A C 60 1_555 ? ? ? ? ? ? WATSON-CRICK         ? ? ? 
hydrog47 hydrog ? ? A G 24 N2 ? ? ? 1_555 A C 46 O2 ? ? A G 38 A C 60 1_555 ? ? ? ? ? ? WATSON-CRICK         ? ? ? 
hydrog48 hydrog ? ? A G 24 O6 ? ? ? 1_555 A C 46 N4 ? ? A G 38 A C 60 1_555 ? ? ? ? ? ? WATSON-CRICK         ? ? ? 
hydrog49 hydrog ? ? A G 24 N2 ? ? ? 1_555 A A 52 N1 ? ? A G 38 A A 66 1_555 ? ? ? ? ? ? TYPE_10_PAIR         ? ? ? 
hydrog50 hydrog ? ? A G 24 N3 ? ? ? 1_555 A A 52 N6 ? ? A G 38 A A 66 1_555 ? ? ? ? ? ? TYPE_10_PAIR         ? ? ? 
hydrog51 hydrog ? ? A G 32 N1 ? ? ? 1_555 A C 39 N3 ? ? A G 46 A C 53 1_555 ? ? ? ? ? ? WATSON-CRICK         ? ? ? 
hydrog52 hydrog ? ? A G 32 N2 ? ? ? 1_555 A C 39 O2 ? ? A G 46 A C 53 1_555 ? ? ? ? ? ? WATSON-CRICK         ? ? ? 
hydrog53 hydrog ? ? A G 32 O6 ? ? ? 1_555 A C 39 N4 ? ? A G 46 A C 53 1_555 ? ? ? ? ? ? WATSON-CRICK         ? ? ? 
hydrog54 hydrog ? ? A U 33 N3 ? ? ? 1_555 A U 37 O4 ? ? A U 47 A U 51 1_555 ? ? ? ? ? ? 'U-U MISPAIR'        ? ? ? 
hydrog55 hydrog ? ? A U 35 N3 ? ? ? 1_555 A A 62 N3 ? ? A U 49 A A 76 1_555 ? ? ? ? ? ? 'U-A PAIR'           ? ? ? 
hydrog56 hydrog ? ? A C 36 N4 ? ? ? 1_555 A U 61 O2 ? ? A C 50 A U 75 1_555 ? ? ? ? ? ? 'C-U MISPAIR'        ? ? ? 
hydrog57 hydrog ? ? A C 40 N3 ? ? ? 1_555 A G 58 N1 ? ? A C 54 A G 72 1_555 ? ? ? ? ? ? WATSON-CRICK         ? ? ? 
hydrog58 hydrog ? ? A C 40 N4 ? ? ? 1_555 A G 58 O6 ? ? A C 54 A G 72 1_555 ? ? ? ? ? ? WATSON-CRICK         ? ? ? 
hydrog59 hydrog ? ? A C 40 O2 ? ? ? 1_555 A G 58 N2 ? ? A C 54 A G 72 1_555 ? ? ? ? ? ? WATSON-CRICK         ? ? ? 
hydrog60 hydrog ? ? A G 41 N1 ? ? ? 1_555 A C 57 N3 ? ? A G 55 A C 71 1_555 ? ? ? ? ? ? WATSON-CRICK         ? ? ? 
hydrog61 hydrog ? ? A G 41 N2 ? ? ? 1_555 A C 57 O2 ? ? A G 55 A C 71 1_555 ? ? ? ? ? ? WATSON-CRICK         ? ? ? 
hydrog62 hydrog ? ? A G 41 O6 ? ? ? 1_555 A C 57 N4 ? ? A G 55 A C 71 1_555 ? ? ? ? ? ? WATSON-CRICK         ? ? ? 
hydrog63 hydrog ? ? A G 42 N1 ? ? ? 1_555 A C 56 N3 ? ? A G 56 A C 70 1_555 ? ? ? ? ? ? WATSON-CRICK         ? ? ? 
hydrog64 hydrog ? ? A G 42 N2 ? ? ? 1_555 A C 56 O2 ? ? A G 56 A C 70 1_555 ? ? ? ? ? ? WATSON-CRICK         ? ? ? 
hydrog65 hydrog ? ? A G 42 O6 ? ? ? 1_555 A C 56 N4 ? ? A G 56 A C 70 1_555 ? ? ? ? ? ? WATSON-CRICK         ? ? ? 
hydrog66 hydrog ? ? A G 43 N1 ? ? ? 1_555 A U 55 O2 ? ? A G 57 A U 69 1_555 ? ? ? ? ? ? TYPE_28_PAIR         ? ? ? 
hydrog67 hydrog ? ? A G 43 O6 ? ? ? 1_555 A U 55 N3 ? ? A G 57 A U 69 1_555 ? ? ? ? ? ? TYPE_28_PAIR         ? ? ? 
hydrog68 hydrog ? ? A C 44 N3 ? ? ? 1_555 A G 54 N1 ? ? A C 58 A G 68 1_555 ? ? ? ? ? ? WATSON-CRICK         ? ? ? 
hydrog69 hydrog ? ? A C 44 N4 ? ? ? 1_555 A G 54 O6 ? ? A C 58 A G 68 1_555 ? ? ? ? ? ? WATSON-CRICK         ? ? ? 
hydrog70 hydrog ? ? A C 44 O2 ? ? ? 1_555 A G 54 N2 ? ? A C 58 A G 68 1_555 ? ? ? ? ? ? WATSON-CRICK         ? ? ? 
hydrog71 hydrog ? ? A A 45 N1 ? ? ? 1_555 A U 53 N3 ? ? A A 59 A U 67 1_555 ? ? ? ? ? ? WATSON-CRICK         ? ? ? 
hydrog72 hydrog ? ? A A 45 N6 ? ? ? 1_555 A U 53 O4 ? ? A A 59 A U 67 1_555 ? ? ? ? ? ? WATSON-CRICK         ? ? ? 
hydrog73 hydrog ? ? A C 47 O2 ? ? ? 1_555 A A 51 N6 ? ? A C 61 A A 65 1_555 ? ? ? ? ? ? 'C-A MISPAIR'        ? ? ? 
hydrog74 hydrog ? ? A G 48 N2 ? ? ? 1_555 A U 49 O4 ? ? A G 62 A U 63 1_555 ? ? ? ? ? ? 'G-U MISPAIR'        ? ? ? 
# 
_struct_conn_type.id          hydrog 
_struct_conn_type.criteria    ? 
_struct_conn_type.reference   ? 
# 
loop_
_struct_site.id 
_struct_site.pdbx_evidence_code 
_struct_site.pdbx_auth_asym_id 
_struct_site.pdbx_auth_comp_id 
_struct_site.pdbx_auth_seq_id 
_struct_site.pdbx_auth_ins_code 
_struct_site.pdbx_num_residues 
_struct_site.details 
AC1 Software A 2BP 91  ? 8 'BINDING SITE FOR RESIDUE 2BP A 91'  
AC2 Software A ACT 96  ? 6 'BINDING SITE FOR RESIDUE ACT A 96'  
AC3 Software A NCO 101 ? 6 'BINDING SITE FOR RESIDUE NCO A 101' 
AC4 Software A NCO 102 ? 7 'BINDING SITE FOR RESIDUE NCO A 102' 
AC5 Software A NCO 103 ? 9 'BINDING SITE FOR RESIDUE NCO A 103' 
AC6 Software A NCO 104 ? 7 'BINDING SITE FOR RESIDUE NCO A 104' 
AC7 Software A NCO 105 ? 3 'BINDING SITE FOR RESIDUE NCO A 105' 
AC8 Software A NCO 107 ? 5 'BINDING SITE FOR RESIDUE NCO A 107' 
AC9 Software A NCO 108 ? 5 'BINDING SITE FOR RESIDUE NCO A 108' 
BC1 Software A NCO 109 ? 4 'BINDING SITE FOR RESIDUE NCO A 109' 
BC2 Software A NCO 110 ? 4 'BINDING SITE FOR RESIDUE NCO A 110' 
BC3 Software A NCO 111 ? 5 'BINDING SITE FOR RESIDUE NCO A 111' 
BC4 Software A NCO 112 ? 7 'BINDING SITE FOR RESIDUE NCO A 112' 
# 
loop_
_struct_site_gen.id 
_struct_site_gen.site_id 
_struct_site_gen.pdbx_num_res 
_struct_site_gen.label_comp_id 
_struct_site_gen.label_asym_id 
_struct_site_gen.label_seq_id 
_struct_site_gen.pdbx_auth_ins_code 
_struct_site_gen.auth_comp_id 
_struct_site_gen.auth_asym_id 
_struct_site_gen.auth_seq_id 
_struct_site_gen.label_atom_id 
_struct_site_gen.label_alt_id 
_struct_site_gen.symmetry 
_struct_site_gen.details 
1  AC1 8 A   A 7  ? A   A 21  . ? 1_555 ? 
2  AC1 8 U   A 8  ? U   A 22  . ? 1_555 ? 
3  AC1 8 U   A 33 ? U   A 47  . ? 1_555 ? 
4  AC1 8 U   A 37 ? U   A 51  . ? 1_555 ? 
5  AC1 8 A   A 38 ? A   A 52  . ? 1_555 ? 
6  AC1 8 A   A 59 ? A   A 73  . ? 1_555 ? 
7  AC1 8 C   A 60 ? C   A 74  . ? 1_555 ? 
8  AC1 8 U   A 61 ? U   A 75  . ? 1_555 ? 
9  AC2 6 G   A 18 ? G   A 32  . ? 1_555 ? 
10 AC2 6 A   A 19 ? A   A 33  . ? 1_555 ? 
11 AC2 6 G   A 24 ? G   A 38  . ? 1_555 ? 
12 AC2 6 C   A 25 ? C   A 39  . ? 1_555 ? 
13 AC2 6 A   A 52 ? A   A 66  . ? 1_555 ? 
14 AC2 6 HOH O .  ? HOH A 523 . ? 1_555 ? 
15 AC3 6 G   A 15 ? G   A 29  . ? 4_645 ? 
16 AC3 6 U   A 16 ? U   A 30  . ? 4_645 ? 
17 AC3 6 A   A 52 ? A   A 66  . ? 1_555 ? 
18 AC3 6 U   A 53 ? U   A 67  . ? 1_555 ? 
19 AC3 6 HOH O .  ? HOH A 530 . ? 4_655 ? 
20 AC3 6 HOH O .  ? HOH A 542 . ? 1_555 ? 
21 AC4 7 G   A 24 ? G   A 38  . ? 1_555 ? 
22 AC4 7 C   A 25 ? C   A 39  . ? 1_555 ? 
23 AC4 7 G   A 42 ? G   A 56  . ? 1_555 ? 
24 AC4 7 G   A 43 ? G   A 57  . ? 4_656 ? 
25 AC4 7 C   A 44 ? C   A 58  . ? 4_656 ? 
26 AC4 7 HOH O .  ? HOH A 510 . ? 1_555 ? 
27 AC4 7 HOH O .  ? HOH A 554 . ? 1_555 ? 
28 AC5 9 C   A 25 ? C   A 39  . ? 1_555 ? 
29 AC5 9 G   A 41 ? G   A 55  . ? 1_555 ? 
30 AC5 9 G   A 42 ? G   A 56  . ? 1_555 ? 
31 AC5 9 G   A 43 ? G   A 57  . ? 1_555 ? 
32 AC5 9 G   A 54 ? G   A 68  . ? 1_555 ? 
33 AC5 9 U   A 55 ? U   A 69  . ? 1_555 ? 
34 AC5 9 HOH O .  ? HOH A 506 . ? 1_555 ? 
35 AC5 9 HOH O .  ? HOH A 508 . ? 1_555 ? 
36 AC5 9 HOH O .  ? HOH A 514 . ? 1_555 ? 
37 AC6 7 U   A 16 ? U   A 30  . ? 1_555 ? 
38 AC6 7 G   A 17 ? G   A 31  . ? 1_555 ? 
39 AC6 7 G   A 18 ? G   A 32  . ? 1_555 ? 
40 AC6 7 A   A 51 ? A   A 65  . ? 1_555 ? 
41 AC6 7 A   A 52 ? A   A 66  . ? 1_555 ? 
42 AC6 7 HOH O .  ? HOH A 501 . ? 1_555 ? 
43 AC6 7 HOH O .  ? HOH A 503 . ? 1_555 ? 
44 AC7 3 G   A 23 ? G   A 37  . ? 1_555 ? 
45 AC7 3 G   A 24 ? G   A 38  . ? 1_555 ? 
46 AC7 3 HOH O .  ? HOH A 539 . ? 1_555 ? 
47 AC8 5 C   A 27 ? C   A 41  . ? 1_555 ? 
48 AC8 5 G   A 28 ? G   A 42  . ? 1_555 ? 
49 AC8 5 C   A 39 ? C   A 53  . ? 1_555 ? 
50 AC8 5 C   A 40 ? C   A 54  . ? 1_555 ? 
51 AC8 5 HOH O .  ? HOH A 562 . ? 1_555 ? 
52 AC9 5 G   A 32 ? G   A 46  . ? 1_555 ? 
53 AC9 5 U   A 33 ? U   A 47  . ? 1_555 ? 
54 AC9 5 C   A 36 ? C   A 50  . ? 1_555 ? 
55 AC9 5 U   A 37 ? U   A 51  . ? 1_555 ? 
56 AC9 5 HOH O .  ? HOH A 553 . ? 1_555 ? 
57 BC1 4 A   A 10 ? A   A 24  . ? 1_555 ? 
58 BC1 4 C   A 57 ? C   A 71  . ? 1_555 ? 
59 BC1 4 HOH O .  ? HOH A 507 . ? 1_555 ? 
60 BC1 4 HOH O .  ? HOH A 522 . ? 1_555 ? 
61 BC2 4 A   A 7  ? A   A 21  . ? 1_555 ? 
62 BC2 4 U   A 8  ? U   A 22  . ? 1_555 ? 
63 BC2 4 G   A 64 ? G   A 78  . ? 2_655 ? 
64 BC2 4 HOH O .  ? HOH A 531 . ? 1_555 ? 
65 BC3 5 G   A 18 ? G   A 32  . ? 1_555 ? 
66 BC3 5 A   A 19 ? A   A 33  . ? 1_555 ? 
67 BC3 5 U   A 20 ? U   A 34  . ? 1_555 ? 
68 BC3 5 A   A 51 ? A   A 65  . ? 1_555 ? 
69 BC3 5 HOH O .  ? HOH A 543 . ? 1_555 ? 
70 BC4 7 C   A 4  ? C   A 18  . ? 1_555 ? 
71 BC4 7 U   A 22 ? U   A 36  . ? 4_646 ? 
72 BC4 7 G   A 28 ? G   A 42  . ? 1_545 ? 
73 BC4 7 C   A 29 ? C   A 43  . ? 1_545 ? 
74 BC4 7 G   A 58 ? G   A 72  . ? 1_555 ? 
75 BC4 7 A   A 59 ? A   A 73  . ? 1_555 ? 
76 BC4 7 HOH O .  ? HOH A 532 . ? 1_555 ? 
# 
_atom_sites.entry_id                    3G4M 
_atom_sites.fract_transf_matrix[1][1]   0.00644896 
_atom_sites.fract_transf_matrix[1][2]   -0.00400163 
_atom_sites.fract_transf_matrix[1][3]   0.00199988 
_atom_sites.fract_transf_matrix[2][1]   -0.00895920 
_atom_sites.fract_transf_matrix[2][2]   -0.00095676 
_atom_sites.fract_transf_matrix[2][3]   0.02697606 
_atom_sites.fract_transf_matrix[3][1]   -0.01084391 
_atom_sites.fract_transf_matrix[3][2]   -0.02059947 
_atom_sites.fract_transf_matrix[3][3]   -0.00433204 
_atom_sites.fract_transf_vector[1]      0.673316 
_atom_sites.fract_transf_vector[2]      0.323577 
_atom_sites.fract_transf_vector[3]      0.224656 
# 
loop_
_atom_type.symbol 
C  
CO 
N  
O  
P  
# 
loop_
_atom_site.group_PDB 
_atom_site.id 
_atom_site.type_symbol 
_atom_site.label_atom_id 
_atom_site.label_alt_id 
_atom_site.label_comp_id 
_atom_site.label_asym_id 
_atom_site.label_entity_id 
_atom_site.label_seq_id 
_atom_site.pdbx_PDB_ins_code 
_atom_site.Cartn_x 
_atom_site.Cartn_y 
_atom_site.Cartn_z 
_atom_site.occupancy 
_atom_site.B_iso_or_equiv 
_atom_site.pdbx_formal_charge 
_atom_site.auth_seq_id 
_atom_site.auth_comp_id 
_atom_site.auth_asym_id 
_atom_site.auth_atom_id 
_atom_site.pdbx_PDB_model_num 
ATOM   1    O  "O5'" . G   A 1 1  ? -18.737 -0.166  -14.106 1.00 98.98  ? 15  G   A "O5'" 1 
ATOM   2    C  "C5'" . G   A 1 1  ? -17.568 -0.009  -14.918 1.00 100.54 ? 15  G   A "C5'" 1 
ATOM   3    C  "C4'" . G   A 1 1  ? -17.678 -0.749  -16.231 1.00 101.19 ? 15  G   A "C4'" 1 
ATOM   4    O  "O4'" . G   A 1 1  ? -18.781 -0.197  -16.997 1.00 101.97 ? 15  G   A "O4'" 1 
ATOM   5    C  "C3'" . G   A 1 1  ? -16.480 -0.619  -17.161 1.00 101.28 ? 15  G   A "C3'" 1 
ATOM   6    O  "O3'" . G   A 1 1  ? -15.483 -1.587  -16.854 1.00 100.82 ? 15  G   A "O3'" 1 
ATOM   7    C  "C2'" . G   A 1 1  ? -17.100 -0.903  -18.524 1.00 101.20 ? 15  G   A "C2'" 1 
ATOM   8    O  "O2'" . G   A 1 1  ? -17.247 -2.284  -18.788 1.00 100.19 ? 15  G   A "O2'" 1 
ATOM   9    C  "C1'" . G   A 1 1  ? -18.472 -0.243  -18.381 1.00 101.44 ? 15  G   A "C1'" 1 
ATOM   10   N  N9    . G   A 1 1  ? -18.520 1.118   -18.911 1.00 101.29 ? 15  G   A N9    1 
ATOM   11   C  C8    . G   A 1 1  ? -18.957 2.247   -18.261 1.00 101.25 ? 15  G   A C8    1 
ATOM   12   N  N7    . G   A 1 1  ? -18.887 3.323   -18.998 1.00 101.08 ? 15  G   A N7    1 
ATOM   13   C  C5    . G   A 1 1  ? -18.369 2.878   -20.209 1.00 100.88 ? 15  G   A C5    1 
ATOM   14   C  C6    . G   A 1 1  ? -18.069 3.591   -21.402 1.00 100.79 ? 15  G   A C6    1 
ATOM   15   O  O6    . G   A 1 1  ? -18.204 4.799   -21.635 1.00 100.40 ? 15  G   A O6    1 
ATOM   16   N  N1    . G   A 1 1  ? -17.561 2.749   -22.386 1.00 100.69 ? 15  G   A N1    1 
ATOM   17   C  C2    . G   A 1 1  ? -17.364 1.397   -22.245 1.00 100.74 ? 15  G   A C2    1 
ATOM   18   N  N2    . G   A 1 1  ? -16.865 0.759   -23.313 1.00 100.01 ? 15  G   A N2    1 
ATOM   19   N  N3    . G   A 1 1  ? -17.639 0.721   -21.140 1.00 100.86 ? 15  G   A N3    1 
ATOM   20   C  C4    . G   A 1 1  ? -18.136 1.518   -20.170 1.00 100.98 ? 15  G   A C4    1 
ATOM   21   P  P     . G   A 1 2  ? -13.929 -1.224  -17.062 1.00 99.73  ? 16  G   A P     1 
ATOM   22   O  OP1   . G   A 1 2  ? -13.150 -2.491  -17.095 1.00 99.05  ? 16  G   A OP1   1 
ATOM   23   O  OP2   . G   A 1 2  ? -13.580 -0.171  -16.072 1.00 99.68  ? 16  G   A OP2   1 
ATOM   24   O  "O5'" . G   A 1 2  ? -13.870 -0.568  -18.512 1.00 98.03  ? 16  G   A "O5'" 1 
ATOM   25   C  "C5'" . G   A 1 2  ? -12.714 0.148   -18.940 1.00 95.14  ? 16  G   A "C5'" 1 
ATOM   26   C  "C4'" . G   A 1 2  ? -12.651 0.197   -20.449 1.00 92.59  ? 16  G   A "C4'" 1 
ATOM   27   O  "O4'" . G   A 1 2  ? -13.963 0.540   -20.970 1.00 91.72  ? 16  G   A "O4'" 1 
ATOM   28   C  "C3'" . G   A 1 2  ? -11.684 1.233   -21.011 1.00 91.00  ? 16  G   A "C3'" 1 
ATOM   29   O  "O3'" . G   A 1 2  ? -10.454 0.612   -21.360 1.00 89.62  ? 16  G   A "O3'" 1 
ATOM   30   C  "C2'" . G   A 1 2  ? -12.410 1.755   -22.245 1.00 90.22  ? 16  G   A "C2'" 1 
ATOM   31   O  "O2'" . G   A 1 2  ? -12.220 0.932   -23.378 1.00 88.88  ? 16  G   A "O2'" 1 
ATOM   32   C  "C1'" . G   A 1 2  ? -13.864 1.683   -21.791 1.00 90.59  ? 16  G   A "C1'" 1 
ATOM   33   N  N9    . G   A 1 2  ? -14.313 2.835   -21.015 1.00 90.67  ? 16  G   A N9    1 
ATOM   34   C  C8    . G   A 1 2  ? -14.751 2.827   -19.712 1.00 90.66  ? 16  G   A C8    1 
ATOM   35   N  N7    . G   A 1 2  ? -15.129 4.003   -19.291 1.00 90.68  ? 16  G   A N7    1 
ATOM   36   C  C5    . G   A 1 2  ? -14.923 4.840   -20.378 1.00 90.29  ? 16  G   A C5    1 
ATOM   37   C  C6    . G   A 1 2  ? -15.162 6.230   -20.523 1.00 90.10  ? 16  G   A C6    1 
ATOM   38   O  O6    . G   A 1 2  ? -15.628 7.022   -19.694 1.00 89.76  ? 16  G   A O6    1 
ATOM   39   N  N1    . G   A 1 2  ? -14.802 6.679   -21.790 1.00 89.63  ? 16  G   A N1    1 
ATOM   40   C  C2    . G   A 1 2  ? -14.283 5.896   -22.790 1.00 89.60  ? 16  G   A C2    1 
ATOM   41   N  N2    . G   A 1 2  ? -13.990 6.522   -23.938 1.00 89.48  ? 16  G   A N2    1 
ATOM   42   N  N3    . G   A 1 2  ? -14.065 4.596   -22.671 1.00 89.75  ? 16  G   A N3    1 
ATOM   43   C  C4    . G   A 1 2  ? -14.405 4.137   -21.447 1.00 90.36  ? 16  G   A C4    1 
ATOM   44   P  P     . A   A 1 3  ? -9.082  1.151   -20.718 1.00 88.94  ? 17  A   A P     1 
ATOM   45   O  OP1   . A   A 1 3  ? -7.957  0.360   -21.285 1.00 88.46  ? 17  A   A OP1   1 
ATOM   46   O  OP2   . A   A 1 3  ? -9.276  1.199   -19.244 1.00 87.59  ? 17  A   A OP2   1 
ATOM   47   O  "O5'" . A   A 1 3  ? -8.977  2.647   -21.258 1.00 85.50  ? 17  A   A "O5'" 1 
ATOM   48   C  "C5'" . A   A 1 3  ? -9.122  2.933   -22.648 1.00 80.18  ? 17  A   A "C5'" 1 
ATOM   49   C  "C4'" . A   A 1 3  ? -8.874  4.400   -22.913 1.00 76.70  ? 17  A   A "C4'" 1 
ATOM   50   O  "O4'" . A   A 1 3  ? -10.139 5.110   -22.955 1.00 75.45  ? 17  A   A "O4'" 1 
ATOM   51   C  "C3'" . A   A 1 3  ? -8.082  5.144   -21.851 1.00 75.10  ? 17  A   A "C3'" 1 
ATOM   52   O  "O3'" . A   A 1 3  ? -6.682  4.932   -22.018 1.00 72.20  ? 17  A   A "O3'" 1 
ATOM   53   C  "C2'" . A   A 1 3  ? -8.472  6.593   -22.127 1.00 74.74  ? 17  A   A "C2'" 1 
ATOM   54   O  "O2'" . A   A 1 3  ? -7.734  7.175   -23.183 1.00 74.45  ? 17  A   A "O2'" 1 
ATOM   55   C  "C1'" . A   A 1 3  ? -9.946  6.447   -22.521 1.00 73.77  ? 17  A   A "C1'" 1 
ATOM   56   N  N9    . A   A 1 3  ? -10.861 6.705   -21.409 1.00 72.21  ? 17  A   A N9    1 
ATOM   57   C  C8    . A   A 1 3  ? -11.230 5.844   -20.404 1.00 71.24  ? 17  A   A C8    1 
ATOM   58   N  N7    . A   A 1 3  ? -12.056 6.371   -19.534 1.00 70.43  ? 17  A   A N7    1 
ATOM   59   C  C5    . A   A 1 3  ? -12.249 7.665   -19.997 1.00 70.79  ? 17  A   A C5    1 
ATOM   60   C  C6    . A   A 1 3  ? -13.019 8.743   -19.513 1.00 70.05  ? 17  A   A C6    1 
ATOM   61   N  N6    . A   A 1 3  ? -13.764 8.684   -18.408 1.00 69.44  ? 17  A   A N6    1 
ATOM   62   N  N1    . A   A 1 3  ? -12.993 9.898   -20.212 1.00 69.78  ? 17  A   A N1    1 
ATOM   63   C  C2    . A   A 1 3  ? -12.243 9.959   -21.318 1.00 70.59  ? 17  A   A C2    1 
ATOM   64   N  N3    . A   A 1 3  ? -11.476 9.019   -21.871 1.00 71.78  ? 17  A   A N3    1 
ATOM   65   C  C4    . A   A 1 3  ? -11.523 7.884   -21.153 1.00 71.46  ? 17  A   A C4    1 
ATOM   66   P  P     . C   A 1 4  ? -5.679  5.232   -20.795 1.00 70.33  ? 18  C   A P     1 
ATOM   67   O  OP1   . C   A 1 4  ? -4.419  4.471   -21.005 1.00 69.92  ? 18  C   A OP1   1 
ATOM   68   O  OP2   . C   A 1 4  ? -6.439  5.058   -19.531 1.00 70.03  ? 18  C   A OP2   1 
ATOM   69   O  "O5'" . C   A 1 4  ? -5.357  6.781   -20.945 1.00 67.76  ? 18  C   A "O5'" 1 
ATOM   70   C  "C5'" . C   A 1 4  ? -5.613  7.678   -19.877 1.00 65.88  ? 18  C   A "C5'" 1 
ATOM   71   C  "C4'" . C   A 1 4  ? -5.884  9.055   -20.417 1.00 65.42  ? 18  C   A "C4'" 1 
ATOM   72   O  "O4'" . C   A 1 4  ? -7.247  9.111   -20.924 1.00 65.44  ? 18  C   A "O4'" 1 
ATOM   73   C  "C3'" . C   A 1 4  ? -5.813  10.165  -19.383 1.00 64.79  ? 18  C   A "C3'" 1 
ATOM   74   O  "O3'" . C   A 1 4  ? -4.480  10.622  -19.218 1.00 61.68  ? 18  C   A "O3'" 1 
ATOM   75   C  "C2'" . C   A 1 4  ? -6.740  11.208  -19.988 1.00 65.10  ? 18  C   A "C2'" 1 
ATOM   76   O  "O2'" . C   A 1 4  ? -6.157  11.911  -21.069 1.00 64.55  ? 18  C   A "O2'" 1 
ATOM   77   C  "C1'" . C   A 1 4  ? -7.870  10.310  -20.487 1.00 65.75  ? 18  C   A "C1'" 1 
ATOM   78   N  N1    . C   A 1 4  ? -8.820  9.964   -19.415 1.00 65.55  ? 18  C   A N1    1 
ATOM   79   C  C2    . C   A 1 4  ? -9.747  10.925  -19.001 1.00 65.72  ? 18  C   A C2    1 
ATOM   80   O  O2    . C   A 1 4  ? -9.747  12.036  -19.553 1.00 66.68  ? 18  C   A O2    1 
ATOM   81   N  N3    . C   A 1 4  ? -10.616 10.620  -18.010 1.00 65.43  ? 18  C   A N3    1 
ATOM   82   C  C4    . C   A 1 4  ? -10.581 9.413   -17.440 1.00 66.12  ? 18  C   A C4    1 
ATOM   83   N  N4    . C   A 1 4  ? -11.453 9.159   -16.461 1.00 66.12  ? 18  C   A N4    1 
ATOM   84   C  C5    . C   A 1 4  ? -9.648  8.413   -17.847 1.00 65.47  ? 18  C   A C5    1 
ATOM   85   C  C6    . C   A 1 4  ? -8.797  8.728   -18.829 1.00 64.80  ? 18  C   A C6    1 
ATOM   86   P  P     . A   A 1 5  ? -3.853  10.699  -17.742 1.00 59.93  ? 19  A   A P     1 
ATOM   87   O  OP1   . A   A 1 5  ? -2.392  10.935  -17.862 1.00 60.56  ? 19  A   A OP1   1 
ATOM   88   O  OP2   . A   A 1 5  ? -4.348  9.518   -16.987 1.00 58.58  ? 19  A   A OP2   1 
ATOM   89   O  "O5'" . A   A 1 5  ? -4.532  12.001  -17.125 1.00 58.01  ? 19  A   A "O5'" 1 
ATOM   90   C  "C5'" . A   A 1 5  ? -4.724  13.164  -17.926 1.00 54.00  ? 19  A   A "C5'" 1 
ATOM   91   C  "C4'" . A   A 1 5  ? -5.744  14.078  -17.288 1.00 50.71  ? 19  A   A "C4'" 1 
ATOM   92   O  "O4'" . A   A 1 5  ? -7.076  13.533  -17.477 1.00 50.02  ? 19  A   A "O4'" 1 
ATOM   93   C  "C3'" . A   A 1 5  ? -5.634  14.237  -15.784 1.00 48.46  ? 19  A   A "C3'" 1 
ATOM   94   O  "O3'" . A   A 1 5  ? -4.649  15.208  -15.467 1.00 46.93  ? 19  A   A "O3'" 1 
ATOM   95   C  "C2'" . A   A 1 5  ? -7.029  14.726  -15.420 1.00 47.53  ? 19  A   A "C2'" 1 
ATOM   96   O  "O2'" . A   A 1 5  ? -7.193  16.106  -15.667 1.00 46.04  ? 19  A   A "O2'" 1 
ATOM   97   C  "C1'" . A   A 1 5  ? -7.899  13.920  -16.388 1.00 47.69  ? 19  A   A "C1'" 1 
ATOM   98   N  N9    . A   A 1 5  ? -8.469  12.712  -15.794 1.00 47.79  ? 19  A   A N9    1 
ATOM   99   C  C8    . A   A 1 5  ? -8.093  11.408  -16.004 1.00 47.42  ? 19  A   A C8    1 
ATOM   100  N  N7    . A   A 1 5  ? -8.808  10.538  -15.332 1.00 47.42  ? 19  A   A N7    1 
ATOM   101  C  C5    . A   A 1 5  ? -9.714  11.321  -14.630 1.00 47.64  ? 19  A   A C5    1 
ATOM   102  C  C6    . A   A 1 5  ? -10.751 10.999  -13.733 1.00 47.75  ? 19  A   A C6    1 
ATOM   103  N  N6    . A   A 1 5  ? -11.067 9.753   -13.380 1.00 48.44  ? 19  A   A N6    1 
ATOM   104  N  N1    . A   A 1 5  ? -11.463 12.018  -13.205 1.00 47.99  ? 19  A   A N1    1 
ATOM   105  C  C2    . A   A 1 5  ? -11.151 13.270  -13.562 1.00 47.94  ? 19  A   A C2    1 
ATOM   106  N  N3    . A   A 1 5  ? -10.204 13.699  -14.396 1.00 48.39  ? 19  A   A N3    1 
ATOM   107  C  C4    . A   A 1 5  ? -9.513  12.662  -14.901 1.00 48.01  ? 19  A   A C4    1 
ATOM   108  P  P     . U   A 1 6  ? -3.834  15.091  -14.088 1.00 46.41  ? 20  U   A P     1 
ATOM   109  O  OP1   . U   A 1 6  ? -2.730  16.080  -14.115 1.00 44.99  ? 20  U   A OP1   1 
ATOM   110  O  OP2   . U   A 1 6  ? -3.529  13.652  -13.875 1.00 45.71  ? 20  U   A OP2   1 
ATOM   111  O  "O5'" . U   A 1 6  ? -4.886  15.536  -12.979 1.00 45.74  ? 20  U   A "O5'" 1 
ATOM   112  C  "C5'" . U   A 1 6  ? -5.318  16.888  -12.884 1.00 43.73  ? 20  U   A "C5'" 1 
ATOM   113  C  "C4'" . U   A 1 6  ? -6.359  17.028  -11.799 1.00 43.18  ? 20  U   A "C4'" 1 
ATOM   114  O  "O4'" . U   A 1 6  ? -7.541  16.266  -12.157 1.00 42.36  ? 20  U   A "O4'" 1 
ATOM   115  C  "C3'" . U   A 1 6  ? -5.991  16.445  -10.448 1.00 42.91  ? 20  U   A "C3'" 1 
ATOM   116  O  "O3'" . U   A 1 6  ? -5.152  17.320  -9.711  1.00 44.38  ? 20  U   A "O3'" 1 
ATOM   117  C  "C2'" . U   A 1 6  ? -7.357  16.316  -9.790  1.00 42.08  ? 20  U   A "C2'" 1 
ATOM   118  O  "O2'" . U   A 1 6  ? -7.819  17.540  -9.256  1.00 39.88  ? 20  U   A "O2'" 1 
ATOM   119  C  "C1'" . U   A 1 6  ? -8.221  15.875  -10.973 1.00 40.96  ? 20  U   A "C1'" 1 
ATOM   120  N  N1    . U   A 1 6  ? -8.419  14.419  -11.011 1.00 40.37  ? 20  U   A N1    1 
ATOM   121  C  C2    . U   A 1 6  ? -9.465  13.900  -10.276 1.00 41.33  ? 20  U   A C2    1 
ATOM   122  O  O2    . U   A 1 6  ? -10.211 14.595  -9.608  1.00 43.85  ? 20  U   A O2    1 
ATOM   123  N  N3    . U   A 1 6  ? -9.606  12.536  -10.352 1.00 40.80  ? 20  U   A N3    1 
ATOM   124  C  C4    . U   A 1 6  ? -8.824  11.657  -11.073 1.00 40.38  ? 20  U   A C4    1 
ATOM   125  O  O4    . U   A 1 6  ? -9.119  10.462  -11.091 1.00 39.71  ? 20  U   A O4    1 
ATOM   126  C  C5    . U   A 1 6  ? -7.756  12.272  -11.802 1.00 39.76  ? 20  U   A C5    1 
ATOM   127  C  C6    . U   A 1 6  ? -7.596  13.599  -11.749 1.00 40.25  ? 20  U   A C6    1 
ATOM   128  P  P     . A   A 1 7  ? -4.167  16.713  -8.596  1.00 45.15  ? 21  A   A P     1 
ATOM   129  O  OP1   . A   A 1 7  ? -3.569  17.842  -7.837  1.00 43.86  ? 21  A   A OP1   1 
ATOM   130  O  OP2   . A   A 1 7  ? -3.282  15.736  -9.284  1.00 43.59  ? 21  A   A OP2   1 
ATOM   131  O  "O5'" . A   A 1 7  ? -5.139  15.913  -7.617  1.00 43.28  ? 21  A   A "O5'" 1 
ATOM   132  C  "C5'" . A   A 1 7  ? -6.069  16.607  -6.791  1.00 42.23  ? 21  A   A "C5'" 1 
ATOM   133  C  "C4'" . A   A 1 7  ? -6.741  15.653  -5.832  1.00 40.49  ? 21  A   A "C4'" 1 
ATOM   134  O  "O4'" . A   A 1 7  ? -7.656  14.790  -6.543  1.00 39.40  ? 21  A   A "O4'" 1 
ATOM   135  C  "C3'" . A   A 1 7  ? -5.830  14.658  -5.144  1.00 41.85  ? 21  A   A "C3'" 1 
ATOM   136  O  "O3'" . A   A 1 7  ? -5.142  15.267  -4.060  1.00 42.14  ? 21  A   A "O3'" 1 
ATOM   137  C  "C2'" . A   A 1 7  ? -6.814  13.589  -4.670  1.00 41.35  ? 21  A   A "C2'" 1 
ATOM   138  O  "O2'" . A   A 1 7  ? -7.394  13.875  -3.413  1.00 43.15  ? 21  A   A "O2'" 1 
ATOM   139  C  "C1'" . A   A 1 7  ? -7.883  13.630  -5.768  1.00 39.56  ? 21  A   A "C1'" 1 
ATOM   140  N  N9    . A   A 1 7  ? -7.840  12.463  -6.648  1.00 38.21  ? 21  A   A N9    1 
ATOM   141  C  C8    . A   A 1 7  ? -6.975  12.206  -7.683  1.00 36.82  ? 21  A   A C8    1 
ATOM   142  N  N7    . A   A 1 7  ? -7.185  11.053  -8.272  1.00 36.95  ? 21  A   A N7    1 
ATOM   143  C  C5    . A   A 1 7  ? -8.263  10.515  -7.580  1.00 35.56  ? 21  A   A C5    1 
ATOM   144  C  C6    . A   A 1 7  ? -8.968  9.304   -7.711  1.00 34.37  ? 21  A   A C6    1 
ATOM   145  N  N6    . A   A 1 7  ? -8.678  8.370   -8.618  1.00 33.55  ? 21  A   A N6    1 
ATOM   146  N  N1    . A   A 1 7  ? -9.995  9.081   -6.863  1.00 34.33  ? 21  A   A N1    1 
ATOM   147  C  C2    . A   A 1 7  ? -10.287 10.013  -5.949  1.00 35.18  ? 21  A   A C2    1 
ATOM   148  N  N3    . A   A 1 7  ? -9.696  11.185  -5.723  1.00 36.60  ? 21  A   A N3    1 
ATOM   149  C  C4    . A   A 1 7  ? -8.680  11.377  -6.582  1.00 36.81  ? 21  A   A C4    1 
ATOM   150  P  P     . U   A 1 8  ? -3.548  15.127  -3.965  1.00 39.84  ? 22  U   A P     1 
ATOM   151  O  OP1   . U   A 1 8  ? -3.164  15.230  -2.538  1.00 40.85  ? 22  U   A OP1   1 
ATOM   152  O  OP2   . U   A 1 8  ? -2.955  16.060  -4.954  1.00 40.44  ? 22  U   A OP2   1 
ATOM   153  O  "O5'" . U   A 1 8  ? -3.276  13.640  -4.463  1.00 39.24  ? 22  U   A "O5'" 1 
ATOM   154  C  "C5'" . U   A 1 8  ? -1.955  13.111  -4.524  1.00 39.37  ? 22  U   A "C5'" 1 
ATOM   155  C  "C4'" . U   A 1 8  ? -2.006  11.634  -4.835  1.00 38.75  ? 22  U   A "C4'" 1 
ATOM   156  O  "O4'" . U   A 1 8  ? -2.348  10.912  -3.619  1.00 38.21  ? 22  U   A "O4'" 1 
ATOM   157  C  "C3'" . U   A 1 8  ? -3.064  11.237  -5.858  1.00 38.51  ? 22  U   A "C3'" 1 
ATOM   158  O  "O3'" . U   A 1 8  ? -2.665  10.067  -6.562  1.00 38.83  ? 22  U   A "O3'" 1 
ATOM   159  C  "C2'" . U   A 1 8  ? -4.263  10.924  -4.975  1.00 38.88  ? 22  U   A "C2'" 1 
ATOM   160  O  "O2'" . U   A 1 8  ? -5.185  10.046  -5.586  1.00 40.82  ? 22  U   A "O2'" 1 
ATOM   161  C  "C1'" . U   A 1 8  ? -3.577  10.241  -3.795  1.00 39.37  ? 22  U   A "C1'" 1 
ATOM   162  N  N1    . U   A 1 8  ? -4.335  10.337  -2.542  1.00 41.72  ? 22  U   A N1    1 
ATOM   163  C  C2    . U   A 1 8  ? -5.000  9.208   -2.112  1.00 44.06  ? 22  U   A C2    1 
ATOM   164  O  O2    . U   A 1 8  ? -4.975  8.152   -2.726  1.00 45.43  ? 22  U   A O2    1 
ATOM   165  N  N3    . U   A 1 8  ? -5.696  9.359   -0.938  1.00 44.85  ? 22  U   A N3    1 
ATOM   166  C  C4    . U   A 1 8  ? -5.790  10.500  -0.168  1.00 44.18  ? 22  U   A C4    1 
ATOM   167  O  O4    . U   A 1 8  ? -6.460  10.481  0.867   1.00 44.94  ? 22  U   A O4    1 
ATOM   168  C  C5    . U   A 1 8  ? -5.068  11.626  -0.682  1.00 42.72  ? 22  U   A C5    1 
ATOM   169  C  C6    . U   A 1 8  ? -4.383  11.508  -1.823  1.00 41.68  ? 22  U   A C6    1 
ATOM   170  P  P     . A   A 1 9  ? -1.816  10.194  -7.922  1.00 39.67  ? 23  A   A P     1 
ATOM   171  O  OP1   . A   A 1 9  ? -1.549  11.634  -8.178  1.00 38.86  ? 23  A   A OP1   1 
ATOM   172  O  OP2   . A   A 1 9  ? -2.486  9.375   -8.966  1.00 40.44  ? 23  A   A OP2   1 
ATOM   173  O  "O5'" . A   A 1 9  ? -0.428  9.497   -7.564  1.00 39.93  ? 23  A   A "O5'" 1 
ATOM   174  C  "C5'" . A   A 1 9  ? -0.371  8.424   -6.631  1.00 36.11  ? 23  A   A "C5'" 1 
ATOM   175  C  "C4'" . A   A 1 9  ? 0.956   8.429   -5.915  1.00 35.76  ? 23  A   A "C4'" 1 
ATOM   176  O  "O4'" . A   A 1 9  ? 1.139   9.706   -5.259  1.00 33.70  ? 23  A   A "O4'" 1 
ATOM   177  C  "C3'" . A   A 1 9  ? 1.082   7.418   -4.788  1.00 35.45  ? 23  A   A "C3'" 1 
ATOM   178  O  "O3'" . A   A 1 9  ? 1.509   6.167   -5.308  1.00 35.83  ? 23  A   A "O3'" 1 
ATOM   179  C  "C2'" . A   A 1 9  ? 2.167   8.029   -3.911  1.00 34.19  ? 23  A   A "C2'" 1 
ATOM   180  O  "O2'" . A   A 1 9  ? 3.461   7.674   -4.351  1.00 35.81  ? 23  A   A "O2'" 1 
ATOM   181  C  "C1'" . A   A 1 9  ? 1.926   9.531   -4.097  1.00 32.05  ? 23  A   A "C1'" 1 
ATOM   182  N  N9    . A   A 1 9  ? 1.246   10.183  -2.976  1.00 31.58  ? 23  A   A N9    1 
ATOM   183  C  C8    . A   A 1 9  ? 1.567   11.392  -2.407  1.00 32.09  ? 23  A   A C8    1 
ATOM   184  N  N7    . A   A 1 9  ? 0.793   11.727  -1.403  1.00 30.15  ? 23  A   A N7    1 
ATOM   185  C  C5    . A   A 1 9  ? -0.098  10.669  -1.302  1.00 30.46  ? 23  A   A C5    1 
ATOM   186  C  C6    . A   A 1 9  ? -1.163  10.416  -0.426  1.00 31.07  ? 23  A   A C6    1 
ATOM   187  N  N6    . A   A 1 9  ? -1.519  11.238  0.563   1.00 32.46  ? 23  A   A N6    1 
ATOM   188  N  N1    . A   A 1 9  ? -1.859  9.272   -0.599  1.00 31.76  ? 23  A   A N1    1 
ATOM   189  C  C2    . A   A 1 9  ? -1.494  8.442   -1.582  1.00 30.98  ? 23  A   A C2    1 
ATOM   190  N  N3    . A   A 1 9  ? -0.506  8.565   -2.463  1.00 31.47  ? 23  A   A N3    1 
ATOM   191  C  C4    . A   A 1 9  ? 0.164   9.714   -2.269  1.00 31.16  ? 23  A   A C4    1 
ATOM   192  P  P     . A   A 1 10 ? 0.425   5.016   -5.586  1.00 37.73  ? 24  A   A P     1 
ATOM   193  O  OP1   . A   A 1 10 ? 1.015   4.013   -6.512  1.00 35.57  ? 24  A   A OP1   1 
ATOM   194  O  OP2   . A   A 1 10 ? -0.846  5.696   -5.949  1.00 37.98  ? 24  A   A OP2   1 
ATOM   195  O  "O5'" . A   A 1 10 ? 0.207   4.341   -4.162  1.00 36.67  ? 24  A   A "O5'" 1 
ATOM   196  C  "C5'" . A   A 1 10 ? -0.682  4.916   -3.214  1.00 34.50  ? 24  A   A "C5'" 1 
ATOM   197  C  "C4'" . A   A 1 10 ? -1.629  3.868   -2.692  1.00 34.46  ? 24  A   A "C4'" 1 
ATOM   198  O  "O4'" . A   A 1 10 ? -2.627  3.580   -3.703  1.00 33.91  ? 24  A   A "O4'" 1 
ATOM   199  C  "C3'" . A   A 1 10 ? -1.001  2.515   -2.409  1.00 33.91  ? 24  A   A "C3'" 1 
ATOM   200  O  "O3'" . A   A 1 10 ? -0.409  2.514   -1.114  1.00 37.12  ? 24  A   A "O3'" 1 
ATOM   201  C  "C2'" . A   A 1 10 ? -2.210  1.582   -2.479  1.00 33.33  ? 24  A   A "C2'" 1 
ATOM   202  O  "O2'" . A   A 1 10 ? -2.957  1.555   -1.281  1.00 33.74  ? 24  A   A "O2'" 1 
ATOM   203  C  "C1'" . A   A 1 10 ? -3.052  2.234   -3.578  1.00 31.29  ? 24  A   A "C1'" 1 
ATOM   204  N  N9    . A   A 1 10 ? -2.940  1.593   -4.886  1.00 29.34  ? 24  A   A N9    1 
ATOM   205  C  C8    . A   A 1 10 ? -2.294  2.068   -6.000  1.00 29.84  ? 24  A   A C8    1 
ATOM   206  N  N7    . A   A 1 10 ? -2.386  1.279   -7.043  1.00 28.91  ? 24  A   A N7    1 
ATOM   207  C  C5    . A   A 1 10 ? -3.138  0.209   -6.585  1.00 29.24  ? 24  A   A C5    1 
ATOM   208  C  C6    . A   A 1 10 ? -3.593  -0.966  -7.213  1.00 30.14  ? 24  A   A C6    1 
ATOM   209  N  N6    . A   A 1 10 ? -3.355  -1.260  -8.493  1.00 28.12  ? 24  A   A N6    1 
ATOM   210  N  N1    . A   A 1 10 ? -4.317  -1.835  -6.472  1.00 31.06  ? 24  A   A N1    1 
ATOM   211  C  C2    . A   A 1 10 ? -4.565  -1.532  -5.190  1.00 31.10  ? 24  A   A C2    1 
ATOM   212  N  N3    . A   A 1 10 ? -4.199  -0.457  -4.492  1.00 31.37  ? 24  A   A N3    1 
ATOM   213  C  C4    . A   A 1 10 ? -3.480  0.384   -5.255  1.00 29.54  ? 24  A   A C4    1 
ATOM   214  P  P     . U   A 1 11 ? 1.130   2.072   -0.937  1.00 39.56  ? 25  U   A P     1 
ATOM   215  O  OP1   . U   A 1 11 ? 1.642   1.637   -2.262  1.00 40.10  ? 25  U   A OP1   1 
ATOM   216  O  OP2   . U   A 1 11 ? 1.204   1.140   0.216   1.00 37.71  ? 25  U   A OP2   1 
ATOM   217  O  "O5'" . U   A 1 11 ? 1.876   3.419   -0.520  1.00 39.53  ? 25  U   A "O5'" 1 
ATOM   218  C  "C5'" . U   A 1 11 ? 2.338   4.338   -1.510  1.00 39.56  ? 25  U   A "C5'" 1 
ATOM   219  C  "C4'" . U   A 1 11 ? 2.497   5.720   -0.912  1.00 40.51  ? 25  U   A "C4'" 1 
ATOM   220  O  "O4'" . U   A 1 11 ? 1.195   6.353   -0.789  1.00 38.46  ? 25  U   A "O4'" 1 
ATOM   221  C  "C3'" . U   A 1 11 ? 3.081   5.775   0.491   1.00 41.20  ? 25  U   A "C3'" 1 
ATOM   222  O  "O3'" . U   A 1 11 ? 4.504   5.770   0.436   1.00 45.37  ? 25  U   A "O3'" 1 
ATOM   223  C  "C2'" . U   A 1 11 ? 2.565   7.117   0.999   1.00 39.65  ? 25  U   A "C2'" 1 
ATOM   224  O  "O2'" . U   A 1 11 ? 3.332   8.217   0.554   1.00 37.81  ? 25  U   A "O2'" 1 
ATOM   225  C  "C1'" . U   A 1 11 ? 1.172   7.168   0.369   1.00 38.21  ? 25  U   A "C1'" 1 
ATOM   226  N  N1    . U   A 1 11 ? 0.117   6.673   1.264   1.00 36.86  ? 25  U   A N1    1 
ATOM   227  C  C2    . U   A 1 11 ? -0.314  7.513   2.275   1.00 35.13  ? 25  U   A C2    1 
ATOM   228  O  O2    . U   A 1 11 ? 0.151   8.627   2.451   1.00 35.31  ? 25  U   A O2    1 
ATOM   229  N  N3    . U   A 1 11 ? -1.306  7.002   3.070   1.00 33.65  ? 25  U   A N3    1 
ATOM   230  C  C4    . U   A 1 11 ? -1.900  5.760   2.961   1.00 34.87  ? 25  U   A C4    1 
ATOM   231  O  O4    . U   A 1 11 ? -2.783  5.441   3.757   1.00 34.70  ? 25  U   A O4    1 
ATOM   232  C  C5    . U   A 1 11 ? -1.397  4.947   1.894   1.00 35.05  ? 25  U   A C5    1 
ATOM   233  C  C6    . U   A 1 11 ? -0.429  5.419   1.103   1.00 36.15  ? 25  U   A C6    1 
ATOM   234  P  P     . C   A 1 12 ? 5.347   5.086   1.622   1.00 47.06  ? 26  C   A P     1 
ATOM   235  O  OP1   . C   A 1 12 ? 6.683   5.729   1.667   1.00 46.97  ? 26  C   A OP1   1 
ATOM   236  O  OP2   . C   A 1 12 ? 5.248   3.612   1.455   1.00 46.82  ? 26  C   A OP2   1 
ATOM   237  O  "O5'" . C   A 1 12 ? 4.564   5.503   2.942   1.00 47.53  ? 26  C   A "O5'" 1 
ATOM   238  C  "C5'" . C   A 1 12 ? 5.269   5.776   4.146   1.00 52.14  ? 26  C   A "C5'" 1 
ATOM   239  C  "C4'" . C   A 1 12 ? 5.375   7.268   4.360   1.00 54.32  ? 26  C   A "C4'" 1 
ATOM   240  O  "O4'" . C   A 1 12 ? 4.201   7.915   3.794   1.00 54.43  ? 26  C   A "O4'" 1 
ATOM   241  C  "C3'" . C   A 1 12 ? 5.417   7.692   5.824   1.00 55.54  ? 26  C   A "C3'" 1 
ATOM   242  O  "O3'" . C   A 1 12 ? 6.753   7.887   6.256   1.00 56.65  ? 26  C   A "O3'" 1 
ATOM   243  C  "C2'" . C   A 1 12 ? 4.631   8.995   5.823   1.00 55.56  ? 26  C   A "C2'" 1 
ATOM   244  O  "O2'" . C   A 1 12 ? 5.398   10.114  5.422   1.00 54.02  ? 26  C   A "O2'" 1 
ATOM   245  C  "C1'" . C   A 1 12 ? 3.549   8.674   4.796   1.00 55.97  ? 26  C   A "C1'" 1 
ATOM   246  N  N1    . C   A 1 12 ? 2.460   7.852   5.351   1.00 55.93  ? 26  C   A N1    1 
ATOM   247  C  C2    . C   A 1 12 ? 1.756   8.321   6.474   1.00 57.36  ? 26  C   A C2    1 
ATOM   248  O  O2    . C   A 1 12 ? 2.071   9.418   6.972   1.00 57.38  ? 26  C   A O2    1 
ATOM   249  N  N3    . C   A 1 12 ? 0.755   7.568   6.985   1.00 57.27  ? 26  C   A N3    1 
ATOM   250  C  C4    . C   A 1 12 ? 0.445   6.396   6.423   1.00 57.12  ? 26  C   A C4    1 
ATOM   251  N  N4    . C   A 1 12 ? -0.551  5.691   6.960   1.00 57.73  ? 26  C   A N4    1 
ATOM   252  C  C5    . C   A 1 12 ? 1.144   5.897   5.285   1.00 56.50  ? 26  C   A C5    1 
ATOM   253  C  C6    . C   A 1 12 ? 2.132   6.651   4.787   1.00 55.77  ? 26  C   A C6    1 
ATOM   254  P  P     . G   A 1 13 ? 7.265   7.158   7.590   1.00 59.57  ? 27  G   A P     1 
ATOM   255  O  OP1   . G   A 1 13 ? 8.701   7.489   7.784   1.00 60.07  ? 27  G   A OP1   1 
ATOM   256  O  OP2   . G   A 1 13 ? 6.847   5.731   7.488   1.00 58.13  ? 27  G   A OP2   1 
ATOM   257  O  "O5'" . G   A 1 13 ? 6.421   7.865   8.745   1.00 56.92  ? 27  G   A "O5'" 1 
ATOM   258  C  "C5'" . G   A 1 13 ? 6.289   9.287   8.787   1.00 54.19  ? 27  G   A "C5'" 1 
ATOM   259  C  "C4'" . G   A 1 13 ? 5.869   9.730   10.170  1.00 52.18  ? 27  G   A "C4'" 1 
ATOM   260  O  "O4'" . G   A 1 13 ? 4.432   9.963   10.192  1.00 50.95  ? 27  G   A "O4'" 1 
ATOM   261  C  "C3'" . G   A 1 13 ? 6.116   8.692   11.255  1.00 51.12  ? 27  G   A "C3'" 1 
ATOM   262  O  "O3'" . G   A 1 13 ? 7.398   8.859   11.828  1.00 49.39  ? 27  G   A "O3'" 1 
ATOM   263  C  "C2'" . G   A 1 13 ? 5.017   9.002   12.260  1.00 51.05  ? 27  G   A "C2'" 1 
ATOM   264  O  "O2'" . G   A 1 13 ? 5.308   10.116  13.080  1.00 51.38  ? 27  G   A "O2'" 1 
ATOM   265  C  "C1'" . G   A 1 13 ? 3.859   9.324   11.321  1.00 49.16  ? 27  G   A "C1'" 1 
ATOM   266  N  N9    . G   A 1 13 ? 3.153   8.129   10.868  1.00 46.86  ? 27  G   A N9    1 
ATOM   267  C  C8    . G   A 1 13 ? 3.364   7.417   9.708   1.00 44.78  ? 27  G   A C8    1 
ATOM   268  N  N7    . G   A 1 13 ? 2.545   6.409   9.568   1.00 43.28  ? 27  G   A N7    1 
ATOM   269  C  C5    . G   A 1 13 ? 1.748   6.453   10.705  1.00 42.66  ? 27  G   A C5    1 
ATOM   270  C  C6    . G   A 1 13 ? 0.667   5.621   11.110  1.00 40.70  ? 27  G   A C6    1 
ATOM   271  O  O6    . G   A 1 13 ? 0.169   4.653   10.518  1.00 39.37  ? 27  G   A O6    1 
ATOM   272  N  N1    . G   A 1 13 ? 0.152   6.017   12.341  1.00 38.95  ? 27  G   A N1    1 
ATOM   273  C  C2    . G   A 1 13 ? 0.612   7.074   13.086  1.00 38.98  ? 27  G   A C2    1 
ATOM   274  N  N2    . G   A 1 13 ? -0.006  7.288   14.248  1.00 37.48  ? 27  G   A N2    1 
ATOM   275  N  N3    . G   A 1 13 ? 1.605   7.862   12.717  1.00 41.01  ? 27  G   A N3    1 
ATOM   276  C  C4    . G   A 1 13 ? 2.122   7.499   11.525  1.00 44.25  ? 27  G   A C4    1 
ATOM   277  P  P     . C   A 1 14 ? 8.093   7.617   12.560  1.00 50.16  ? 28  C   A P     1 
ATOM   278  O  OP1   . C   A 1 14 ? 9.400   8.067   13.116  1.00 48.30  ? 28  C   A OP1   1 
ATOM   279  O  OP2   . C   A 1 14 ? 8.044   6.477   11.607  1.00 47.54  ? 28  C   A OP2   1 
ATOM   280  O  "O5'" . C   A 1 14 ? 7.106   7.307   13.772  1.00 46.75  ? 28  C   A "O5'" 1 
ATOM   281  C  "C5'" . C   A 1 14 ? 6.837   5.970   14.184  1.00 41.22  ? 28  C   A "C5'" 1 
ATOM   282  C  "C4'" . C   A 1 14 ? 5.673   5.958   15.139  1.00 37.01  ? 28  C   A "C4'" 1 
ATOM   283  O  "O4'" . C   A 1 14 ? 4.447   6.221   14.401  1.00 37.15  ? 28  C   A "O4'" 1 
ATOM   284  C  "C3'" . C   A 1 14 ? 5.386   4.643   15.839  1.00 35.19  ? 28  C   A "C3'" 1 
ATOM   285  O  "O3'" . C   A 1 14 ? 6.235   4.459   16.961  1.00 32.16  ? 28  C   A "O3'" 1 
ATOM   286  C  "C2'" . C   A 1 14 ? 3.938   4.852   16.254  1.00 36.01  ? 28  C   A "C2'" 1 
ATOM   287  O  "O2'" . C   A 1 14 ? 3.812   5.765   17.326  1.00 36.84  ? 28  C   A "O2'" 1 
ATOM   288  C  "C1'" . C   A 1 14 ? 3.373   5.495   14.986  1.00 34.54  ? 28  C   A "C1'" 1 
ATOM   289  N  N1    . C   A 1 14 ? 2.894   4.497   14.014  1.00 30.28  ? 28  C   A N1    1 
ATOM   290  C  C2    . C   A 1 14 ? 1.612   3.962   14.179  1.00 29.24  ? 28  C   A C2    1 
ATOM   291  O  O2    . C   A 1 14 ? 0.910   4.369   15.115  1.00 29.34  ? 28  C   A O2    1 
ATOM   292  N  N3    . C   A 1 14 ? 1.173   3.016   13.319  1.00 28.55  ? 28  C   A N3    1 
ATOM   293  C  C4    . C   A 1 14 ? 1.960   2.604   12.324  1.00 28.41  ? 28  C   A C4    1 
ATOM   294  N  N4    . C   A 1 14 ? 1.496   1.648   11.520  1.00 27.46  ? 28  C   A N4    1 
ATOM   295  C  C5    . C   A 1 14 ? 3.262   3.151   12.116  1.00 29.20  ? 28  C   A C5    1 
ATOM   296  C  C6    . C   A 1 14 ? 3.685   4.087   12.975  1.00 29.27  ? 28  C   A C6    1 
ATOM   297  P  P     . G   A 1 15 ? 6.515   2.974   17.508  1.00 32.36  ? 29  G   A P     1 
ATOM   298  O  OP1   . G   A 1 15 ? 7.621   3.024   18.495  1.00 31.40  ? 29  G   A OP1   1 
ATOM   299  O  OP2   . G   A 1 15 ? 6.628   2.081   16.329  1.00 31.74  ? 29  G   A OP2   1 
ATOM   300  O  "O5'" . G   A 1 15 ? 5.177   2.596   18.286  1.00 31.43  ? 29  G   A "O5'" 1 
ATOM   301  C  "C5'" . G   A 1 15 ? 4.819   3.269   19.489  1.00 27.81  ? 29  G   A "C5'" 1 
ATOM   302  C  "C4'" . G   A 1 15 ? 3.528   2.712   20.034  1.00 25.43  ? 29  G   A "C4'" 1 
ATOM   303  O  "O4'" . G   A 1 15 ? 2.469   2.959   19.074  1.00 24.54  ? 29  G   A "O4'" 1 
ATOM   304  C  "C3'" . G   A 1 15 ? 3.513   1.206   20.235  1.00 24.39  ? 29  G   A "C3'" 1 
ATOM   305  O  "O3'" . G   A 1 15 ? 4.036   0.851   21.508  1.00 22.57  ? 29  G   A "O3'" 1 
ATOM   306  C  "C2'" . G   A 1 15 ? 2.030   0.885   20.142  1.00 25.90  ? 29  G   A "C2'" 1 
ATOM   307  O  "O2'" . G   A 1 15 ? 1.346   1.168   21.342  1.00 26.74  ? 29  G   A "O2'" 1 
ATOM   308  C  "C1'" . G   A 1 15 ? 1.582   1.854   19.048  1.00 27.54  ? 29  G   A "C1'" 1 
ATOM   309  N  N9    . G   A 1 15 ? 1.610   1.274   17.708  1.00 28.37  ? 29  G   A N9    1 
ATOM   310  C  C8    . G   A 1 15 ? 2.561   1.478   16.739  1.00 29.72  ? 29  G   A C8    1 
ATOM   311  N  N7    . G   A 1 15 ? 2.305   0.839   15.628  1.00 29.99  ? 29  G   A N7    1 
ATOM   312  C  C5    . G   A 1 15 ? 1.116   0.170   15.882  1.00 29.88  ? 29  G   A C5    1 
ATOM   313  C  C6    . G   A 1 15 ? 0.345   -0.682  15.048  1.00 31.18  ? 29  G   A C6    1 
ATOM   314  O  O6    . G   A 1 15 ? 0.569   -1.030  13.879  1.00 31.00  ? 29  G   A O6    1 
ATOM   315  N  N1    . G   A 1 15 ? -0.792  -1.143  15.704  1.00 31.31  ? 29  G   A N1    1 
ATOM   316  C  C2    . G   A 1 15 ? -1.141  -0.831  16.995  1.00 31.83  ? 29  G   A C2    1 
ATOM   317  N  N2    . G   A 1 15 ? -2.283  -1.375  17.448  1.00 32.58  ? 29  G   A N2    1 
ATOM   318  N  N3    . G   A 1 15 ? -0.428  -0.042  17.783  1.00 30.52  ? 29  G   A N3    1 
ATOM   319  C  C4    . G   A 1 15 ? 0.678   0.422   17.165  1.00 29.30  ? 29  G   A C4    1 
ATOM   320  P  P     . U   A 1 16 ? 5.070   -0.376  21.620  1.00 21.26  ? 30  U   A P     1 
ATOM   321  O  OP1   . U   A 1 16 ? 5.758   -0.337  22.935  1.00 20.46  ? 30  U   A OP1   1 
ATOM   322  O  OP2   . U   A 1 16 ? 5.871   -0.368  20.373  1.00 21.00  ? 30  U   A OP2   1 
ATOM   323  O  "O5'" . U   A 1 16 ? 4.127   -1.656  21.608  1.00 23.46  ? 30  U   A "O5'" 1 
ATOM   324  C  "C5'" . U   A 1 16 ? 3.206   -1.878  22.666  1.00 23.09  ? 30  U   A "C5'" 1 
ATOM   325  C  "C4'" . U   A 1 16 ? 2.224   -2.953  22.282  1.00 23.74  ? 30  U   A "C4'" 1 
ATOM   326  O  "O4'" . U   A 1 16 ? 1.369   -2.485  21.201  1.00 22.96  ? 30  U   A "O4'" 1 
ATOM   327  C  "C3'" . U   A 1 16 ? 2.838   -4.208  21.695  1.00 21.97  ? 30  U   A "C3'" 1 
ATOM   328  O  "O3'" . U   A 1 16 ? 3.392   -5.042  22.699  1.00 20.52  ? 30  U   A "O3'" 1 
ATOM   329  C  "C2'" . U   A 1 16 ? 1.624   -4.832  21.031  1.00 23.22  ? 30  U   A "C2'" 1 
ATOM   330  O  "O2'" . U   A 1 16 ? 0.734   -5.409  21.962  1.00 24.21  ? 30  U   A "O2'" 1 
ATOM   331  C  "C1'" . U   A 1 16 ? 0.985   -3.594  20.396  1.00 24.73  ? 30  U   A "C1'" 1 
ATOM   332  N  N1    . U   A 1 16 ? 1.477   -3.375  19.029  1.00 24.91  ? 30  U   A N1    1 
ATOM   333  C  C2    . U   A 1 16 ? 0.956   -4.176  18.029  1.00 25.02  ? 30  U   A C2    1 
ATOM   334  O  O2    . U   A 1 16 ? 0.117   -5.033  18.238  1.00 25.32  ? 30  U   A O2    1 
ATOM   335  N  N3    . U   A 1 16 ? 1.457   -3.937  16.776  1.00 25.88  ? 30  U   A N3    1 
ATOM   336  C  C4    . U   A 1 16 ? 2.402   -2.998  16.426  1.00 26.59  ? 30  U   A C4    1 
ATOM   337  O  O4    . U   A 1 16 ? 2.704   -2.865  15.240  1.00 27.57  ? 30  U   A O4    1 
ATOM   338  C  C5    . U   A 1 16 ? 2.895   -2.209  17.517  1.00 25.06  ? 30  U   A C5    1 
ATOM   339  C  C6    . U   A 1 16 ? 2.425   -2.419  18.750  1.00 24.37  ? 30  U   A C6    1 
ATOM   340  P  P     . G   A 1 17 ? 4.571   -6.062  22.316  1.00 17.95  ? 31  G   A P     1 
ATOM   341  O  OP1   . G   A 1 17 ? 5.061   -6.683  23.572  1.00 20.09  ? 31  G   A OP1   1 
ATOM   342  O  OP2   . G   A 1 17 ? 5.530   -5.359  21.425  1.00 15.60  ? 31  G   A OP2   1 
ATOM   343  O  "O5'" . G   A 1 17 ? 3.846   -7.168  21.429  1.00 15.64  ? 31  G   A "O5'" 1 
ATOM   344  C  "C5'" . G   A 1 17 ? 2.956   -8.108  22.009  1.00 14.57  ? 31  G   A "C5'" 1 
ATOM   345  C  "C4'" . G   A 1 17 ? 2.182   -8.827  20.928  1.00 15.87  ? 31  G   A "C4'" 1 
ATOM   346  O  "O4'" . G   A 1 17 ? 1.569   -7.842  20.051  1.00 14.33  ? 31  G   A "O4'" 1 
ATOM   347  C  "C3'" . G   A 1 17 ? 2.979   -9.686  19.959  1.00 14.95  ? 31  G   A "C3'" 1 
ATOM   348  O  "O3'" . G   A 1 17 ? 3.293   -10.965 20.490  1.00 17.94  ? 31  G   A "O3'" 1 
ATOM   349  C  "C2'" . G   A 1 17 ? 1.994   -9.809  18.810  1.00 14.68  ? 31  G   A "C2'" 1 
ATOM   350  O  "O2'" . G   A 1 17 ? 0.934   -10.704 19.067  1.00 18.62  ? 31  G   A "O2'" 1 
ATOM   351  C  "C1'" . G   A 1 17 ? 1.464   -8.379  18.741  1.00 14.44  ? 31  G   A "C1'" 1 
ATOM   352  N  N9    . G   A 1 17 ? 2.313   -7.605  17.850  1.00 14.02  ? 31  G   A N9    1 
ATOM   353  C  C8    . G   A 1 17 ? 3.260   -6.668  18.184  1.00 11.54  ? 31  G   A C8    1 
ATOM   354  N  N7    . G   A 1 17 ? 3.887   -6.189  17.144  1.00 15.75  ? 31  G   A N7    1 
ATOM   355  C  C5    . G   A 1 17 ? 3.312   -6.846  16.063  1.00 16.44  ? 31  G   A C5    1 
ATOM   356  C  C6    . G   A 1 17 ? 3.583   -6.752  14.677  1.00 18.25  ? 31  G   A C6    1 
ATOM   357  O  O6    . G   A 1 17 ? 4.425   -6.052  14.103  1.00 22.36  ? 31  G   A O6    1 
ATOM   358  N  N1    . G   A 1 17 ? 2.757   -7.593  13.937  1.00 19.50  ? 31  G   A N1    1 
ATOM   359  C  C2    . G   A 1 17 ? 1.798   -8.427  14.465  1.00 16.89  ? 31  G   A C2    1 
ATOM   360  N  N2    . G   A 1 17 ? 1.095   -9.167  13.592  1.00 16.48  ? 31  G   A N2    1 
ATOM   361  N  N3    . G   A 1 17 ? 1.545   -8.527  15.751  1.00 14.74  ? 31  G   A N3    1 
ATOM   362  C  C4    . G   A 1 17 ? 2.333   -7.714  16.486  1.00 15.47  ? 31  G   A C4    1 
ATOM   363  P  P     . G   A 1 18 ? 4.537   -11.792 19.892  1.00 18.33  ? 32  G   A P     1 
ATOM   364  O  OP1   . G   A 1 18 ? 4.635   -13.059 20.649  1.00 22.02  ? 32  G   A OP1   1 
ATOM   365  O  OP2   . G   A 1 18 ? 5.714   -10.893 19.818  1.00 15.91  ? 32  G   A OP2   1 
ATOM   366  O  "O5'" . G   A 1 18 ? 4.115   -12.124 18.395  1.00 18.15  ? 32  G   A "O5'" 1 
ATOM   367  C  "C5'" . G   A 1 18 ? 2.966   -12.909 18.110  1.00 19.95  ? 32  G   A "C5'" 1 
ATOM   368  C  "C4'" . G   A 1 18 ? 2.882   -13.176 16.625  1.00 21.70  ? 32  G   A "C4'" 1 
ATOM   369  O  "O4'" . G   A 1 18 ? 2.574   -11.938 15.923  1.00 22.18  ? 32  G   A "O4'" 1 
ATOM   370  C  "C3'" . G   A 1 18 ? 4.180   -13.642 15.990  1.00 23.71  ? 32  G   A "C3'" 1 
ATOM   371  O  "O3'" . G   A 1 18 ? 4.351   -15.045 16.148  1.00 24.94  ? 32  G   A "O3'" 1 
ATOM   372  C  "C2'" . G   A 1 18 ? 3.971   -13.246 14.535  1.00 24.00  ? 32  G   A "C2'" 1 
ATOM   373  O  "O2'" . G   A 1 18 ? 3.120   -14.134 13.838  1.00 25.90  ? 32  G   A "O2'" 1 
ATOM   374  C  "C1'" . G   A 1 18 ? 3.295   -11.883 14.699  1.00 22.80  ? 32  G   A "C1'" 1 
ATOM   375  N  N9    . G   A 1 18 ? 4.273   -10.808 14.809  1.00 19.35  ? 32  G   A N9    1 
ATOM   376  C  C8    . G   A 1 18 ? 4.670   -10.193 15.969  1.00 20.48  ? 32  G   A C8    1 
ATOM   377  N  N7    . G   A 1 18 ? 5.599   -9.298  15.783  1.00 20.20  ? 32  G   A N7    1 
ATOM   378  C  C5    . G   A 1 18 ? 5.820   -9.313  14.413  1.00 19.66  ? 32  G   A C5    1 
ATOM   379  C  C6    . G   A 1 18 ? 6.727   -8.560  13.626  1.00 19.00  ? 32  G   A C6    1 
ATOM   380  O  O6    . G   A 1 18 ? 7.533   -7.697  13.991  1.00 22.04  ? 32  G   A O6    1 
ATOM   381  N  N1    . G   A 1 18 ? 6.635   -8.893  12.281  1.00 15.49  ? 32  G   A N1    1 
ATOM   382  C  C2    . G   A 1 18 ? 5.776   -9.816  11.758  1.00 14.02  ? 32  G   A C2    1 
ATOM   383  N  N2    . G   A 1 18 ? 5.847   -9.975  10.437  1.00 10.97  ? 32  G   A N2    1 
ATOM   384  N  N3    . G   A 1 18 ? 4.916   -10.528 12.479  1.00 17.14  ? 32  G   A N3    1 
ATOM   385  C  C4    . G   A 1 18 ? 4.997   -10.229 13.793  1.00 18.34  ? 32  G   A C4    1 
ATOM   386  P  P     . A   A 1 19 ? 5.826   -15.674 16.076  1.00 27.72  ? 33  A   A P     1 
ATOM   387  O  OP1   . A   A 1 19 ? 5.758   -17.086 16.539  1.00 27.05  ? 33  A   A OP1   1 
ATOM   388  O  OP2   . A   A 1 19 ? 6.766   -14.734 16.738  1.00 26.23  ? 33  A   A OP2   1 
ATOM   389  O  "O5'" . A   A 1 19 ? 6.165   -15.653 14.519  1.00 26.19  ? 33  A   A "O5'" 1 
ATOM   390  C  "C5'" . A   A 1 19 ? 5.280   -16.241 13.581  1.00 25.02  ? 33  A   A "C5'" 1 
ATOM   391  C  "C4'" . A   A 1 19 ? 5.785   -16.025 12.178  1.00 24.20  ? 33  A   A "C4'" 1 
ATOM   392  O  "O4'" . A   A 1 19 ? 5.663   -14.626 11.822  1.00 24.44  ? 33  A   A "O4'" 1 
ATOM   393  C  "C3'" . A   A 1 19 ? 7.255   -16.312 11.932  1.00 24.42  ? 33  A   A "C3'" 1 
ATOM   394  O  "O3'" . A   A 1 19 ? 7.485   -17.716 11.812  1.00 26.29  ? 33  A   A "O3'" 1 
ATOM   395  C  "C2'" . A   A 1 19 ? 7.479   -15.571 10.614  1.00 24.62  ? 33  A   A "C2'" 1 
ATOM   396  O  "O2'" . A   A 1 19 ? 6.986   -16.262 9.482   1.00 20.24  ? 33  A   A "O2'" 1 
ATOM   397  C  "C1'" . A   A 1 19 ? 6.626   -14.316 10.825  1.00 24.53  ? 33  A   A "C1'" 1 
ATOM   398  N  N9    . A   A 1 19 ? 7.398   -13.151 11.259  1.00 22.94  ? 33  A   A N9    1 
ATOM   399  C  C8    . A   A 1 19 ? 7.349   -12.490 12.461  1.00 21.03  ? 33  A   A C8    1 
ATOM   400  N  N7    . A   A 1 19 ? 8.163   -11.463 12.533  1.00 22.20  ? 33  A   A N7    1 
ATOM   401  C  C5    . A   A 1 19 ? 8.792   -11.449 11.296  1.00 22.37  ? 33  A   A C5    1 
ATOM   402  C  C6    . A   A 1 19 ? 9.769   -10.605 10.738  1.00 21.95  ? 33  A   A C6    1 
ATOM   403  N  N6    . A   A 1 19 ? 10.303  -9.562  11.376  1.00 21.81  ? 33  A   A N6    1 
ATOM   404  N  N1    . A   A 1 19 ? 10.185  -10.873 9.484   1.00 23.92  ? 33  A   A N1    1 
ATOM   405  C  C2    . A   A 1 19 ? 9.656   -11.920 8.841   1.00 22.59  ? 33  A   A C2    1 
ATOM   406  N  N3    . A   A 1 19 ? 8.735   -12.783 9.255   1.00 22.46  ? 33  A   A N3    1 
ATOM   407  C  C4    . A   A 1 19 ? 8.337   -12.487 10.505  1.00 22.55  ? 33  A   A C4    1 
ATOM   408  P  P     . U   A 1 20 ? 8.915   -18.334 12.224  1.00 28.49  ? 34  U   A P     1 
ATOM   409  O  OP1   . U   A 1 20 ? 8.899   -19.788 11.925  1.00 28.17  ? 34  U   A OP1   1 
ATOM   410  O  OP2   . U   A 1 20 ? 9.260   -17.874 13.593  1.00 29.48  ? 34  U   A OP2   1 
ATOM   411  O  "O5'" . U   A 1 20 ? 9.937   -17.623 11.234  1.00 27.77  ? 34  U   A "O5'" 1 
ATOM   412  C  "C5'" . U   A 1 20 ? 9.912   -17.891 9.837   1.00 27.23  ? 34  U   A "C5'" 1 
ATOM   413  C  "C4'" . U   A 1 20 ? 10.986  -17.094 9.147   1.00 26.63  ? 34  U   A "C4'" 1 
ATOM   414  O  "O4'" . U   A 1 20 ? 10.830  -15.701 9.523   1.00 29.18  ? 34  U   A "O4'" 1 
ATOM   415  C  "C3'" . U   A 1 20 ? 12.409  -17.496 9.519   1.00 26.47  ? 34  U   A "C3'" 1 
ATOM   416  O  "O3'" . U   A 1 20 ? 13.212  -17.604 8.357   1.00 28.31  ? 34  U   A "O3'" 1 
ATOM   417  C  "C2'" . U   A 1 20 ? 12.912  -16.351 10.393  1.00 26.71  ? 34  U   A "C2'" 1 
ATOM   418  O  "O2'" . U   A 1 20 ? 14.283  -16.086 10.182  1.00 28.22  ? 34  U   A "O2'" 1 
ATOM   419  C  "C1'" . U   A 1 20 ? 12.078  -15.171 9.900   1.00 26.18  ? 34  U   A "C1'" 1 
ATOM   420  N  N1    . U   A 1 20 ? 11.853  -14.183 10.962  1.00 24.74  ? 34  U   A N1    1 
ATOM   421  C  C2    . U   A 1 20 ? 12.495  -12.964 10.857  1.00 23.67  ? 34  U   A C2    1 
ATOM   422  O  O2    . U   A 1 20 ? 13.185  -12.663 9.904   1.00 23.79  ? 34  U   A O2    1 
ATOM   423  N  N3    . U   A 1 20 ? 12.296  -12.110 11.911  1.00 23.88  ? 34  U   A N3    1 
ATOM   424  C  C4    . U   A 1 20 ? 11.530  -12.344 13.035  1.00 24.30  ? 34  U   A C4    1 
ATOM   425  O  O4    . U   A 1 20 ? 11.515  -11.509 13.944  1.00 23.53  ? 34  U   A O4    1 
ATOM   426  C  C5    . U   A 1 20 ? 10.871  -13.614 13.052  1.00 25.17  ? 34  U   A C5    1 
ATOM   427  C  C6    . U   A 1 20 ? 11.050  -14.468 12.037  1.00 24.39  ? 34  U   A C6    1 
ATOM   428  P  P     . A   A 1 21 ? 13.526  -19.049 7.745   1.00 25.91  ? 35  A   A P     1 
ATOM   429  O  OP1   . A   A 1 21 ? 12.248  -19.802 7.744   1.00 28.17  ? 35  A   A OP1   1 
ATOM   430  O  OP2   . A   A 1 21 ? 14.707  -19.611 8.449   1.00 28.14  ? 35  A   A OP2   1 
ATOM   431  O  "O5'" . A   A 1 21 ? 13.935  -18.742 6.237   1.00 26.79  ? 35  A   A "O5'" 1 
ATOM   432  C  "C5'" . A   A 1 21 ? 12.969  -18.297 5.287   1.00 26.40  ? 35  A   A "C5'" 1 
ATOM   433  C  "C4'" . A   A 1 21 ? 13.614  -18.151 3.928   1.00 27.91  ? 35  A   A "C4'" 1 
ATOM   434  O  "O4'" . A   A 1 21 ? 14.348  -16.894 3.882   1.00 28.54  ? 35  A   A "O4'" 1 
ATOM   435  C  "C3'" . A   A 1 21 ? 14.612  -19.249 3.583   1.00 26.06  ? 35  A   A "C3'" 1 
ATOM   436  O  "O3'" . A   A 1 21 ? 14.541  -19.584 2.205   1.00 24.19  ? 35  A   A "O3'" 1 
ATOM   437  C  "C2'" . A   A 1 21 ? 15.963  -18.630 3.937   1.00 26.64  ? 35  A   A "C2'" 1 
ATOM   438  O  "O2'" . A   A 1 21 ? 17.011  -19.114 3.122   1.00 27.33  ? 35  A   A "O2'" 1 
ATOM   439  C  "C1'" . A   A 1 21 ? 15.722  -17.145 3.661   1.00 26.16  ? 35  A   A "C1'" 1 
ATOM   440  N  N9    . A   A 1 21 ? 16.486  -16.274 4.554   1.00 24.76  ? 35  A   A N9    1 
ATOM   441  C  C8    . A   A 1 21 ? 16.139  -15.860 5.818   1.00 24.99  ? 35  A   A C8    1 
ATOM   442  N  N7    . A   A 1 21 ? 17.031  -15.080 6.383   1.00 24.82  ? 35  A   A N7    1 
ATOM   443  C  C5    . A   A 1 21 ? 18.033  -14.973 5.427   1.00 24.60  ? 35  A   A C5    1 
ATOM   444  C  C6    . A   A 1 21 ? 19.258  -14.280 5.411   1.00 23.60  ? 35  A   A C6    1 
ATOM   445  N  N6    . A   A 1 21 ? 19.713  -13.548 6.431   1.00 25.51  ? 35  A   A N6    1 
ATOM   446  N  N1    . A   A 1 21 ? 20.014  -14.369 4.297   1.00 24.13  ? 35  A   A N1    1 
ATOM   447  C  C2    . A   A 1 21 ? 19.568  -15.114 3.279   1.00 23.18  ? 35  A   A C2    1 
ATOM   448  N  N3    . A   A 1 21 ? 18.445  -15.818 3.178   1.00 24.12  ? 35  A   A N3    1 
ATOM   449  C  C4    . A   A 1 21 ? 17.710  -15.702 4.296   1.00 24.03  ? 35  A   A C4    1 
ATOM   450  P  P     . U   A 1 22 ? 13.952  -21.013 1.761   1.00 26.83  ? 36  U   A P     1 
ATOM   451  O  OP1   . U   A 1 22 ? 14.617  -22.064 2.578   1.00 25.52  ? 36  U   A OP1   1 
ATOM   452  O  OP2   . U   A 1 22 ? 14.025  -21.078 0.278   1.00 24.69  ? 36  U   A OP2   1 
ATOM   453  O  "O5'" . U   A 1 22 ? 12.418  -20.962 2.193   1.00 27.33  ? 36  U   A "O5'" 1 
ATOM   454  C  "C5'" . U   A 1 22 ? 11.455  -20.240 1.419   1.00 26.22  ? 36  U   A "C5'" 1 
ATOM   455  C  "C4'" . U   A 1 22 ? 10.058  -20.749 1.707   1.00 23.82  ? 36  U   A "C4'" 1 
ATOM   456  O  "O4'" . U   A 1 22 ? 10.059  -22.205 1.651   1.00 25.09  ? 36  U   A "O4'" 1 
ATOM   457  C  "C3'" . U   A 1 22 ? 9.507   -20.407 3.087   1.00 22.97  ? 36  U   A "C3'" 1 
ATOM   458  O  "O3'" . U   A 1 22 ? 8.088   -20.401 3.036   1.00 23.66  ? 36  U   A "O3'" 1 
ATOM   459  C  "C2'" . U   A 1 22 ? 9.934   -21.617 3.902   1.00 22.26  ? 36  U   A "C2'" 1 
ATOM   460  O  "O2'" . U   A 1 22 ? 9.141   -21.798 5.054   1.00 21.77  ? 36  U   A "O2'" 1 
ATOM   461  C  "C1'" . U   A 1 22 ? 9.642   -22.724 2.899   1.00 23.75  ? 36  U   A "C1'" 1 
ATOM   462  N  N1    . U   A 1 22 ? 10.365  -23.974 3.154   1.00 24.79  ? 36  U   A N1    1 
ATOM   463  C  C2    . U   A 1 22 ? 9.617   -25.076 3.521   1.00 26.36  ? 36  U   A C2    1 
ATOM   464  O  O2    . U   A 1 22 ? 8.402   -25.041 3.633   1.00 27.12  ? 36  U   A O2    1 
ATOM   465  N  N3    . U   A 1 22 ? 10.343  -26.219 3.748   1.00 26.45  ? 36  U   A N3    1 
ATOM   466  C  C4    . U   A 1 22 ? 11.711  -26.366 3.647   1.00 23.83  ? 36  U   A C4    1 
ATOM   467  O  O4    . U   A 1 22 ? 12.216  -27.461 3.879   1.00 24.83  ? 36  U   A O4    1 
ATOM   468  C  C5    . U   A 1 22 ? 12.413  -25.181 3.261   1.00 22.97  ? 36  U   A C5    1 
ATOM   469  C  C6    . U   A 1 22 ? 11.734  -24.052 3.033   1.00 24.55  ? 36  U   A C6    1 
ATOM   470  P  P     . G   A 1 23 ? 7.304   -19.041 2.716   1.00 26.13  ? 37  G   A P     1 
ATOM   471  O  OP1   . G   A 1 23 ? 5.849   -19.342 2.764   1.00 23.95  ? 37  G   A OP1   1 
ATOM   472  O  OP2   . G   A 1 23 ? 7.895   -18.456 1.487   1.00 23.46  ? 37  G   A OP2   1 
ATOM   473  O  "O5'" . G   A 1 23 ? 7.672   -18.085 3.937   1.00 25.09  ? 37  G   A "O5'" 1 
ATOM   474  C  "C5'" . G   A 1 23 ? 7.105   -18.284 5.230   1.00 23.13  ? 37  G   A "C5'" 1 
ATOM   475  C  "C4'" . G   A 1 23 ? 7.345   -17.066 6.095   1.00 21.36  ? 37  G   A "C4'" 1 
ATOM   476  O  "O4'" . G   A 1 23 ? 8.760   -16.968 6.425   1.00 19.77  ? 37  G   A "O4'" 1 
ATOM   477  C  "C3'" . G   A 1 23 ? 7.005   -15.741 5.432   1.00 20.87  ? 37  G   A "C3'" 1 
ATOM   478  O  "O3'" . G   A 1 23 ? 5.638   -15.428 5.656   1.00 21.15  ? 37  G   A "O3'" 1 
ATOM   479  C  "C2'" . G   A 1 23 ? 7.918   -14.764 6.160   1.00 21.77  ? 37  G   A "C2'" 1 
ATOM   480  O  "O2'" . G   A 1 23 ? 7.393   -14.354 7.405   1.00 24.07  ? 37  G   A "O2'" 1 
ATOM   481  C  "C1'" . G   A 1 23 ? 9.176   -15.612 6.368   1.00 21.98  ? 37  G   A "C1'" 1 
ATOM   482  N  N9    . G   A 1 23 ? 10.153  -15.472 5.290   1.00 20.56  ? 37  G   A N9    1 
ATOM   483  C  C8    . G   A 1 23 ? 10.143  -16.126 4.084   1.00 20.42  ? 37  G   A C8    1 
ATOM   484  N  N7    . G   A 1 23 ? 11.143  -15.797 3.312   1.00 21.12  ? 37  G   A N7    1 
ATOM   485  C  C5    . G   A 1 23 ? 11.858  -14.866 4.051   1.00 20.74  ? 37  G   A C5    1 
ATOM   486  C  C6    . G   A 1 23 ? 13.041  -14.156 3.729   1.00 20.36  ? 37  G   A C6    1 
ATOM   487  O  O6    . G   A 1 23 ? 13.704  -14.201 2.687   1.00 20.48  ? 37  G   A O6    1 
ATOM   488  N  N1    . G   A 1 23 ? 13.436  -13.319 4.767   1.00 18.81  ? 37  G   A N1    1 
ATOM   489  C  C2    . G   A 1 23 ? 12.774  -13.176 5.960   1.00 20.18  ? 37  G   A C2    1 
ATOM   490  N  N2    . G   A 1 23 ? 13.318  -12.313 6.835   1.00 20.57  ? 37  G   A N2    1 
ATOM   491  N  N3    . G   A 1 23 ? 11.662  -13.831 6.272   1.00 20.49  ? 37  G   A N3    1 
ATOM   492  C  C4    . G   A 1 23 ? 11.264  -14.654 5.277   1.00 21.35  ? 37  G   A C4    1 
ATOM   493  P  P     . G   A 1 24 ? 4.914   -14.327 4.739   1.00 18.47  ? 38  G   A P     1 
ATOM   494  O  OP1   . G   A 1 24 ? 3.518   -14.182 5.210   1.00 18.61  ? 38  G   A OP1   1 
ATOM   495  O  OP2   . G   A 1 24 ? 5.178   -14.674 3.322   1.00 18.87  ? 38  G   A OP2   1 
ATOM   496  O  "O5'" . G   A 1 24 ? 5.713   -12.987 5.057   1.00 21.22  ? 38  G   A "O5'" 1 
ATOM   497  C  "C5'" . G   A 1 24 ? 5.264   -12.079 6.058   1.00 20.38  ? 38  G   A "C5'" 1 
ATOM   498  C  "C4'" . G   A 1 24 ? 6.244   -10.938 6.187   1.00 23.57  ? 38  G   A "C4'" 1 
ATOM   499  O  "O4'" . G   A 1 24 ? 7.588   -11.483 6.275   1.00 24.28  ? 38  G   A "O4'" 1 
ATOM   500  C  "C3'" . G   A 1 24 ? 6.318   -10.003 4.995   1.00 22.66  ? 38  G   A "C3'" 1 
ATOM   501  O  "O3'" . G   A 1 24 ? 5.314   -9.006  5.088   1.00 25.02  ? 38  G   A "O3'" 1 
ATOM   502  C  "C2'" . G   A 1 24 ? 7.698   -9.394  5.173   1.00 23.88  ? 38  G   A "C2'" 1 
ATOM   503  O  "O2'" . G   A 1 24 ? 7.727   -8.361  6.138   1.00 22.91  ? 38  G   A "O2'" 1 
ATOM   504  C  "C1'" . G   A 1 24 ? 8.499   -10.611 5.638   1.00 22.99  ? 38  G   A "C1'" 1 
ATOM   505  N  N9    . G   A 1 24 ? 9.077   -11.310 4.497   1.00 23.83  ? 38  G   A N9    1 
ATOM   506  C  C8    . G   A 1 24 ? 8.466   -12.244 3.696   1.00 24.99  ? 38  G   A C8    1 
ATOM   507  N  N7    . G   A 1 24 ? 9.210   -12.621 2.691   1.00 24.45  ? 38  G   A N7    1 
ATOM   508  C  C5    . G   A 1 24 ? 10.389  -11.905 2.853   1.00 23.26  ? 38  G   A C5    1 
ATOM   509  C  C6    . G   A 1 24 ? 11.556  -11.870 2.057   1.00 21.71  ? 38  G   A C6    1 
ATOM   510  O  O6    . G   A 1 24 ? 11.788  -12.476 1.009   1.00 21.98  ? 38  G   A O6    1 
ATOM   511  N  N1    . G   A 1 24 ? 12.511  -11.010 2.585   1.00 22.11  ? 38  G   A N1    1 
ATOM   512  C  C2    . G   A 1 24 ? 12.360  -10.272 3.731   1.00 22.44  ? 38  G   A C2    1 
ATOM   513  N  N2    . G   A 1 24 ? 13.394  -9.501  4.081   1.00 24.46  ? 38  G   A N2    1 
ATOM   514  N  N3    . G   A 1 24 ? 11.272  -10.289 4.479   1.00 24.09  ? 38  G   A N3    1 
ATOM   515  C  C4    . G   A 1 24 ? 10.332  -11.117 3.981   1.00 23.50  ? 38  G   A C4    1 
ATOM   516  P  P     . C   A 1 25 ? 4.148   -8.945  3.986   1.00 24.59  ? 39  C   A P     1 
ATOM   517  O  OP1   . C   A 1 25 ? 3.884   -10.316 3.488   1.00 28.61  ? 39  C   A OP1   1 
ATOM   518  O  OP2   . C   A 1 25 ? 4.521   -7.883  3.022   1.00 27.80  ? 39  C   A OP2   1 
ATOM   519  O  "O5'" . C   A 1 25 ? 2.886   -8.456  4.828   1.00 26.79  ? 39  C   A "O5'" 1 
ATOM   520  C  "C5'" . C   A 1 25 ? 1.636   -9.129  4.740   1.00 25.96  ? 39  C   A "C5'" 1 
ATOM   521  C  "C4'" . C   A 1 25 ? 1.294   -9.789  6.059   1.00 27.51  ? 39  C   A "C4'" 1 
ATOM   522  O  "O4'" . C   A 1 25 ? 2.448   -9.839  6.936   1.00 29.73  ? 39  C   A "O4'" 1 
ATOM   523  C  "C3'" . C   A 1 25 ? 0.294   -9.069  6.937   1.00 27.22  ? 39  C   A "C3'" 1 
ATOM   524  O  "O3'" . C   A 1 25 ? -1.026  -9.232  6.458   1.00 27.07  ? 39  C   A "O3'" 1 
ATOM   525  C  "C2'" . C   A 1 25 ? 0.482   -9.804  8.255   1.00 28.06  ? 39  C   A "C2'" 1 
ATOM   526  O  "O2'" . C   A 1 25 ? -0.146  -11.069 8.247   1.00 26.89  ? 39  C   A "O2'" 1 
ATOM   527  C  "C1'" . C   A 1 25 ? 2.000   -9.981  8.282   1.00 28.32  ? 39  C   A "C1'" 1 
ATOM   528  N  N1    . C   A 1 25 ? 2.675   -8.972  9.116   1.00 30.67  ? 39  C   A N1    1 
ATOM   529  C  C2    . C   A 1 25 ? 2.445   -8.975  10.498  1.00 32.16  ? 39  C   A C2    1 
ATOM   530  O  O2    . C   A 1 25 ? 1.681   -9.824  10.977  1.00 36.33  ? 39  C   A O2    1 
ATOM   531  N  N3    . C   A 1 25 ? 3.060   -8.054  11.275  1.00 30.78  ? 39  C   A N3    1 
ATOM   532  C  C4    . C   A 1 25 ? 3.879   -7.157  10.721  1.00 31.77  ? 39  C   A C4    1 
ATOM   533  N  N4    . C   A 1 25 ? 4.474   -6.275  11.525  1.00 32.10  ? 39  C   A N4    1 
ATOM   534  C  C5    . C   A 1 25 ? 4.130   -7.129  9.319   1.00 32.63  ? 39  C   A C5    1 
ATOM   535  C  C6    . C   A 1 25 ? 3.513   -8.046  8.561   1.00 32.90  ? 39  C   A C6    1 
ATOM   536  P  P     . A   A 1 26 ? -2.174  -8.248  6.982   1.00 28.37  ? 40  A   A P     1 
ATOM   537  O  OP1   . A   A 1 26 ? -3.440  -8.582  6.280   1.00 29.51  ? 40  A   A OP1   1 
ATOM   538  O  OP2   . A   A 1 26 ? -1.617  -6.875  6.888   1.00 28.53  ? 40  A   A OP2   1 
ATOM   539  O  "O5'" . A   A 1 26 ? -2.349  -8.627  8.520   1.00 26.66  ? 40  A   A "O5'" 1 
ATOM   540  C  "C5'" . A   A 1 26 ? -2.973  -9.853  8.902   1.00 24.54  ? 40  A   A "C5'" 1 
ATOM   541  C  "C4'" . A   A 1 26 ? -3.447  -9.780  10.336  1.00 22.32  ? 40  A   A "C4'" 1 
ATOM   542  O  "O4'" . A   A 1 26 ? -2.299  -9.831  11.226  1.00 22.00  ? 40  A   A "O4'" 1 
ATOM   543  C  "C3'" . A   A 1 26 ? -4.177  -8.501  10.712  1.00 20.70  ? 40  A   A "C3'" 1 
ATOM   544  O  "O3'" . A   A 1 26 ? -5.565  -8.620  10.435  1.00 20.94  ? 40  A   A "O3'" 1 
ATOM   545  C  "C2'" . A   A 1 26 ? -3.912  -8.404  12.210  1.00 20.81  ? 40  A   A "C2'" 1 
ATOM   546  O  "O2'" . A   A 1 26 ? -4.756  -9.227  12.991  1.00 20.15  ? 40  A   A "O2'" 1 
ATOM   547  C  "C1'" . A   A 1 26 ? -2.475  -8.914  12.292  1.00 21.41  ? 40  A   A "C1'" 1 
ATOM   548  N  N9    . A   A 1 26 ? -1.470  -7.857  12.167  1.00 21.48  ? 40  A   A N9    1 
ATOM   549  C  C8    . A   A 1 26 ? -0.805  -7.440  11.039  1.00 21.71  ? 40  A   A C8    1 
ATOM   550  N  N7    . A   A 1 26 ? 0.058   -6.477  11.259  1.00 20.58  ? 40  A   A N7    1 
ATOM   551  C  C5    . A   A 1 26 ? -0.045  -6.245  12.624  1.00 20.20  ? 40  A   A C5    1 
ATOM   552  C  C6    . A   A 1 26 ? 0.625   -5.360  13.488  1.00 21.83  ? 40  A   A C6    1 
ATOM   553  N  N6    . A   A 1 26 ? 1.580   -4.518  13.094  1.00 21.13  ? 40  A   A N6    1 
ATOM   554  N  N1    . A   A 1 26 ? 0.280   -5.379  14.794  1.00 24.36  ? 40  A   A N1    1 
ATOM   555  C  C2    . A   A 1 26 ? -0.666  -6.237  15.196  1.00 21.23  ? 40  A   A C2    1 
ATOM   556  N  N3    . A   A 1 26 ? -1.355  -7.122  14.485  1.00 19.98  ? 40  A   A N3    1 
ATOM   557  C  C4    . A   A 1 26 ? -0.992  -7.077  13.192  1.00 19.95  ? 40  A   A C4    1 
ATOM   558  P  P     . C   A 1 27 ? -6.421  -7.303  10.088  1.00 18.50  ? 41  C   A P     1 
ATOM   559  O  OP1   . C   A 1 27 ? -7.788  -7.733  9.712   1.00 17.37  ? 41  C   A OP1   1 
ATOM   560  O  OP2   . C   A 1 27 ? -5.613  -6.507  9.137   1.00 20.10  ? 41  C   A OP2   1 
ATOM   561  O  "O5'" . C   A 1 27 ? -6.492  -6.516  11.469  1.00 19.21  ? 41  C   A "O5'" 1 
ATOM   562  C  "C5'" . C   A 1 27 ? -7.189  -7.074  12.577  1.00 19.95  ? 41  C   A "C5'" 1 
ATOM   563  C  "C4'" . C   A 1 27 ? -7.000  -6.221  13.806  1.00 19.35  ? 41  C   A "C4'" 1 
ATOM   564  O  "O4'" . C   A 1 27 ? -5.638  -6.357  14.288  1.00 19.23  ? 41  C   A "O4'" 1 
ATOM   565  C  "C3'" . C   A 1 27 ? -7.153  -4.720  13.629  1.00 19.06  ? 41  C   A "C3'" 1 
ATOM   566  O  "O3'" . C   A 1 27 ? -8.520  -4.323  13.604  1.00 19.38  ? 41  C   A "O3'" 1 
ATOM   567  C  "C2'" . C   A 1 27 ? -6.452  -4.218  14.881  1.00 20.20  ? 41  C   A "C2'" 1 
ATOM   568  O  "O2'" . C   A 1 27 ? -7.231  -4.390  16.047  1.00 22.06  ? 41  C   A "O2'" 1 
ATOM   569  C  "C1'" . C   A 1 27 ? -5.240  -5.150  14.924  1.00 20.40  ? 41  C   A "C1'" 1 
ATOM   570  N  N1    . C   A 1 27 ? -4.110  -4.580  14.177  1.00 20.59  ? 41  C   A N1    1 
ATOM   571  C  C2    . C   A 1 27 ? -3.208  -3.770  14.857  1.00 20.86  ? 41  C   A C2    1 
ATOM   572  O  O2    . C   A 1 27 ? -3.354  -3.610  16.078  1.00 21.16  ? 41  C   A O2    1 
ATOM   573  N  N3    . C   A 1 27 ? -2.199  -3.187  14.174  1.00 22.34  ? 41  C   A N3    1 
ATOM   574  C  C4    . C   A 1 27 ? -2.072  -3.399  12.863  1.00 22.25  ? 41  C   A C4    1 
ATOM   575  N  N4    . C   A 1 27 ? -1.078  -2.781  12.224  1.00 22.05  ? 41  C   A N4    1 
ATOM   576  C  C5    . C   A 1 27 ? -2.961  -4.249  12.150  1.00 21.74  ? 41  C   A C5    1 
ATOM   577  C  C6    . C   A 1 27 ? -3.956  -4.816  12.840  1.00 21.13  ? 41  C   A C6    1 
ATOM   578  P  P     . G   A 1 28 ? -8.908  -2.840  13.120  1.00 20.19  ? 42  G   A P     1 
ATOM   579  O  OP1   . G   A 1 28 ? -10.361 -2.647  13.342  1.00 21.85  ? 42  G   A OP1   1 
ATOM   580  O  OP2   . G   A 1 28 ? -8.337  -2.614  11.770  1.00 21.16  ? 42  G   A OP2   1 
ATOM   581  O  "O5'" . G   A 1 28 ? -8.125  -1.893  14.129  1.00 16.39  ? 42  G   A "O5'" 1 
ATOM   582  C  "C5'" . G   A 1 28 ? -8.673  -1.579  15.397  1.00 17.90  ? 42  G   A "C5'" 1 
ATOM   583  C  "C4'" . G   A 1 28 ? -7.728  -0.691  16.160  1.00 18.93  ? 42  G   A "C4'" 1 
ATOM   584  O  "O4'" . G   A 1 28 ? -6.386  -1.240  16.074  1.00 17.95  ? 42  G   A "O4'" 1 
ATOM   585  C  "C3'" . G   A 1 28 ? -7.544  0.716   15.617  1.00 18.58  ? 42  G   A "C3'" 1 
ATOM   586  O  "O3'" . G   A 1 28 ? -8.620  1.561   15.995  1.00 23.00  ? 42  G   A "O3'" 1 
ATOM   587  C  "C2'" . G   A 1 28 ? -6.246  1.111   16.300  1.00 20.14  ? 42  G   A "C2'" 1 
ATOM   588  O  "O2'" . G   A 1 28 ? -6.402  1.385   17.678  1.00 20.98  ? 42  G   A "O2'" 1 
ATOM   589  C  "C1'" . G   A 1 28 ? -5.443  -0.180  16.141  1.00 20.36  ? 42  G   A "C1'" 1 
ATOM   590  N  N9    . G   A 1 28 ? -4.659  -0.174  14.912  1.00 18.88  ? 42  G   A N9    1 
ATOM   591  C  C8    . G   A 1 28 ? -4.911  -0.860  13.751  1.00 18.41  ? 42  G   A C8    1 
ATOM   592  N  N7    . G   A 1 28 ? -4.022  -0.634  12.822  1.00 20.58  ? 42  G   A N7    1 
ATOM   593  C  C5    . G   A 1 28 ? -3.131  0.256   13.410  1.00 20.21  ? 42  G   A C5    1 
ATOM   594  C  C6    . G   A 1 28 ? -1.952  0.853   12.896  1.00 20.66  ? 42  G   A C6    1 
ATOM   595  O  O6    . G   A 1 28 ? -1.447  0.723   11.774  1.00 24.47  ? 42  G   A O6    1 
ATOM   596  N  N1    . G   A 1 28 ? -1.346  1.679   13.837  1.00 19.94  ? 42  G   A N1    1 
ATOM   597  C  C2    . G   A 1 28 ? -1.810  1.902   15.109  1.00 18.08  ? 42  G   A C2    1 
ATOM   598  N  N2    . G   A 1 28 ? -1.079  2.724   15.870  1.00 15.96  ? 42  G   A N2    1 
ATOM   599  N  N3    . G   A 1 28 ? -2.908  1.356   15.598  1.00 18.63  ? 42  G   A N3    1 
ATOM   600  C  C4    . G   A 1 28 ? -3.512  0.547   14.700  1.00 19.22  ? 42  G   A C4    1 
ATOM   601  P  P     . C   A 1 29 ? -8.967  2.861   15.110  1.00 26.62  ? 43  C   A P     1 
ATOM   602  O  OP1   . C   A 1 29 ? -10.287 3.360   15.565  1.00 26.65  ? 43  C   A OP1   1 
ATOM   603  O  OP2   . C   A 1 29 ? -8.758  2.542   13.676  1.00 25.77  ? 43  C   A OP2   1 
ATOM   604  O  "O5'" . C   A 1 29 ? -7.861  3.921   15.536  1.00 27.52  ? 43  C   A "O5'" 1 
ATOM   605  C  "C5'" . C   A 1 29 ? -7.678  4.258   16.903  1.00 29.11  ? 43  C   A "C5'" 1 
ATOM   606  C  "C4'" . C   A 1 29 ? -6.531  5.225   17.053  1.00 31.43  ? 43  C   A "C4'" 1 
ATOM   607  O  "O4'" . C   A 1 29 ? -5.276  4.539   16.805  1.00 30.66  ? 43  C   A "O4'" 1 
ATOM   608  C  "C3'" . C   A 1 29 ? -6.497  6.371   16.060  1.00 32.79  ? 43  C   A "C3'" 1 
ATOM   609  O  "O3'" . C   A 1 29 ? -7.401  7.404   16.436  1.00 35.70  ? 43  C   A "O3'" 1 
ATOM   610  C  "C2'" . C   A 1 29 ? -5.044  6.807   16.174  1.00 32.92  ? 43  C   A "C2'" 1 
ATOM   611  O  "O2'" . C   A 1 29 ? -4.783  7.542   17.352  1.00 33.44  ? 43  C   A "O2'" 1 
ATOM   612  C  "C1'" . C   A 1 29 ? -4.341  5.451   16.257  1.00 31.96  ? 43  C   A "C1'" 1 
ATOM   613  N  N1    . C   A 1 29 ? -3.933  4.958   14.937  1.00 33.03  ? 43  C   A N1    1 
ATOM   614  C  C2    . C   A 1 29 ? -2.753  5.446   14.379  1.00 32.97  ? 43  C   A C2    1 
ATOM   615  O  O2    . C   A 1 29 ? -2.086  6.271   15.019  1.00 35.01  ? 43  C   A O2    1 
ATOM   616  N  N3    . C   A 1 29 ? -2.371  5.013   13.158  1.00 33.26  ? 43  C   A N3    1 
ATOM   617  C  C4    . C   A 1 29 ? -3.121  4.129   12.499  1.00 31.38  ? 43  C   A C4    1 
ATOM   618  N  N4    . C   A 1 29 ? -2.708  3.736   11.292  1.00 30.78  ? 43  C   A N4    1 
ATOM   619  C  C5    . C   A 1 29 ? -4.329  3.611   13.046  1.00 31.88  ? 43  C   A C5    1 
ATOM   620  C  C6    . C   A 1 29 ? -4.693  4.047   14.259  1.00 32.49  ? 43  C   A C6    1 
ATOM   621  P  P     . A   A 1 30 ? -7.966  8.413   15.319  1.00 38.52  ? 44  A   A P     1 
ATOM   622  O  OP1   . A   A 1 30 ? -8.862  9.381   15.999  1.00 37.02  ? 44  A   A OP1   1 
ATOM   623  O  OP2   . A   A 1 30 ? -8.490  7.607   14.187  1.00 38.78  ? 44  A   A OP2   1 
ATOM   624  O  "O5'" . A   A 1 30 ? -6.664  9.185   14.821  1.00 37.67  ? 44  A   A "O5'" 1 
ATOM   625  C  "C5'" . A   A 1 30 ? -5.931  10.010  15.720  1.00 39.06  ? 44  A   A "C5'" 1 
ATOM   626  C  "C4'" . A   A 1 30 ? -4.670  10.526  15.066  1.00 40.62  ? 44  A   A "C4'" 1 
ATOM   627  O  "O4'" . A   A 1 30 ? -3.747  9.434   14.807  1.00 40.46  ? 44  A   A "O4'" 1 
ATOM   628  C  "C3'" . A   A 1 30 ? -4.802  11.163  13.696  1.00 42.11  ? 44  A   A "C3'" 1 
ATOM   629  O  "O3'" . A   A 1 30 ? -5.326  12.482  13.761  1.00 44.88  ? 44  A   A "O3'" 1 
ATOM   630  C  "C2'" . A   A 1 30 ? -3.345  11.177  13.266  1.00 40.90  ? 44  A   A "C2'" 1 
ATOM   631  O  "O2'" . A   A 1 30 ? -2.597  12.141  13.981  1.00 39.68  ? 44  A   A "O2'" 1 
ATOM   632  C  "C1'" . A   A 1 30 ? -2.918  9.775   13.701  1.00 39.49  ? 44  A   A "C1'" 1 
ATOM   633  N  N9    . A   A 1 30 ? -3.141  8.795   12.641  1.00 37.69  ? 44  A   A N9    1 
ATOM   634  C  C8    . A   A 1 30 ? -4.130  7.845   12.567  1.00 36.81  ? 44  A   A C8    1 
ATOM   635  N  N7    . A   A 1 30 ? -4.079  7.114   11.480  1.00 36.15  ? 44  A   A N7    1 
ATOM   636  C  C5    . A   A 1 30 ? -2.981  7.614   10.792  1.00 35.61  ? 44  A   A C5    1 
ATOM   637  C  C6    . A   A 1 30 ? -2.396  7.263   9.562   1.00 34.56  ? 44  A   A C6    1 
ATOM   638  N  N6    . A   A 1 30 ? -2.862  6.292   8.773   1.00 33.02  ? 44  A   A N6    1 
ATOM   639  N  N1    . A   A 1 30 ? -1.307  7.958   9.164   1.00 34.50  ? 44  A   A N1    1 
ATOM   640  C  C2    . A   A 1 30 ? -0.847  8.939   9.954   1.00 34.05  ? 44  A   A C2    1 
ATOM   641  N  N3    . A   A 1 30 ? -1.312  9.362   11.129  1.00 35.56  ? 44  A   A N3    1 
ATOM   642  C  C4    . A   A 1 30 ? -2.392  8.649   11.496  1.00 36.20  ? 44  A   A C4    1 
ATOM   643  P  P     . A   A 1 31 ? -6.158  13.064  12.514  1.00 47.26  ? 45  A   A P     1 
ATOM   644  O  OP1   . A   A 1 31 ? -6.587  14.443  12.860  1.00 47.76  ? 45  A   A OP1   1 
ATOM   645  O  OP2   . A   A 1 31 ? -7.171  12.047  12.139  1.00 47.67  ? 45  A   A OP2   1 
ATOM   646  O  "O5'" . A   A 1 31 ? -5.099  13.138  11.325  1.00 45.83  ? 45  A   A "O5'" 1 
ATOM   647  C  "C5'" . A   A 1 31 ? -3.956  13.978  11.425  1.00 45.50  ? 45  A   A "C5'" 1 
ATOM   648  C  "C4'" . A   A 1 31 ? -3.019  13.743  10.264  1.00 44.18  ? 45  A   A "C4'" 1 
ATOM   649  O  "O4'" . A   A 1 31 ? -2.753  12.331  10.102  1.00 43.32  ? 45  A   A "O4'" 1 
ATOM   650  C  "C3'" . A   A 1 31 ? -3.543  14.108  8.890   1.00 44.75  ? 45  A   A "C3'" 1 
ATOM   651  O  "O3'" . A   A 1 31 ? -3.489  15.510  8.676   1.00 44.90  ? 45  A   A "O3'" 1 
ATOM   652  C  "C2'" . A   A 1 31 ? -2.553  13.383  7.984   1.00 44.05  ? 45  A   A "C2'" 1 
ATOM   653  O  "O2'" . A   A 1 31 ? -1.355  14.110  7.809   1.00 46.03  ? 45  A   A "O2'" 1 
ATOM   654  C  "C1'" . A   A 1 31 ? -2.265  12.113  8.789   1.00 42.76  ? 45  A   A "C1'" 1 
ATOM   655  N  N9    . A   A 1 31 ? -2.901  10.920  8.233   1.00 40.98  ? 45  A   A N9    1 
ATOM   656  C  C8    . A   A 1 31 ? -4.001  10.232  8.686   1.00 39.85  ? 45  A   A C8    1 
ATOM   657  N  N7    . A   A 1 31 ? -4.302  9.181   7.962   1.00 38.56  ? 45  A   A N7    1 
ATOM   658  C  C5    . A   A 1 31 ? -3.336  9.178   6.963   1.00 38.96  ? 45  A   A C5    1 
ATOM   659  C  C6    . A   A 1 31 ? -3.094  8.313   5.881   1.00 39.30  ? 45  A   A C6    1 
ATOM   660  N  N6    . A   A 1 31 ? -3.827  7.228   5.618   1.00 39.10  ? 45  A   A N6    1 
ATOM   661  N  N1    . A   A 1 31 ? -2.054  8.602   5.067   1.00 39.48  ? 45  A   A N1    1 
ATOM   662  C  C2    . A   A 1 31 ? -1.311  9.682   5.337   1.00 38.82  ? 45  A   A C2    1 
ATOM   663  N  N3    . A   A 1 31 ? -1.432  10.563  6.326   1.00 38.71  ? 45  A   A N3    1 
ATOM   664  C  C4    . A   A 1 31 ? -2.476  10.249  7.113   1.00 39.49  ? 45  A   A C4    1 
ATOM   665  P  P     . G   A 1 32 ? -4.488  16.187  7.616   1.00 45.60  ? 46  G   A P     1 
ATOM   666  O  OP1   . G   A 1 32 ? -4.221  17.648  7.612   1.00 45.77  ? 46  G   A OP1   1 
ATOM   667  O  OP2   . G   A 1 32 ? -5.858  15.686  7.908   1.00 42.43  ? 46  G   A OP2   1 
ATOM   668  O  "O5'" . G   A 1 32 ? -4.028  15.581  6.216   1.00 41.22  ? 46  G   A "O5'" 1 
ATOM   669  C  "C5'" . G   A 1 32 ? -2.779  15.942  5.644   1.00 38.76  ? 46  G   A "C5'" 1 
ATOM   670  C  "C4'" . G   A 1 32 ? -2.537  15.148  4.385   1.00 38.84  ? 46  G   A "C4'" 1 
ATOM   671  O  "O4'" . G   A 1 32 ? -2.462  13.739  4.721   1.00 38.10  ? 46  G   A "O4'" 1 
ATOM   672  C  "C3'" . G   A 1 32 ? -3.643  15.212  3.345   1.00 39.43  ? 46  G   A "C3'" 1 
ATOM   673  O  "O3'" . G   A 1 32 ? -3.510  16.382  2.541   1.00 40.68  ? 46  G   A "O3'" 1 
ATOM   674  C  "C2'" . G   A 1 32 ? -3.383  13.944  2.539   1.00 39.43  ? 46  G   A "C2'" 1 
ATOM   675  O  "O2'" . G   A 1 32 ? -2.344  14.093  1.590   1.00 40.79  ? 46  G   A "O2'" 1 
ATOM   676  C  "C1'" . G   A 1 32 ? -2.950  12.967  3.637   1.00 37.84  ? 46  G   A "C1'" 1 
ATOM   677  N  N9    . G   A 1 32 ? -4.042  12.135  4.132   1.00 36.70  ? 46  G   A N9    1 
ATOM   678  C  C8    . G   A 1 32 ? -4.932  12.451  5.128   1.00 35.99  ? 46  G   A C8    1 
ATOM   679  N  N7    . G   A 1 32 ? -5.808  11.511  5.351   1.00 35.55  ? 46  G   A N7    1 
ATOM   680  C  C5    . G   A 1 32 ? -5.478  10.509  4.448   1.00 34.54  ? 46  G   A C5    1 
ATOM   681  C  C6    . G   A 1 32 ? -6.073  9.244   4.226   1.00 34.07  ? 46  G   A C6    1 
ATOM   682  O  O6    . G   A 1 32 ? -7.044  8.741   4.797   1.00 34.16  ? 46  G   A O6    1 
ATOM   683  N  N1    . G   A 1 32 ? -5.420  8.538   3.221   1.00 34.70  ? 46  G   A N1    1 
ATOM   684  C  C2    . G   A 1 32 ? -4.330  8.989   2.519   1.00 35.44  ? 46  G   A C2    1 
ATOM   685  N  N2    . G   A 1 32 ? -3.840  8.152   1.591   1.00 32.40  ? 46  G   A N2    1 
ATOM   686  N  N3    . G   A 1 32 ? -3.763  10.174  2.713   1.00 35.96  ? 46  G   A N3    1 
ATOM   687  C  C4    . G   A 1 32 ? -4.387  10.876  3.689   1.00 36.44  ? 46  G   A C4    1 
ATOM   688  P  P     . U   A 1 33 ? -4.804  17.288  2.225   1.00 41.16  ? 47  U   A P     1 
ATOM   689  O  OP1   . U   A 1 33 ? -4.313  18.544  1.600   1.00 39.55  ? 47  U   A OP1   1 
ATOM   690  O  OP2   . U   A 1 33 ? -5.654  17.356  3.442   1.00 38.32  ? 47  U   A OP2   1 
ATOM   691  O  "O5'" . U   A 1 33 ? -5.595  16.467  1.114   1.00 40.21  ? 47  U   A "O5'" 1 
ATOM   692  C  "C5'" . U   A 1 33 ? -5.316  16.654  -0.269  1.00 44.61  ? 47  U   A "C5'" 1 
ATOM   693  C  "C4'" . U   A 1 33 ? -6.508  16.240  -1.098  1.00 47.69  ? 47  U   A "C4'" 1 
ATOM   694  O  "O4'" . U   A 1 33 ? -6.822  14.848  -0.809  1.00 48.05  ? 47  U   A "O4'" 1 
ATOM   695  C  "C3'" . U   A 1 33 ? -7.784  17.032  -0.827  1.00 49.11  ? 47  U   A "C3'" 1 
ATOM   696  O  "O3'" . U   A 1 33 ? -8.486  17.265  -2.043  1.00 52.32  ? 47  U   A "O3'" 1 
ATOM   697  C  "C2'" . U   A 1 33 ? -8.572  16.108  0.098   1.00 48.14  ? 47  U   A "C2'" 1 
ATOM   698  O  "O2'" . U   A 1 33 ? -9.973  16.273  0.027   1.00 46.04  ? 47  U   A "O2'" 1 
ATOM   699  C  "C1'" . U   A 1 33 ? -8.181  14.738  -0.444  1.00 48.23  ? 47  U   A "C1'" 1 
ATOM   700  N  N1    . U   A 1 33 ? -8.311  13.672  0.557   1.00 48.94  ? 47  U   A N1    1 
ATOM   701  C  C2    . U   A 1 33 ? -9.027  12.546  0.204   1.00 48.80  ? 47  U   A C2    1 
ATOM   702  O  O2    . U   A 1 33 ? -9.509  12.387  -0.906  1.00 48.71  ? 47  U   A O2    1 
ATOM   703  N  N3    . U   A 1 33 ? -9.151  11.606  1.195   1.00 48.33  ? 47  U   A N3    1 
ATOM   704  C  C4    . U   A 1 33 ? -8.628  11.672  2.470   1.00 49.99  ? 47  U   A C4    1 
ATOM   705  O  O4    . U   A 1 33 ? -8.841  10.751  3.257   1.00 52.68  ? 47  U   A O4    1 
ATOM   706  C  C5    . U   A 1 33 ? -7.882  12.859  2.749   1.00 49.77  ? 47  U   A C5    1 
ATOM   707  C  C6    . U   A 1 33 ? -7.752  13.796  1.807   1.00 49.29  ? 47  U   A C6    1 
ATOM   708  P  P     . U   A 1 34 ? -8.710  18.770  -2.556  1.00 55.71  ? 48  U   A P     1 
ATOM   709  O  OP1   . U   A 1 34 ? -9.797  18.719  -3.566  1.00 56.25  ? 48  U   A OP1   1 
ATOM   710  O  OP2   . U   A 1 34 ? -7.392  19.357  -2.921  1.00 54.06  ? 48  U   A OP2   1 
ATOM   711  O  "O5'" . U   A 1 34 ? -9.279  19.536  -1.279  1.00 56.41  ? 48  U   A "O5'" 1 
ATOM   712  C  "C5'" . U   A 1 34 ? -10.639 19.375  -0.875  1.00 57.88  ? 48  U   A "C5'" 1 
ATOM   713  C  "C4'" . U   A 1 34 ? -10.812 19.804  0.563   1.00 58.79  ? 48  U   A "C4'" 1 
ATOM   714  O  "O4'" . U   A 1 34 ? -10.371 21.180  0.700   1.00 59.79  ? 48  U   A "O4'" 1 
ATOM   715  C  "C3'" . U   A 1 34 ? -12.242 19.752  1.101   1.00 60.39  ? 48  U   A "C3'" 1 
ATOM   716  O  "O3'" . U   A 1 34 ? -12.279 19.138  2.383   1.00 59.64  ? 48  U   A "O3'" 1 
ATOM   717  C  "C2'" . U   A 1 34 ? -12.636 21.222  1.225   1.00 61.60  ? 48  U   A "C2'" 1 
ATOM   718  O  "O2'" . U   A 1 34 ? -13.518 21.460  2.306   1.00 62.40  ? 48  U   A "O2'" 1 
ATOM   719  C  "C1'" . U   A 1 34 ? -11.288 21.876  1.507   1.00 61.48  ? 48  U   A "C1'" 1 
ATOM   720  N  N1    . U   A 1 34 ? -11.241 23.298  1.145   1.00 62.24  ? 48  U   A N1    1 
ATOM   721  C  C2    . U   A 1 34 ? -10.863 24.191  2.124   1.00 63.36  ? 48  U   A C2    1 
ATOM   722  O  O2    . U   A 1 34 ? -10.568 23.845  3.253   1.00 63.59  ? 48  U   A O2    1 
ATOM   723  N  N3    . U   A 1 34 ? -10.844 25.505  1.731   1.00 64.51  ? 48  U   A N3    1 
ATOM   724  C  C4    . U   A 1 34 ? -11.158 26.002  0.486   1.00 65.00  ? 48  U   A C4    1 
ATOM   725  O  O4    . U   A 1 34 ? -11.083 27.214  0.282   1.00 66.56  ? 48  U   A O4    1 
ATOM   726  C  C5    . U   A 1 34 ? -11.538 25.012  -0.473  1.00 64.86  ? 48  U   A C5    1 
ATOM   727  C  C6    . U   A 1 34 ? -11.564 23.725  -0.119  1.00 63.67  ? 48  U   A C6    1 
ATOM   728  P  P     . U   A 1 35 ? -12.259 17.536  2.500   1.00 61.05  ? 49  U   A P     1 
ATOM   729  O  OP1   . U   A 1 35 ? -13.033 17.171  3.715   1.00 60.46  ? 49  U   A OP1   1 
ATOM   730  O  OP2   . U   A 1 35 ? -10.848 17.085  2.364   1.00 60.78  ? 49  U   A OP2   1 
ATOM   731  O  "O5'" . U   A 1 35 ? -13.068 17.040  1.218   1.00 59.19  ? 49  U   A "O5'" 1 
ATOM   732  C  "C5'" . U   A 1 35 ? -14.473 16.806  1.277   1.00 54.85  ? 49  U   A "C5'" 1 
ATOM   733  C  "C4'" . U   A 1 35 ? -14.794 15.437  0.721   1.00 52.84  ? 49  U   A "C4'" 1 
ATOM   734  O  "O4'" . U   A 1 35 ? -14.562 15.429  -0.712  1.00 51.57  ? 49  U   A "O4'" 1 
ATOM   735  C  "C3'" . U   A 1 35 ? -13.964 14.291  1.300   1.00 51.20  ? 49  U   A "C3'" 1 
ATOM   736  O  "O3'" . U   A 1 35 ? -14.800 13.246  1.776   1.00 51.03  ? 49  U   A "O3'" 1 
ATOM   737  C  "C2'" . U   A 1 35 ? -13.121 13.802  0.123   1.00 50.34  ? 49  U   A "C2'" 1 
ATOM   738  O  "O2'" . U   A 1 35 ? -12.932 12.403  0.130   1.00 49.47  ? 49  U   A "O2'" 1 
ATOM   739  C  "C1'" . U   A 1 35 ? -13.981 14.199  -1.072  1.00 50.22  ? 49  U   A "C1'" 1 
ATOM   740  N  N1    . U   A 1 35 ? -13.194 14.392  -2.297  1.00 49.67  ? 49  U   A N1    1 
ATOM   741  C  C2    . U   A 1 35 ? -13.555 13.659  -3.409  1.00 49.87  ? 49  U   A C2    1 
ATOM   742  O  O2    . U   A 1 35 ? -14.498 12.885  -3.414  1.00 51.54  ? 49  U   A O2    1 
ATOM   743  N  N3    . U   A 1 35 ? -12.770 13.863  -4.516  1.00 48.71  ? 49  U   A N3    1 
ATOM   744  C  C4    . U   A 1 35 ? -11.687 14.708  -4.621  1.00 48.92  ? 49  U   A C4    1 
ATOM   745  O  O4    . U   A 1 35 ? -11.067 14.768  -5.684  1.00 49.47  ? 49  U   A O4    1 
ATOM   746  C  C5    . U   A 1 35 ? -11.382 15.438  -3.429  1.00 48.92  ? 49  U   A C5    1 
ATOM   747  C  C6    . U   A 1 35 ? -12.129 15.260  -2.335  1.00 49.15  ? 49  U   A C6    1 
ATOM   748  P  P     . C   A 1 36 ? -14.299 12.321  2.989   1.00 51.54  ? 50  C   A P     1 
ATOM   749  O  OP1   . C   A 1 36 ? -14.471 13.071  4.261   1.00 51.37  ? 50  C   A OP1   1 
ATOM   750  O  OP2   . C   A 1 36 ? -12.954 11.815  2.617   1.00 51.83  ? 50  C   A OP2   1 
ATOM   751  O  "O5'" . C   A 1 36 ? -15.313 11.092  2.983   1.00 49.60  ? 50  C   A "O5'" 1 
ATOM   752  C  "C5'" . C   A 1 36 ? -16.719 11.302  3.028   1.00 47.05  ? 50  C   A "C5'" 1 
ATOM   753  C  "C4'" . C   A 1 36 ? -17.434 10.199  2.286   1.00 46.13  ? 50  C   A "C4'" 1 
ATOM   754  O  "O4'" . C   A 1 36 ? -17.433 10.497  0.866   1.00 45.16  ? 50  C   A "O4'" 1 
ATOM   755  C  "C3'" . C   A 1 36 ? -16.783 8.830   2.361   1.00 46.51  ? 50  C   A "C3'" 1 
ATOM   756  O  "O3'" . C   A 1 36 ? -17.149 8.156   3.558   1.00 47.62  ? 50  C   A "O3'" 1 
ATOM   757  C  "C2'" . C   A 1 36 ? -17.363 8.135   1.134   1.00 46.21  ? 50  C   A "C2'" 1 
ATOM   758  O  "O2'" . C   A 1 36 ? -18.654 7.596   1.351   1.00 46.55  ? 50  C   A "O2'" 1 
ATOM   759  C  "C1'" . C   A 1 36 ? -17.434 9.286   0.130   1.00 44.44  ? 50  C   A "C1'" 1 
ATOM   760  N  N1    . C   A 1 36 ? -16.295 9.311   -0.800  1.00 44.16  ? 50  C   A N1    1 
ATOM   761  C  C2    . C   A 1 36 ? -16.181 8.295   -1.758  1.00 44.71  ? 50  C   A C2    1 
ATOM   762  O  O2    . C   A 1 36 ? -17.044 7.402   -1.795  1.00 44.24  ? 50  C   A O2    1 
ATOM   763  N  N3    . C   A 1 36 ? -15.135 8.313   -2.618  1.00 43.92  ? 50  C   A N3    1 
ATOM   764  C  C4    . C   A 1 36 ? -14.231 9.291   -2.549  1.00 43.70  ? 50  C   A C4    1 
ATOM   765  N  N4    . C   A 1 36 ? -13.221 9.272   -3.421  1.00 43.48  ? 50  C   A N4    1 
ATOM   766  C  C5    . C   A 1 36 ? -14.323 10.336  -1.585  1.00 44.50  ? 50  C   A C5    1 
ATOM   767  C  C6    . C   A 1 36 ? -15.362 10.307  -0.737  1.00 44.72  ? 50  C   A C6    1 
ATOM   768  P  P     . U   A 1 37 ? -16.068 7.235   4.315   1.00 48.57  ? 51  U   A P     1 
ATOM   769  O  OP1   . U   A 1 37 ? -16.775 6.451   5.359   1.00 47.44  ? 51  U   A OP1   1 
ATOM   770  O  OP2   . U   A 1 37 ? -14.936 8.121   4.703   1.00 48.89  ? 51  U   A OP2   1 
ATOM   771  O  "O5'" . U   A 1 37 ? -15.572 6.219   3.189   1.00 46.61  ? 51  U   A "O5'" 1 
ATOM   772  C  "C5'" . U   A 1 37 ? -16.387 5.117   2.791   1.00 45.91  ? 51  U   A "C5'" 1 
ATOM   773  C  "C4'" . U   A 1 37 ? -15.761 4.388   1.621   1.00 44.95  ? 51  U   A "C4'" 1 
ATOM   774  O  "O4'" . U   A 1 37 ? -15.572 5.318   0.527   1.00 44.17  ? 51  U   A "O4'" 1 
ATOM   775  C  "C3'" . U   A 1 37 ? -14.379 3.807   1.868   1.00 46.19  ? 51  U   A "C3'" 1 
ATOM   776  O  "O3'" . U   A 1 37 ? -14.480 2.511   2.449   1.00 45.92  ? 51  U   A "O3'" 1 
ATOM   777  C  "C2'" . U   A 1 37 ? -13.792 3.735   0.461   1.00 45.04  ? 51  U   A "C2'" 1 
ATOM   778  O  "O2'" . U   A 1 37 ? -14.168 2.573   -0.248  1.00 45.91  ? 51  U   A "O2'" 1 
ATOM   779  C  "C1'" . U   A 1 37 ? -14.408 4.969   -0.200  1.00 43.47  ? 51  U   A "C1'" 1 
ATOM   780  N  N1    . U   A 1 37 ? -13.509 6.128   -0.208  1.00 42.87  ? 51  U   A N1    1 
ATOM   781  C  C2    . U   A 1 37 ? -12.574 6.202   -1.220  1.00 42.83  ? 51  U   A C2    1 
ATOM   782  O  O2    . U   A 1 37 ? -12.467 5.344   -2.083  1.00 43.30  ? 51  U   A O2    1 
ATOM   783  N  N3    . U   A 1 37 ? -11.771 7.316   -1.187  1.00 41.31  ? 51  U   A N3    1 
ATOM   784  C  C4    . U   A 1 37 ? -11.813 8.341   -0.263  1.00 42.20  ? 51  U   A C4    1 
ATOM   785  O  O4    . U   A 1 37 ? -11.072 9.313   -0.408  1.00 44.18  ? 51  U   A O4    1 
ATOM   786  C  C5    . U   A 1 37 ? -12.800 8.183   0.761   1.00 41.85  ? 51  U   A C5    1 
ATOM   787  C  C6    . U   A 1 37 ? -13.594 7.109   0.753   1.00 42.57  ? 51  U   A C6    1 
ATOM   788  P  P     . A   A 1 38 ? -13.299 1.970   3.396   1.00 46.39  ? 52  A   A P     1 
ATOM   789  O  OP1   . A   A 1 38 ? -13.747 0.707   4.035   1.00 44.73  ? 52  A   A OP1   1 
ATOM   790  O  OP2   . A   A 1 38 ? -12.853 3.109   4.242   1.00 46.68  ? 52  A   A OP2   1 
ATOM   791  O  "O5'" . A   A 1 38 ? -12.124 1.625   2.378   1.00 45.54  ? 52  A   A "O5'" 1 
ATOM   792  C  "C5'" . A   A 1 38 ? -12.351 0.757   1.274   1.00 44.93  ? 52  A   A "C5'" 1 
ATOM   793  C  "C4'" . A   A 1 38 ? -11.188 0.822   0.322   1.00 43.13  ? 52  A   A "C4'" 1 
ATOM   794  O  "O4'" . A   A 1 38 ? -11.191 2.110   -0.346  1.00 43.30  ? 52  A   A "O4'" 1 
ATOM   795  C  "C3'" . A   A 1 38 ? -9.831  0.757   0.997   1.00 43.27  ? 52  A   A "C3'" 1 
ATOM   796  O  "O3'" . A   A 1 38 ? -9.466  -0.599  1.227   1.00 43.46  ? 52  A   A "O3'" 1 
ATOM   797  C  "C2'" . A   A 1 38 ? -8.934  1.447   -0.025  1.00 42.61  ? 52  A   A "C2'" 1 
ATOM   798  O  "O2'" . A   A 1 38 ? -8.571  0.612   -1.104  1.00 42.74  ? 52  A   A "O2'" 1 
ATOM   799  C  "C1'" . A   A 1 38 ? -9.857  2.553   -0.536  1.00 42.77  ? 52  A   A "C1'" 1 
ATOM   800  N  N9    . A   A 1 38 ? -9.691  3.827   0.163   1.00 41.86  ? 52  A   A N9    1 
ATOM   801  C  C8    . A   A 1 38 ? -10.415 4.305   1.229   1.00 42.65  ? 52  A   A C8    1 
ATOM   802  N  N7    . A   A 1 38 ? -10.036 5.496   1.633   1.00 42.76  ? 52  A   A N7    1 
ATOM   803  C  C5    . A   A 1 38 ? -8.991  5.821   0.778   1.00 42.23  ? 52  A   A C5    1 
ATOM   804  C  C6    . A   A 1 38 ? -8.164  6.958   0.680   1.00 41.88  ? 52  A   A C6    1 
ATOM   805  N  N6    . A   A 1 38 ? -8.270  8.025   1.479   1.00 40.75  ? 52  A   A N6    1 
ATOM   806  N  N1    . A   A 1 38 ? -7.214  6.962   -0.280  1.00 40.65  ? 52  A   A N1    1 
ATOM   807  C  C2    . A   A 1 38 ? -7.114  5.896   -1.086  1.00 41.58  ? 52  A   A C2    1 
ATOM   808  N  N3    . A   A 1 38 ? -7.834  4.775   -1.097  1.00 41.40  ? 52  A   A N3    1 
ATOM   809  C  C4    . A   A 1 38 ? -8.766  4.800   -0.129  1.00 41.61  ? 52  A   A C4    1 
ATOM   810  P  P     . C   A 1 39 ? -8.712  -0.999  2.590   1.00 44.22  ? 53  C   A P     1 
ATOM   811  O  OP1   . C   A 1 39 ? -8.592  -2.479  2.648   1.00 44.41  ? 53  C   A OP1   1 
ATOM   812  O  OP2   . C   A 1 39 ? -9.384  -0.272  3.699   1.00 43.40  ? 53  C   A OP2   1 
ATOM   813  O  "O5'" . C   A 1 39 ? -7.249  -0.391  2.404   1.00 42.33  ? 53  C   A "O5'" 1 
ATOM   814  C  "C5'" . C   A 1 39 ? -6.452  -0.742  1.273   1.00 38.73  ? 53  C   A "C5'" 1 
ATOM   815  C  "C4'" . C   A 1 39 ? -5.252  0.170   1.173   1.00 37.24  ? 53  C   A "C4'" 1 
ATOM   816  O  "O4'" . C   A 1 39 ? -5.689  1.490   0.762   1.00 38.52  ? 53  C   A "O4'" 1 
ATOM   817  C  "C3'" . C   A 1 39 ? -4.481  0.385   2.467   1.00 35.65  ? 53  C   A "C3'" 1 
ATOM   818  O  "O3'" . C   A 1 39 ? -3.448  -0.586  2.544   1.00 35.53  ? 53  C   A "O3'" 1 
ATOM   819  C  "C2'" . C   A 1 39 ? -3.858  1.762   2.260   1.00 36.02  ? 53  C   A "C2'" 1 
ATOM   820  O  "O2'" . C   A 1 39 ? -2.637  1.714   1.552   1.00 36.20  ? 53  C   A "O2'" 1 
ATOM   821  C  "C1'" . C   A 1 39 ? -4.916  2.474   1.417   1.00 36.71  ? 53  C   A "C1'" 1 
ATOM   822  N  N1    . C   A 1 39 ? -5.817  3.324   2.209   1.00 36.65  ? 53  C   A N1    1 
ATOM   823  C  C2    . C   A 1 39 ? -5.603  4.700   2.217   1.00 36.58  ? 53  C   A C2    1 
ATOM   824  O  O2    . C   A 1 39 ? -4.665  5.163   1.554   1.00 36.83  ? 53  C   A O2    1 
ATOM   825  N  N3    . C   A 1 39 ? -6.419  5.493   2.946   1.00 37.32  ? 53  C   A N3    1 
ATOM   826  C  C4    . C   A 1 39 ? -7.416  4.955   3.649   1.00 38.01  ? 53  C   A C4    1 
ATOM   827  N  N4    . C   A 1 39 ? -8.192  5.774   4.361   1.00 38.04  ? 53  C   A N4    1 
ATOM   828  C  C5    . C   A 1 39 ? -7.661  3.551   3.656   1.00 37.99  ? 53  C   A C5    1 
ATOM   829  C  C6    . C   A 1 39 ? -6.844  2.780   2.928   1.00 37.24  ? 53  C   A C6    1 
ATOM   830  P  P     . C   A 1 40 ? -3.291  -1.498  3.858   1.00 31.36  ? 54  C   A P     1 
ATOM   831  O  OP1   . C   A 1 40 ? -4.636  -1.773  4.414   1.00 31.51  ? 54  C   A OP1   1 
ATOM   832  O  OP2   . C   A 1 40 ? -2.261  -0.864  4.715   1.00 31.51  ? 54  C   A OP2   1 
ATOM   833  O  "O5'" . C   A 1 40 ? -2.681  -2.851  3.276   1.00 29.46  ? 54  C   A "O5'" 1 
ATOM   834  C  "C5'" . C   A 1 40 ? -3.451  -4.043  3.230   1.00 27.47  ? 54  C   A "C5'" 1 
ATOM   835  C  "C4'" . C   A 1 40 ? -3.869  -4.359  1.810   1.00 27.31  ? 54  C   A "C4'" 1 
ATOM   836  O  "O4'" . C   A 1 40 ? -3.862  -3.178  0.967   1.00 27.05  ? 54  C   A "O4'" 1 
ATOM   837  C  "C3'" . C   A 1 40 ? -2.972  -5.285  1.015   1.00 27.26  ? 54  C   A "C3'" 1 
ATOM   838  O  "O3'" . C   A 1 40 ? -3.064  -6.630  1.464   1.00 29.64  ? 54  C   A "O3'" 1 
ATOM   839  C  "C2'" . C   A 1 40 ? -3.552  -5.101  -0.380  1.00 26.07  ? 54  C   A "C2'" 1 
ATOM   840  O  "O2'" . C   A 1 40 ? -4.782  -5.770  -0.541  1.00 26.83  ? 54  C   A "O2'" 1 
ATOM   841  C  "C1'" . C   A 1 40 ? -3.802  -3.590  -0.396  1.00 24.96  ? 54  C   A "C1'" 1 
ATOM   842  N  N1    . C   A 1 40 ? -2.723  -2.853  -1.075  1.00 24.65  ? 54  C   A N1    1 
ATOM   843  C  C2    . C   A 1 40 ? -2.494  -3.100  -2.434  1.00 24.82  ? 54  C   A C2    1 
ATOM   844  O  O2    . C   A 1 40 ? -3.210  -3.923  -3.020  1.00 26.15  ? 54  C   A O2    1 
ATOM   845  N  N3    . C   A 1 40 ? -1.501  -2.438  -3.073  1.00 23.47  ? 54  C   A N3    1 
ATOM   846  C  C4    . C   A 1 40 ? -0.750  -1.557  -2.406  1.00 24.36  ? 54  C   A C4    1 
ATOM   847  N  N4    . C   A 1 40 ? 0.221   -0.924  -3.076  1.00 21.97  ? 54  C   A N4    1 
ATOM   848  C  C5    . C   A 1 40 ? -0.962  -1.283  -1.022  1.00 23.80  ? 54  C   A C5    1 
ATOM   849  C  C6    . C   A 1 40 ? -1.951  -1.947  -0.401  1.00 25.03  ? 54  C   A C6    1 
ATOM   850  P  P     . G   A 1 41 ? -1.805  -7.614  1.284   1.00 30.26  ? 55  G   A P     1 
ATOM   851  O  OP1   . G   A 1 41 ? -2.039  -8.815  2.127   1.00 31.28  ? 55  G   A OP1   1 
ATOM   852  O  OP2   . G   A 1 41 ? -0.573  -6.809  1.485   1.00 29.98  ? 55  G   A OP2   1 
ATOM   853  O  "O5'" . G   A 1 41 ? -1.875  -8.048  -0.248  1.00 29.80  ? 55  G   A "O5'" 1 
ATOM   854  C  "C5'" . G   A 1 41 ? -3.014  -8.740  -0.751  1.00 30.72  ? 55  G   A "C5'" 1 
ATOM   855  C  "C4'" . G   A 1 41 ? -2.798  -9.142  -2.193  1.00 30.31  ? 55  G   A "C4'" 1 
ATOM   856  O  "O4'" . G   A 1 41 ? -2.862  -7.960  -3.033  1.00 30.89  ? 55  G   A "O4'" 1 
ATOM   857  C  "C3'" . G   A 1 41 ? -1.451  -9.763  -2.522  1.00 31.01  ? 55  G   A "C3'" 1 
ATOM   858  O  "O3'" . G   A 1 41 ? -1.469  -11.164 -2.286  1.00 31.37  ? 55  G   A "O3'" 1 
ATOM   859  C  "C2'" . G   A 1 41 ? -1.334  -9.473  -4.008  1.00 29.58  ? 55  G   A "C2'" 1 
ATOM   860  O  "O2'" . G   A 1 41 ? -2.127  -10.341 -4.788  1.00 31.59  ? 55  G   A "O2'" 1 
ATOM   861  C  "C1'" . G   A 1 41 ? -1.908  -8.062  -4.073  1.00 28.06  ? 55  G   A "C1'" 1 
ATOM   862  N  N9    . G   A 1 41 ? -0.894  -7.043  -3.850  1.00 24.20  ? 55  G   A N9    1 
ATOM   863  C  C8    . G   A 1 41 ? -0.514  -6.499  -2.645  1.00 23.96  ? 55  G   A C8    1 
ATOM   864  N  N7    . G   A 1 41 ? 0.425   -5.600  -2.763  1.00 23.80  ? 55  G   A N7    1 
ATOM   865  C  C5    . G   A 1 41 ? 0.680   -5.550  -4.128  1.00 23.41  ? 55  G   A C5    1 
ATOM   866  C  C6    . G   A 1 41 ? 1.599   -4.756  -4.864  1.00 21.77  ? 55  G   A C6    1 
ATOM   867  O  O6    . G   A 1 41 ? 2.393   -3.912  -4.444  1.00 23.97  ? 55  G   A O6    1 
ATOM   868  N  N1    . G   A 1 41 ? 1.530   -5.026  -6.226  1.00 21.37  ? 55  G   A N1    1 
ATOM   869  C  C2    . G   A 1 41 ? 0.686   -5.938  -6.810  1.00 20.50  ? 55  G   A C2    1 
ATOM   870  N  N2    . G   A 1 41 ? 0.776   -6.054  -8.143  1.00 16.97  ? 55  G   A N2    1 
ATOM   871  N  N3    . G   A 1 41 ? -0.181  -6.681  -6.136  1.00 20.95  ? 55  G   A N3    1 
ATOM   872  C  C4    . G   A 1 41 ? -0.127  -6.436  -4.811  1.00 23.44  ? 55  G   A C4    1 
ATOM   873  P  P     . G   A 1 42 ? -0.137  -11.896 -1.775  1.00 28.99  ? 56  G   A P     1 
ATOM   874  O  OP1   . G   A 1 42 ? -0.528  -13.244 -1.284  1.00 29.68  ? 56  G   A OP1   1 
ATOM   875  O  OP2   . G   A 1 42 ? 0.589   -10.964 -0.876  1.00 27.27  ? 56  G   A OP2   1 
ATOM   876  O  "O5'" . G   A 1 42 ? 0.740   -12.059 -3.089  1.00 30.53  ? 56  G   A "O5'" 1 
ATOM   877  C  "C5'" . G   A 1 42 ? 0.396   -13.017 -4.082  1.00 31.72  ? 56  G   A "C5'" 1 
ATOM   878  C  "C4'" . G   A 1 42 ? 1.092   -12.690 -5.381  1.00 30.87  ? 56  G   A "C4'" 1 
ATOM   879  O  "O4'" . G   A 1 42 ? 0.751   -11.334 -5.782  1.00 30.53  ? 56  G   A "O4'" 1 
ATOM   880  C  "C3'" . G   A 1 42 ? 2.609   -12.654 -5.335  1.00 29.11  ? 56  G   A "C3'" 1 
ATOM   881  O  "O3'" . G   A 1 42 ? 3.179   -13.953 -5.401  1.00 30.37  ? 56  G   A "O3'" 1 
ATOM   882  C  "C2'" . G   A 1 42 ? 2.910   -11.853 -6.589  1.00 29.38  ? 56  G   A "C2'" 1 
ATOM   883  O  "O2'" . G   A 1 42 ? 2.713   -12.596 -7.774  1.00 28.57  ? 56  G   A "O2'" 1 
ATOM   884  C  "C1'" . G   A 1 42 ? 1.844   -10.764 -6.489  1.00 30.07  ? 56  G   A "C1'" 1 
ATOM   885  N  N9    . G   A 1 42 ? 2.347   -9.623  -5.732  1.00 30.09  ? 56  G   A N9    1 
ATOM   886  C  C8    . G   A 1 42 ? 2.167   -9.360  -4.397  1.00 30.08  ? 56  G   A C8    1 
ATOM   887  N  N7    . G   A 1 42 ? 2.782   -8.279  -4.001  1.00 29.71  ? 56  G   A N7    1 
ATOM   888  C  C5    . G   A 1 42 ? 3.397   -7.796  -5.147  1.00 31.01  ? 56  G   A C5    1 
ATOM   889  C  C6    . G   A 1 42 ? 4.214   -6.653  -5.340  1.00 32.09  ? 56  G   A C6    1 
ATOM   890  O  O6    . G   A 1 42 ? 4.570   -5.811  -4.507  1.00 31.39  ? 56  G   A O6    1 
ATOM   891  N  N1    . G   A 1 42 ? 4.630   -6.538  -6.665  1.00 33.95  ? 56  G   A N1    1 
ATOM   892  C  C2    . G   A 1 42 ? 4.298   -7.407  -7.677  1.00 33.59  ? 56  G   A C2    1 
ATOM   893  N  N2    . G   A 1 42 ? 4.792   -7.123  -8.894  1.00 31.24  ? 56  G   A N2    1 
ATOM   894  N  N3    . G   A 1 42 ? 3.537   -8.477  -7.508  1.00 32.09  ? 56  G   A N3    1 
ATOM   895  C  C4    . G   A 1 42 ? 3.128   -8.609  -6.226  1.00 30.98  ? 56  G   A C4    1 
ATOM   896  P  P     . G   A 1 43 ? 4.737   -14.150 -5.062  1.00 30.63  ? 57  G   A P     1 
ATOM   897  O  OP1   . G   A 1 43 ? 5.046   -15.601 -5.074  1.00 33.54  ? 57  G   A OP1   1 
ATOM   898  O  OP2   . G   A 1 43 ? 5.016   -13.357 -3.844  1.00 33.04  ? 57  G   A OP2   1 
ATOM   899  O  "O5'" . G   A 1 43 ? 5.501   -13.453 -6.278  1.00 29.49  ? 57  G   A "O5'" 1 
ATOM   900  C  "C5'" . G   A 1 43 ? 5.532   -14.056 -7.574  1.00 25.94  ? 57  G   A "C5'" 1 
ATOM   901  C  "C4'" . G   A 1 43 ? 6.408   -13.253 -8.515  1.00 24.75  ? 57  G   A "C4'" 1 
ATOM   902  O  "O4'" . G   A 1 43 ? 5.896   -11.896 -8.630  1.00 23.63  ? 57  G   A "O4'" 1 
ATOM   903  C  "C3'" . G   A 1 43 ? 7.856   -13.067 -8.085  1.00 25.57  ? 57  G   A "C3'" 1 
ATOM   904  O  "O3'" . G   A 1 43 ? 8.660   -14.176 -8.472  1.00 24.62  ? 57  G   A "O3'" 1 
ATOM   905  C  "C2'" . G   A 1 43 ? 8.254   -11.820 -8.860  1.00 24.52  ? 57  G   A "C2'" 1 
ATOM   906  O  "O2'" . G   A 1 43 ? 8.538   -12.097 -10.215 1.00 28.16  ? 57  G   A "O2'" 1 
ATOM   907  C  "C1'" . G   A 1 43 ? 6.979   -10.981 -8.755  1.00 22.83  ? 57  G   A "C1'" 1 
ATOM   908  N  N9    . G   A 1 43 ? 6.990   -10.112 -7.581  1.00 18.78  ? 57  G   A N9    1 
ATOM   909  C  C8    . G   A 1 43 ? 6.341   -10.327 -6.391  1.00 18.48  ? 57  G   A C8    1 
ATOM   910  N  N7    . G   A 1 43 ? 6.560   -9.388  -5.512  1.00 17.82  ? 57  G   A N7    1 
ATOM   911  C  C5    . G   A 1 43 ? 7.396   -8.495  -6.162  1.00 15.64  ? 57  G   A C5    1 
ATOM   912  C  C6    . G   A 1 43 ? 7.978   -7.284  -5.705  1.00 15.85  ? 57  G   A C6    1 
ATOM   913  O  O6    . G   A 1 43 ? 7.866   -6.745  -4.596  1.00 14.75  ? 57  G   A O6    1 
ATOM   914  N  N1    . G   A 1 43 ? 8.771   -6.696  -6.687  1.00 15.40  ? 57  G   A N1    1 
ATOM   915  C  C2    . G   A 1 43 ? 8.986   -7.212  -7.942  1.00 13.82  ? 57  G   A C2    1 
ATOM   916  N  N2    . G   A 1 43 ? 9.811   -6.514  -8.735  1.00 9.88   ? 57  G   A N2    1 
ATOM   917  N  N3    . G   A 1 43 ? 8.440   -8.335  -8.382  1.00 16.34  ? 57  G   A N3    1 
ATOM   918  C  C4    . G   A 1 43 ? 7.666   -8.923  -7.444  1.00 16.10  ? 57  G   A C4    1 
ATOM   919  P  P     . C   A 1 44 ? 9.971   -14.536 -7.620  1.00 22.98  ? 58  C   A P     1 
ATOM   920  O  OP1   . C   A 1 44 ? 10.722  -15.609 -8.316  1.00 24.01  ? 58  C   A OP1   1 
ATOM   921  O  OP2   . C   A 1 44 ? 9.519   -14.744 -6.220  1.00 25.66  ? 58  C   A OP2   1 
ATOM   922  O  "O5'" . C   A 1 44 ? 10.841  -13.203 -7.671  1.00 24.61  ? 58  C   A "O5'" 1 
ATOM   923  C  "C5'" . C   A 1 44 ? 11.747  -12.978 -8.742  1.00 27.61  ? 58  C   A "C5'" 1 
ATOM   924  C  "C4'" . C   A 1 44 ? 12.372  -11.605 -8.635  1.00 27.78  ? 58  C   A "C4'" 1 
ATOM   925  O  "O4'" . C   A 1 44 ? 11.345  -10.600 -8.411  1.00 29.98  ? 58  C   A "O4'" 1 
ATOM   926  C  "C3'" . C   A 1 44 ? 13.332  -11.368 -7.483  1.00 27.09  ? 58  C   A "C3'" 1 
ATOM   927  O  "O3'" . C   A 1 44 ? 14.618  -11.909 -7.749  1.00 27.19  ? 58  C   A "O3'" 1 
ATOM   928  C  "C2'" . C   A 1 44 ? 13.378  -9.850  -7.473  1.00 27.44  ? 58  C   A "C2'" 1 
ATOM   929  O  "O2'" . C   A 1 44 ? 14.138  -9.335  -8.547  1.00 27.32  ? 58  C   A "O2'" 1 
ATOM   930  C  "C1'" . C   A 1 44 ? 11.897  -9.521  -7.670  1.00 28.18  ? 58  C   A "C1'" 1 
ATOM   931  N  N1    . C   A 1 44 ? 11.200  -9.440  -6.378  1.00 27.61  ? 58  C   A N1    1 
ATOM   932  C  C2    . C   A 1 44 ? 11.412  -8.318  -5.575  1.00 27.06  ? 58  C   A C2    1 
ATOM   933  O  O2    . C   A 1 44 ? 12.142  -7.409  -5.999  1.00 25.45  ? 58  C   A O2    1 
ATOM   934  N  N3    . C   A 1 44 ? 10.818  -8.252  -4.362  1.00 26.61  ? 58  C   A N3    1 
ATOM   935  C  C4    . C   A 1 44 ? 10.030  -9.247  -3.948  1.00 26.53  ? 58  C   A C4    1 
ATOM   936  N  N4    . C   A 1 44 ? 9.472   -9.142  -2.739  1.00 26.31  ? 58  C   A N4    1 
ATOM   937  C  C5    . C   A 1 44 ? 9.780   -10.395 -4.757  1.00 26.30  ? 58  C   A C5    1 
ATOM   938  C  C6    . C   A 1 44 ? 10.379  -10.449 -5.955  1.00 26.83  ? 58  C   A C6    1 
ATOM   939  P  P     . A   A 1 45 ? 15.496  -12.504 -6.539  1.00 27.65  ? 59  A   A P     1 
ATOM   940  O  OP1   . A   A 1 45 ? 16.643  -13.233 -7.134  1.00 29.35  ? 59  A   A OP1   1 
ATOM   941  O  OP2   . A   A 1 45 ? 14.576  -13.207 -5.610  1.00 28.69  ? 59  A   A OP2   1 
ATOM   942  O  "O5'" . A   A 1 45 ? 16.050  -11.221 -5.779  1.00 26.50  ? 59  A   A "O5'" 1 
ATOM   943  C  "C5'" . A   A 1 45 ? 17.121  -10.457 -6.320  1.00 27.12  ? 59  A   A "C5'" 1 
ATOM   944  C  "C4'" . A   A 1 45 ? 17.164  -9.095  -5.675  1.00 26.30  ? 59  A   A "C4'" 1 
ATOM   945  O  "O4'" . A   A 1 45 ? 15.804  -8.635  -5.468  1.00 26.06  ? 59  A   A "O4'" 1 
ATOM   946  C  "C3'" . A   A 1 45 ? 17.776  -9.060  -4.285  1.00 27.13  ? 59  A   A "C3'" 1 
ATOM   947  O  "O3'" . A   A 1 45 ? 19.185  -8.927  -4.374  1.00 28.74  ? 59  A   A "O3'" 1 
ATOM   948  C  "C2'" . A   A 1 45 ? 17.145  -7.810  -3.692  1.00 26.38  ? 59  A   A "C2'" 1 
ATOM   949  O  "O2'" . A   A 1 45 ? 17.770  -6.625  -4.137  1.00 26.99  ? 59  A   A "O2'" 1 
ATOM   950  C  "C1'" . A   A 1 45 ? 15.732  -7.885  -4.267  1.00 25.77  ? 59  A   A "C1'" 1 
ATOM   951  N  N9    . A   A 1 45 ? 14.760  -8.527  -3.383  1.00 24.98  ? 59  A   A N9    1 
ATOM   952  C  C8    . A   A 1 45 ? 14.133  -9.734  -3.560  1.00 24.30  ? 59  A   A C8    1 
ATOM   953  N  N7    . A   A 1 45 ? 13.275  -10.027 -2.614  1.00 25.88  ? 59  A   A N7    1 
ATOM   954  C  C5    . A   A 1 45 ? 13.348  -8.942  -1.751  1.00 23.47  ? 59  A   A C5    1 
ATOM   955  C  C6    . A   A 1 45 ? 12.674  -8.636  -0.561  1.00 22.71  ? 59  A   A C6    1 
ATOM   956  N  N6    . A   A 1 45 ? 11.737  -9.414  -0.017  1.00 22.26  ? 59  A   A N6    1 
ATOM   957  N  N1    . A   A 1 45 ? 12.992  -7.481  0.061   1.00 24.20  ? 59  A   A N1    1 
ATOM   958  C  C2    . A   A 1 45 ? 13.914  -6.692  -0.490  1.00 23.39  ? 59  A   A C2    1 
ATOM   959  N  N3    . A   A 1 45 ? 14.605  -6.862  -1.612  1.00 25.27  ? 59  A   A N3    1 
ATOM   960  C  C4    . A   A 1 45 ? 14.270  -8.021  -2.203  1.00 23.65  ? 59  A   A C4    1 
ATOM   961  P  P     . C   A 1 46 ? 20.119  -9.730  -3.350  1.00 30.99  ? 60  C   A P     1 
ATOM   962  O  OP1   . C   A 1 46 ? 21.530  -9.529  -3.754  1.00 32.38  ? 60  C   A OP1   1 
ATOM   963  O  OP2   . C   A 1 46 ? 19.578  -11.109 -3.248  1.00 31.23  ? 60  C   A OP2   1 
ATOM   964  O  "O5'" . C   A 1 46 ? 19.872  -8.995  -1.959  1.00 30.68  ? 60  C   A "O5'" 1 
ATOM   965  C  "C5'" . C   A 1 46 ? 19.943  -7.572  -1.859  1.00 30.28  ? 60  C   A "C5'" 1 
ATOM   966  C  "C4'" . C   A 1 46 ? 19.474  -7.115  -0.496  1.00 28.27  ? 60  C   A "C4'" 1 
ATOM   967  O  "O4'" . C   A 1 46 ? 18.025  -7.005  -0.494  1.00 27.84  ? 60  C   A "O4'" 1 
ATOM   968  C  "C3'" . C   A 1 46 ? 19.795  -8.070  0.641   1.00 29.70  ? 60  C   A "C3'" 1 
ATOM   969  O  "O3'" . C   A 1 46 ? 21.079  -7.789  1.172   1.00 31.98  ? 60  C   A "O3'" 1 
ATOM   970  C  "C2'" . C   A 1 46 ? 18.697  -7.752  1.646   1.00 29.11  ? 60  C   A "C2'" 1 
ATOM   971  O  "O2'" . C   A 1 46 ? 18.963  -6.583  2.391   1.00 29.54  ? 60  C   A "O2'" 1 
ATOM   972  C  "C1'" . C   A 1 46 ? 17.504  -7.523  0.718   1.00 28.71  ? 60  C   A "C1'" 1 
ATOM   973  N  N1    . C   A 1 46 ? 16.750  -8.754  0.414   1.00 28.26  ? 60  C   A N1    1 
ATOM   974  C  C2    . C   A 1 46 ? 15.712  -9.138  1.269   1.00 27.71  ? 60  C   A C2    1 
ATOM   975  O  O2    . C   A 1 46 ? 15.461  -8.440  2.262   1.00 27.72  ? 60  C   A O2    1 
ATOM   976  N  N3    . C   A 1 46 ? 15.010  -10.259 0.992   1.00 27.98  ? 60  C   A N3    1 
ATOM   977  C  C4    . C   A 1 46 ? 15.310  -10.984 -0.087  1.00 27.13  ? 60  C   A C4    1 
ATOM   978  N  N4    . C   A 1 46 ? 14.583  -12.075 -0.330  1.00 26.58  ? 60  C   A N4    1 
ATOM   979  C  C5    . C   A 1 46 ? 16.367  -10.619 -0.970  1.00 27.24  ? 60  C   A C5    1 
ATOM   980  C  C6    . C   A 1 46 ? 17.053  -9.508  -0.684  1.00 27.56  ? 60  C   A C6    1 
ATOM   981  P  P     . C   A 1 47 ? 21.848  -8.912  2.021   1.00 34.16  ? 61  C   A P     1 
ATOM   982  O  OP1   . C   A 1 47 ? 23.214  -8.393  2.298   1.00 35.16  ? 61  C   A OP1   1 
ATOM   983  O  OP2   . C   A 1 47 ? 21.679  -10.213 1.326   1.00 34.46  ? 61  C   A OP2   1 
ATOM   984  O  "O5'" . C   A 1 47 ? 21.044  -8.989  3.391   1.00 32.84  ? 61  C   A "O5'" 1 
ATOM   985  C  "C5'" . C   A 1 47 ? 20.994  -7.867  4.265   1.00 33.47  ? 61  C   A "C5'" 1 
ATOM   986  C  "C4'" . C   A 1 47 ? 19.975  -8.097  5.350   1.00 30.65  ? 61  C   A "C4'" 1 
ATOM   987  O  "O4'" . C   A 1 47 ? 18.684  -8.362  4.747   1.00 30.71  ? 61  C   A "O4'" 1 
ATOM   988  C  "C3'" . C   A 1 47 ? 20.232  -9.309  6.224   1.00 30.99  ? 61  C   A "C3'" 1 
ATOM   989  O  "O3'" . C   A 1 47 ? 21.139  -8.964  7.261   1.00 33.98  ? 61  C   A "O3'" 1 
ATOM   990  C  "C2'" . C   A 1 47 ? 18.837  -9.616  6.757   1.00 30.17  ? 61  C   A "C2'" 1 
ATOM   991  O  "O2'" . C   A 1 47 ? 18.458  -8.779  7.833   1.00 25.65  ? 61  C   A "O2'" 1 
ATOM   992  C  "C1'" . C   A 1 47 ? 17.971  -9.294  5.538   1.00 30.55  ? 61  C   A "C1'" 1 
ATOM   993  N  N1    . C   A 1 47 ? 17.645  -10.455 4.696   1.00 31.87  ? 61  C   A N1    1 
ATOM   994  C  C2    . C   A 1 47 ? 16.508  -11.207 4.997   1.00 32.69  ? 61  C   A C2    1 
ATOM   995  O  O2    . C   A 1 47 ? 15.838  -10.905 5.999   1.00 34.12  ? 61  C   A O2    1 
ATOM   996  N  N3    . C   A 1 47 ? 16.168  -12.244 4.193   1.00 32.92  ? 61  C   A N3    1 
ATOM   997  C  C4    . C   A 1 47 ? 16.924  -12.540 3.131   1.00 31.77  ? 61  C   A C4    1 
ATOM   998  N  N4    . C   A 1 47 ? 16.537  -13.547 2.348   1.00 30.64  ? 61  C   A N4    1 
ATOM   999  C  C5    . C   A 1 47 ? 18.106  -11.809 2.821   1.00 30.94  ? 61  C   A C5    1 
ATOM   1000 C  C6    . C   A 1 47 ? 18.426  -10.784 3.622   1.00 32.18  ? 61  C   A C6    1 
ATOM   1001 P  P     . G   A 1 48 ? 22.553  -9.722  7.368   1.00 35.66  ? 62  G   A P     1 
ATOM   1002 O  OP1   . G   A 1 48 ? 23.462  -8.873  8.177   1.00 36.01  ? 62  G   A OP1   1 
ATOM   1003 O  OP2   . G   A 1 48 ? 22.968  -10.140 6.004   1.00 35.87  ? 62  G   A OP2   1 
ATOM   1004 O  "O5'" . G   A 1 48 ? 22.205  -11.034 8.197   1.00 34.99  ? 62  G   A "O5'" 1 
ATOM   1005 C  "C5'" . G   A 1 48 ? 23.203  -11.995 8.499   1.00 37.73  ? 62  G   A "C5'" 1 
ATOM   1006 C  "C4'" . G   A 1 48 ? 22.553  -13.306 8.855   1.00 40.68  ? 62  G   A "C4'" 1 
ATOM   1007 O  "O4'" . G   A 1 48 ? 22.195  -14.008 7.634   1.00 41.74  ? 62  G   A "O4'" 1 
ATOM   1008 C  "C3'" . G   A 1 48 ? 23.410  -14.275 9.660   1.00 40.96  ? 62  G   A "C3'" 1 
ATOM   1009 O  "O3'" . G   A 1 48 ? 22.562  -15.033 10.512  1.00 43.00  ? 62  G   A "O3'" 1 
ATOM   1010 C  "C2'" . G   A 1 48 ? 23.991  -15.174 8.579   1.00 41.20  ? 62  G   A "C2'" 1 
ATOM   1011 O  "O2'" . G   A 1 48 ? 24.335  -16.449 9.076   1.00 44.78  ? 62  G   A "O2'" 1 
ATOM   1012 C  "C1'" . G   A 1 48 ? 22.799  -15.286 7.633   1.00 41.02  ? 62  G   A "C1'" 1 
ATOM   1013 N  N9    . G   A 1 48 ? 23.144  -15.627 6.258   1.00 39.16  ? 62  G   A N9    1 
ATOM   1014 C  C8    . G   A 1 48 ? 24.229  -15.196 5.532   1.00 38.82  ? 62  G   A C8    1 
ATOM   1015 N  N7    . G   A 1 48 ? 24.254  -15.675 4.317   1.00 38.35  ? 62  G   A N7    1 
ATOM   1016 C  C5    . G   A 1 48 ? 23.118  -16.471 4.240   1.00 38.42  ? 62  G   A C5    1 
ATOM   1017 C  C6    . G   A 1 48 ? 22.611  -17.248 3.170   1.00 37.20  ? 62  G   A C6    1 
ATOM   1018 O  O6    . G   A 1 48 ? 23.084  -17.400 2.037   1.00 39.51  ? 62  G   A O6    1 
ATOM   1019 N  N1    . G   A 1 48 ? 21.428  -17.893 3.521   1.00 35.29  ? 62  G   A N1    1 
ATOM   1020 C  C2    . G   A 1 48 ? 20.815  -17.804 4.746   1.00 34.97  ? 62  G   A C2    1 
ATOM   1021 N  N2    . G   A 1 48 ? 19.677  -18.496 4.895   1.00 36.15  ? 62  G   A N2    1 
ATOM   1022 N  N3    . G   A 1 48 ? 21.280  -17.089 5.752   1.00 36.89  ? 62  G   A N3    1 
ATOM   1023 C  C4    . G   A 1 48 ? 22.425  -16.451 5.430   1.00 38.56  ? 62  G   A C4    1 
ATOM   1024 P  P     . U   A 1 49 ? 23.109  -15.550 11.926  1.00 45.04  ? 63  U   A P     1 
ATOM   1025 O  OP1   . U   A 1 49 ? 24.093  -14.549 12.419  1.00 45.90  ? 63  U   A OP1   1 
ATOM   1026 O  OP2   . U   A 1 49 ? 23.511  -16.973 11.779  1.00 45.30  ? 63  U   A OP2   1 
ATOM   1027 O  "O5'" . U   A 1 49 ? 21.835  -15.497 12.874  1.00 44.52  ? 63  U   A "O5'" 1 
ATOM   1028 C  "C5'" . U   A 1 49 ? 21.127  -14.281 13.088  1.00 44.31  ? 63  U   A "C5'" 1 
ATOM   1029 C  "C4'" . U   A 1 49 ? 19.770  -14.589 13.660  1.00 44.12  ? 63  U   A "C4'" 1 
ATOM   1030 O  "O4'" . U   A 1 49 ? 18.817  -14.593 12.573  1.00 43.61  ? 63  U   A "O4'" 1 
ATOM   1031 C  "C3'" . U   A 1 49 ? 19.724  -15.954 14.337  1.00 44.23  ? 63  U   A "C3'" 1 
ATOM   1032 O  "O3'" . U   A 1 49 ? 19.453  -15.885 15.740  1.00 44.00  ? 63  U   A "O3'" 1 
ATOM   1033 C  "C2'" . U   A 1 49 ? 18.747  -16.806 13.522  1.00 43.22  ? 63  U   A "C2'" 1 
ATOM   1034 O  "O2'" . U   A 1 49 ? 17.744  -17.424 14.300  1.00 44.94  ? 63  U   A "O2'" 1 
ATOM   1035 C  "C1'" . U   A 1 49 ? 18.121  -15.817 12.537  1.00 42.58  ? 63  U   A "C1'" 1 
ATOM   1036 N  N1    . U   A 1 49 ? 18.138  -16.316 11.153  1.00 40.19  ? 63  U   A N1    1 
ATOM   1037 C  C2    . U   A 1 49 ? 17.134  -17.187 10.775  1.00 39.15  ? 63  U   A C2    1 
ATOM   1038 O  O2    . U   A 1 49 ? 16.243  -17.537 11.530  1.00 40.18  ? 63  U   A O2    1 
ATOM   1039 N  N3    . U   A 1 49 ? 17.209  -17.630 9.481   1.00 37.07  ? 63  U   A N3    1 
ATOM   1040 C  C4    . U   A 1 49 ? 18.163  -17.300 8.545   1.00 36.80  ? 63  U   A C4    1 
ATOM   1041 O  O4    . U   A 1 49 ? 18.112  -17.814 7.426   1.00 37.25  ? 63  U   A O4    1 
ATOM   1042 C  C5    . U   A 1 49 ? 19.163  -16.387 9.009   1.00 35.91  ? 63  U   A C5    1 
ATOM   1043 C  C6    . U   A 1 49 ? 19.118  -15.939 10.267  1.00 37.31  ? 63  U   A C6    1 
ATOM   1044 P  P     . A   A 1 50 ? 18.153  -15.108 16.282  1.00 44.72  ? 64  A   A P     1 
ATOM   1045 O  OP1   . A   A 1 50 ? 18.014  -15.460 17.717  1.00 45.38  ? 64  A   A OP1   1 
ATOM   1046 O  OP2   . A   A 1 50 ? 17.012  -15.340 15.363  1.00 45.62  ? 64  A   A OP2   1 
ATOM   1047 O  "O5'" . A   A 1 50 ? 18.551  -13.569 16.202  1.00 40.77  ? 64  A   A "O5'" 1 
ATOM   1048 C  "C5'" . A   A 1 50 ? 17.730  -12.579 16.813  1.00 36.04  ? 64  A   A "C5'" 1 
ATOM   1049 C  "C4'" . A   A 1 50 ? 17.966  -11.231 16.175  1.00 33.90  ? 64  A   A "C4'" 1 
ATOM   1050 O  "O4'" . A   A 1 50 ? 18.548  -11.399 14.857  1.00 33.09  ? 64  A   A "O4'" 1 
ATOM   1051 C  "C3'" . A   A 1 50 ? 16.704  -10.405 15.981  1.00 33.63  ? 64  A   A "C3'" 1 
ATOM   1052 O  "O3'" . A   A 1 50 ? 16.554  -9.545  17.098  1.00 35.97  ? 64  A   A "O3'" 1 
ATOM   1053 C  "C2'" . A   A 1 50 ? 16.993  -9.606  14.712  1.00 32.90  ? 64  A   A "C2'" 1 
ATOM   1054 O  "O2'" . A   A 1 50 ? 17.675  -8.391  14.965  1.00 31.54  ? 64  A   A "O2'" 1 
ATOM   1055 C  "C1'" . A   A 1 50 ? 17.883  -10.569 13.924  1.00 30.53  ? 64  A   A "C1'" 1 
ATOM   1056 N  N9    . A   A 1 50 ? 17.170  -11.434 12.984  1.00 26.94  ? 64  A   A N9    1 
ATOM   1057 C  C8    . A   A 1 50 ? 16.015  -12.143 13.190  1.00 25.22  ? 64  A   A C8    1 
ATOM   1058 N  N7    . A   A 1 50 ? 15.645  -12.860 12.156  1.00 27.40  ? 64  A   A N7    1 
ATOM   1059 C  C5    . A   A 1 50 ? 16.619  -12.600 11.201  1.00 26.15  ? 64  A   A C5    1 
ATOM   1060 C  C6    . A   A 1 50 ? 16.809  -13.063 9.881   1.00 26.01  ? 64  A   A C6    1 
ATOM   1061 N  N6    . A   A 1 50 ? 16.002  -13.940 9.272   1.00 24.21  ? 64  A   A N6    1 
ATOM   1062 N  N1    . A   A 1 50 ? 17.875  -12.592 9.201   1.00 25.68  ? 64  A   A N1    1 
ATOM   1063 C  C2    . A   A 1 50 ? 18.696  -11.733 9.812   1.00 25.05  ? 64  A   A C2    1 
ATOM   1064 N  N3    . A   A 1 50 ? 18.634  -11.237 11.045  1.00 26.98  ? 64  A   A N3    1 
ATOM   1065 C  C4    . A   A 1 50 ? 17.558  -11.714 11.694  1.00 26.92  ? 64  A   A C4    1 
ATOM   1066 P  P     . A   A 1 51 ? 15.087  -9.191  17.633  1.00 36.44  ? 65  A   A P     1 
ATOM   1067 O  OP1   . A   A 1 51 ? 15.195  -8.703  19.033  1.00 34.87  ? 65  A   A OP1   1 
ATOM   1068 O  OP2   . A   A 1 51 ? 14.225  -10.362 17.321  1.00 36.81  ? 65  A   A OP2   1 
ATOM   1069 O  "O5'" . A   A 1 51 ? 14.640  -7.972  16.714  1.00 34.95  ? 65  A   A "O5'" 1 
ATOM   1070 C  "C5'" . A   A 1 51 ? 15.294  -6.714  16.811  1.00 32.19  ? 65  A   A "C5'" 1 
ATOM   1071 C  "C4'" . A   A 1 51 ? 15.063  -5.918  15.553  1.00 30.72  ? 65  A   A "C4'" 1 
ATOM   1072 O  "O4'" . A   A 1 51 ? 15.363  -6.756  14.400  1.00 30.55  ? 65  A   A "O4'" 1 
ATOM   1073 C  "C3'" . A   A 1 51 ? 13.634  -5.417  15.348  1.00 28.60  ? 65  A   A "C3'" 1 
ATOM   1074 O  "O3'" . A   A 1 51 ? 13.685  -4.129  14.745  1.00 28.67  ? 65  A   A "O3'" 1 
ATOM   1075 C  "C2'" . A   A 1 51 ? 13.076  -6.414  14.339  1.00 29.29  ? 65  A   A "C2'" 1 
ATOM   1076 O  "O2'" . A   A 1 51 ? 12.031  -5.863  13.563  1.00 27.85  ? 65  A   A "O2'" 1 
ATOM   1077 C  "C1'" . A   A 1 51 ? 14.310  -6.644  13.471  1.00 29.37  ? 65  A   A "C1'" 1 
ATOM   1078 N  N9    . A   A 1 51 ? 14.293  -7.836  12.619  1.00 29.27  ? 65  A   A N9    1 
ATOM   1079 C  C8    . A   A 1 51 ? 13.597  -9.010  12.783  1.00 28.42  ? 65  A   A C8    1 
ATOM   1080 N  N7    . A   A 1 51 ? 13.780  -9.872  11.811  1.00 28.17  ? 65  A   A N7    1 
ATOM   1081 C  C5    . A   A 1 51 ? 14.662  -9.227  10.952  1.00 27.74  ? 65  A   A C5    1 
ATOM   1082 C  C6    . A   A 1 51 ? 15.248  -9.608  9.726   1.00 28.92  ? 65  A   A C6    1 
ATOM   1083 N  N6    . A   A 1 51 ? 15.021  -10.780 9.122   1.00 25.79  ? 65  A   A N6    1 
ATOM   1084 N  N1    . A   A 1 51 ? 16.089  -8.729  9.133   1.00 29.34  ? 65  A   A N1    1 
ATOM   1085 C  C2    . A   A 1 51 ? 16.314  -7.554  9.733   1.00 28.58  ? 65  A   A C2    1 
ATOM   1086 N  N3    . A   A 1 51 ? 15.821  -7.083  10.877  1.00 27.95  ? 65  A   A N3    1 
ATOM   1087 C  C4    . A   A 1 51 ? 14.992  -7.977  11.441  1.00 27.38  ? 65  A   A C4    1 
ATOM   1088 P  P     . A   A 1 52 ? 12.648  -2.987  15.195  1.00 29.95  ? 66  A   A P     1 
ATOM   1089 O  OP1   . A   A 1 52 ? 13.413  -1.993  15.989  1.00 29.99  ? 66  A   A OP1   1 
ATOM   1090 O  OP2   . A   A 1 52 ? 11.446  -3.623  15.790  1.00 30.65  ? 66  A   A OP2   1 
ATOM   1091 O  "O5'" . A   A 1 52 ? 12.210  -2.316  13.817  1.00 26.70  ? 66  A   A "O5'" 1 
ATOM   1092 C  "C5'" . A   A 1 52 ? 11.630  -3.095  12.775  1.00 26.80  ? 66  A   A "C5'" 1 
ATOM   1093 C  "C4'" . A   A 1 52 ? 12.403  -2.901  11.491  1.00 27.94  ? 66  A   A "C4'" 1 
ATOM   1094 O  "O4'" . A   A 1 52 ? 13.374  -3.979  11.336  1.00 27.01  ? 66  A   A "O4'" 1 
ATOM   1095 C  "C3'" . A   A 1 52 ? 11.606  -2.990  10.200  1.00 27.27  ? 66  A   A "C3'" 1 
ATOM   1096 O  "O3'" . A   A 1 52 ? 10.864  -1.807  9.916   1.00 26.13  ? 66  A   A "O3'" 1 
ATOM   1097 C  "C2'" . A   A 1 52 ? 12.727  -3.214  9.201   1.00 27.65  ? 66  A   A "C2'" 1 
ATOM   1098 O  "O2'" . A   A 1 52 ? 13.501  -2.053  8.993   1.00 27.08  ? 66  A   A "O2'" 1 
ATOM   1099 C  "C1'" . A   A 1 52 ? 13.554  -4.256  9.952   1.00 28.59  ? 66  A   A "C1'" 1 
ATOM   1100 N  N9    . A   A 1 52 ? 13.051  -5.598  9.679   1.00 30.73  ? 66  A   A N9    1 
ATOM   1101 C  C8    . A   A 1 52 ? 12.286  -6.400  10.487  1.00 32.93  ? 66  A   A C8    1 
ATOM   1102 N  N7    . A   A 1 52 ? 11.958  -7.545  9.937   1.00 33.79  ? 66  A   A N7    1 
ATOM   1103 C  C5    . A   A 1 52 ? 12.554  -7.495  8.685   1.00 33.43  ? 66  A   A C5    1 
ATOM   1104 C  C6    . A   A 1 52 ? 12.573  -8.400  7.608   1.00 32.98  ? 66  A   A C6    1 
ATOM   1105 N  N6    . A   A 1 52 ? 11.946  -9.578  7.618   1.00 33.94  ? 66  A   A N6    1 
ATOM   1106 N  N1    . A   A 1 52 ? 13.263  -8.046  6.504   1.00 33.12  ? 66  A   A N1    1 
ATOM   1107 C  C2    . A   A 1 52 ? 13.883  -6.860  6.489   1.00 34.02  ? 66  A   A C2    1 
ATOM   1108 N  N3    . A   A 1 52 ? 13.933  -5.923  7.434   1.00 33.44  ? 66  A   A N3    1 
ATOM   1109 C  C4    . A   A 1 52 ? 13.239  -6.306  8.518   1.00 32.59  ? 66  A   A C4    1 
ATOM   1110 P  P     . U   A 1 53 ? 9.329   -1.931  9.446   1.00 24.11  ? 67  U   A P     1 
ATOM   1111 O  OP1   . U   A 1 53 ? 8.881   -0.616  8.929   1.00 24.02  ? 67  U   A OP1   1 
ATOM   1112 O  OP2   . U   A 1 53 ? 8.584   -2.578  10.555  1.00 24.81  ? 67  U   A OP2   1 
ATOM   1113 O  "O5'" . U   A 1 53 ? 9.377   -2.961  8.233   1.00 24.33  ? 67  U   A "O5'" 1 
ATOM   1114 C  "C5'" . U   A 1 53 ? 9.322   -2.511  6.883   1.00 24.99  ? 67  U   A "C5'" 1 
ATOM   1115 C  "C4'" . U   A 1 53 ? 10.716  -2.411  6.298   1.00 25.16  ? 67  U   A "C4'" 1 
ATOM   1116 O  "O4'" . U   A 1 53 ? 11.364  -3.713  6.302   1.00 24.71  ? 67  U   A "O4'" 1 
ATOM   1117 C  "C3'" . U   A 1 53 ? 10.755  -1.983  4.840   1.00 24.51  ? 67  U   A "C3'" 1 
ATOM   1118 O  "O3'" . U   A 1 53 ? 10.718  -0.571  4.747   1.00 23.01  ? 67  U   A "O3'" 1 
ATOM   1119 C  "C2'" . U   A 1 53 ? 12.096  -2.528  4.377   1.00 24.70  ? 67  U   A "C2'" 1 
ATOM   1120 O  "O2'" . U   A 1 53 ? 13.176  -1.695  4.735   1.00 26.31  ? 67  U   A "O2'" 1 
ATOM   1121 C  "C1'" . U   A 1 53 ? 12.172  -3.847  5.145   1.00 24.48  ? 67  U   A "C1'" 1 
ATOM   1122 N  N1    . U   A 1 53 ? 11.675  -4.987  4.365   1.00 25.63  ? 67  U   A N1    1 
ATOM   1123 C  C2    . U   A 1 53 ? 12.427  -5.397  3.280   1.00 26.68  ? 67  U   A C2    1 
ATOM   1124 O  O2    . U   A 1 53 ? 13.467  -4.855  2.955   1.00 27.83  ? 67  U   A O2    1 
ATOM   1125 N  N3    . U   A 1 53 ? 11.921  -6.472  2.594   1.00 26.20  ? 67  U   A N3    1 
ATOM   1126 C  C4    . U   A 1 53 ? 10.765  -7.167  2.877   1.00 27.95  ? 67  U   A C4    1 
ATOM   1127 O  O4    . U   A 1 53 ? 10.450  -8.129  2.174   1.00 28.55  ? 67  U   A O4    1 
ATOM   1128 C  C5    . U   A 1 53 ? 10.038  -6.679  4.012   1.00 28.54  ? 67  U   A C5    1 
ATOM   1129 C  C6    . U   A 1 53 ? 10.507  -5.628  4.698   1.00 26.52  ? 67  U   A C6    1 
ATOM   1130 P  P     . G   A 1 54 ? 9.857   0.119   3.587   1.00 24.00  ? 68  G   A P     1 
ATOM   1131 O  OP1   . G   A 1 54 ? 9.778   1.576   3.876   1.00 26.87  ? 68  G   A OP1   1 
ATOM   1132 O  OP2   . G   A 1 54 ? 8.609   -0.662  3.440   1.00 23.49  ? 68  G   A OP2   1 
ATOM   1133 O  "O5'" . G   A 1 54 ? 10.748  -0.099  2.284   1.00 25.52  ? 68  G   A "O5'" 1 
ATOM   1134 C  "C5'" . G   A 1 54 ? 12.075  0.418   2.217   1.00 24.83  ? 68  G   A "C5'" 1 
ATOM   1135 C  "C4'" . G   A 1 54 ? 12.790  -0.109  0.992   1.00 24.60  ? 68  G   A "C4'" 1 
ATOM   1136 O  "O4'" . G   A 1 54 ? 12.999  -1.541  1.114   1.00 24.37  ? 68  G   A "O4'" 1 
ATOM   1137 C  "C3'" . G   A 1 54 ? 12.053  0.027   -0.327  1.00 24.02  ? 68  G   A "C3'" 1 
ATOM   1138 O  "O3'" . G   A 1 54 ? 12.215  1.334   -0.867  1.00 23.81  ? 68  G   A "O3'" 1 
ATOM   1139 C  "C2'" . G   A 1 54 ? 12.774  -1.003  -1.185  1.00 23.69  ? 68  G   A "C2'" 1 
ATOM   1140 O  "O2'" . G   A 1 54 ? 14.019  -0.546  -1.670  1.00 24.76  ? 68  G   A "O2'" 1 
ATOM   1141 C  "C1'" . G   A 1 54 ? 13.006  -2.127  -0.177  1.00 22.70  ? 68  G   A "C1'" 1 
ATOM   1142 N  N9    . G   A 1 54 ? 11.955  -3.138  -0.235  1.00 23.90  ? 68  G   A N9    1 
ATOM   1143 C  C8    . G   A 1 54 ? 10.928  -3.328  0.657   1.00 23.46  ? 68  G   A C8    1 
ATOM   1144 N  N7    . G   A 1 54 ? 10.148  -4.324  0.333   1.00 23.21  ? 68  G   A N7    1 
ATOM   1145 C  C5    . G   A 1 54 ? 10.697  -4.822  -0.840  1.00 23.03  ? 68  G   A C5    1 
ATOM   1146 C  C6    . G   A 1 54 ? 10.293  -5.907  -1.654  1.00 23.93  ? 68  G   A C6    1 
ATOM   1147 O  O6    . G   A 1 54 ? 9.343   -6.682  -1.489  1.00 25.42  ? 68  G   A O6    1 
ATOM   1148 N  N1    . G   A 1 54 ? 11.125  -6.054  -2.758  1.00 23.44  ? 68  G   A N1    1 
ATOM   1149 C  C2    . G   A 1 54 ? 12.208  -5.263  -3.042  1.00 20.70  ? 68  G   A C2    1 
ATOM   1150 N  N2    . G   A 1 54 ? 12.878  -5.555  -4.169  1.00 18.58  ? 68  G   A N2    1 
ATOM   1151 N  N3    . G   A 1 54 ? 12.604  -4.258  -2.285  1.00 19.75  ? 68  G   A N3    1 
ATOM   1152 C  C4    . G   A 1 54 ? 11.807  -4.095  -1.209  1.00 21.99  ? 68  G   A C4    1 
ATOM   1153 P  P     . U   A 1 55 ? 11.137  1.896   -1.918  1.00 26.39  ? 69  U   A P     1 
ATOM   1154 O  OP1   . U   A 1 55 ? 11.551  3.267   -2.324  1.00 25.69  ? 69  U   A OP1   1 
ATOM   1155 O  OP2   . U   A 1 55 ? 9.786   1.680   -1.335  1.00 20.32  ? 69  U   A OP2   1 
ATOM   1156 O  "O5'" . U   A 1 55 ? 11.283  0.928   -3.175  1.00 23.63  ? 69  U   A "O5'" 1 
ATOM   1157 C  "C5'" . U   A 1 55 ? 12.437  0.970   -4.007  1.00 23.33  ? 69  U   A "C5'" 1 
ATOM   1158 C  "C4'" . U   A 1 55 ? 12.322  -0.060  -5.110  1.00 23.46  ? 69  U   A "C4'" 1 
ATOM   1159 O  "O4'" . U   A 1 55 ? 12.256  -1.389  -4.521  1.00 24.89  ? 69  U   A "O4'" 1 
ATOM   1160 C  "C3'" . U   A 1 55 ? 11.064  0.019   -5.955  1.00 23.33  ? 69  U   A "C3'" 1 
ATOM   1161 O  "O3'" . U   A 1 55 ? 11.193  0.988   -6.989  1.00 23.12  ? 69  U   A "O3'" 1 
ATOM   1162 C  "C2'" . U   A 1 55 ? 10.973  -1.398  -6.509  1.00 22.83  ? 69  U   A "C2'" 1 
ATOM   1163 O  "O2'" . U   A 1 55 ? 11.872  -1.631  -7.575  1.00 21.76  ? 69  U   A "O2'" 1 
ATOM   1164 C  "C1'" . U   A 1 55 ? 11.404  -2.217  -5.293  1.00 22.04  ? 69  U   A "C1'" 1 
ATOM   1165 N  N1    . U   A 1 55 ? 10.292  -2.661  -4.438  1.00 23.04  ? 69  U   A N1    1 
ATOM   1166 C  C2    . U   A 1 55 ? 9.646   -3.844  -4.773  1.00 24.39  ? 69  U   A C2    1 
ATOM   1167 O  O2    . U   A 1 55 ? 9.951   -4.522  -5.743  1.00 24.89  ? 69  U   A O2    1 
ATOM   1168 N  N3    . U   A 1 55 ? 8.627   -4.205  -3.928  1.00 23.01  ? 69  U   A N3    1 
ATOM   1169 C  C4    . U   A 1 55 ? 8.189   -3.522  -2.814  1.00 22.78  ? 69  U   A C4    1 
ATOM   1170 O  O4    . U   A 1 55 ? 7.234   -3.964  -2.167  1.00 21.95  ? 69  U   A O4    1 
ATOM   1171 C  C5    . U   A 1 55 ? 8.904   -2.310  -2.537  1.00 21.81  ? 69  U   A C5    1 
ATOM   1172 C  C6    . U   A 1 55 ? 9.905   -1.933  -3.338  1.00 21.98  ? 69  U   A C6    1 
ATOM   1173 P  P     . C   A 1 56 ? 9.872   1.681   -7.591  1.00 25.42  ? 70  C   A P     1 
ATOM   1174 O  OP1   . C   A 1 56 ? 10.284  2.884   -8.358  1.00 24.38  ? 70  C   A OP1   1 
ATOM   1175 O  OP2   . C   A 1 56 ? 8.894   1.820   -6.478  1.00 20.99  ? 70  C   A OP2   1 
ATOM   1176 O  "O5'" . C   A 1 56 ? 9.302   0.593   -8.608  1.00 24.23  ? 70  C   A "O5'" 1 
ATOM   1177 C  "C5'" . C   A 1 56 ? 10.029  0.234   -9.780  1.00 23.27  ? 70  C   A "C5'" 1 
ATOM   1178 C  "C4'" . C   A 1 56 ? 9.492   -1.052  -10.362 1.00 24.51  ? 70  C   A "C4'" 1 
ATOM   1179 O  "O4'" . C   A 1 56 ? 9.554   -2.095  -9.359  1.00 25.16  ? 70  C   A "O4'" 1 
ATOM   1180 C  "C3'" . C   A 1 56 ? 8.032   -1.044  -10.784 1.00 24.36  ? 70  C   A "C3'" 1 
ATOM   1181 O  "O3'" . C   A 1 56 ? 7.893   -0.537  -12.101 1.00 25.60  ? 70  C   A "O3'" 1 
ATOM   1182 C  "C2'" . C   A 1 56 ? 7.687   -2.524  -10.766 1.00 24.96  ? 70  C   A "C2'" 1 
ATOM   1183 O  "O2'" . C   A 1 56 ? 8.107   -3.190  -11.938 1.00 25.21  ? 70  C   A "O2'" 1 
ATOM   1184 C  "C1'" . C   A 1 56 ? 8.489   -3.010  -9.561  1.00 24.84  ? 70  C   A "C1'" 1 
ATOM   1185 N  N1    . C   A 1 56 ? 7.687   -3.057  -8.333  1.00 26.49  ? 70  C   A N1    1 
ATOM   1186 C  C2    . C   A 1 56 ? 6.953   -4.209  -8.055  1.00 28.04  ? 70  C   A C2    1 
ATOM   1187 O  O2    . C   A 1 56 ? 6.987   -5.149  -8.861  1.00 30.85  ? 70  C   A O2    1 
ATOM   1188 N  N3    . C   A 1 56 ? 6.223   -4.271  -6.922  1.00 27.62  ? 70  C   A N3    1 
ATOM   1189 C  C4    . C   A 1 56 ? 6.203   -3.233  -6.088  1.00 27.39  ? 70  C   A C4    1 
ATOM   1190 N  N4    . C   A 1 56 ? 5.460   -3.335  -4.985  1.00 30.85  ? 70  C   A N4    1 
ATOM   1191 C  C5    . C   A 1 56 ? 6.938   -2.042  -6.348  1.00 25.83  ? 70  C   A C5    1 
ATOM   1192 C  C6    . C   A 1 56 ? 7.661   -1.997  -7.472  1.00 25.14  ? 70  C   A C6    1 
ATOM   1193 P  P     . C   A 1 57 ? 6.721   0.509   -12.426 1.00 26.37  ? 71  C   A P     1 
ATOM   1194 O  OP1   . C   A 1 57 ? 7.074   1.212   -13.687 1.00 28.20  ? 71  C   A OP1   1 
ATOM   1195 O  OP2   . C   A 1 57 ? 6.483   1.291   -11.189 1.00 27.19  ? 71  C   A OP2   1 
ATOM   1196 O  "O5'" . C   A 1 57 ? 5.441   -0.403  -12.678 1.00 25.37  ? 71  C   A "O5'" 1 
ATOM   1197 C  "C5'" . C   A 1 57 ? 5.309   -1.164  -13.874 1.00 24.61  ? 71  C   A "C5'" 1 
ATOM   1198 C  "C4'" . C   A 1 57 ? 4.411   -2.352  -13.636 1.00 23.93  ? 71  C   A "C4'" 1 
ATOM   1199 O  "O4'" . C   A 1 57 ? 4.873   -3.060  -12.454 1.00 25.07  ? 71  C   A "O4'" 1 
ATOM   1200 C  "C3'" . C   A 1 57 ? 2.970   -2.024  -13.286 1.00 23.88  ? 71  C   A "C3'" 1 
ATOM   1201 O  "O3'" . C   A 1 57 ? 2.190   -1.753  -14.441 1.00 25.01  ? 71  C   A "O3'" 1 
ATOM   1202 C  "C2'" . C   A 1 57 ? 2.524   -3.314  -12.617 1.00 24.07  ? 71  C   A "C2'" 1 
ATOM   1203 O  "O2'" . C   A 1 57 ? 2.260   -4.349  -13.543 1.00 23.80  ? 71  C   A "O2'" 1 
ATOM   1204 C  "C1'" . C   A 1 57 ? 3.764   -3.653  -11.792 1.00 22.74  ? 71  C   A "C1'" 1 
ATOM   1205 N  N1    . C   A 1 57 ? 3.689   -3.122  -10.421 1.00 19.28  ? 71  C   A N1    1 
ATOM   1206 C  C2    . C   A 1 57 ? 2.912   -3.806  -9.484  1.00 19.53  ? 71  C   A C2    1 
ATOM   1207 O  O2    . C   A 1 57 ? 2.293   -4.818  -9.844  1.00 22.53  ? 71  C   A O2    1 
ATOM   1208 N  N3    . C   A 1 57 ? 2.847   -3.347  -8.214  1.00 19.07  ? 71  C   A N3    1 
ATOM   1209 C  C4    . C   A 1 57 ? 3.513   -2.246  -7.868  1.00 15.46  ? 71  C   A C4    1 
ATOM   1210 N  N4    . C   A 1 57 ? 3.425   -1.837  -6.601  1.00 11.68  ? 71  C   A N4    1 
ATOM   1211 C  C5    . C   A 1 57 ? 4.299   -1.517  -8.807  1.00 16.85  ? 71  C   A C5    1 
ATOM   1212 C  C6    . C   A 1 57 ? 4.361   -1.989  -10.062 1.00 18.49  ? 71  C   A C6    1 
ATOM   1213 P  P     . G   A 1 58 ? 0.790   -0.982  -14.285 1.00 24.50  ? 72  G   A P     1 
ATOM   1214 O  OP1   . G   A 1 58 ? 0.166   -0.893  -15.628 1.00 25.48  ? 72  G   A OP1   1 
ATOM   1215 O  OP2   . G   A 1 58 ? 1.057   0.255   -13.515 1.00 25.32  ? 72  G   A OP2   1 
ATOM   1216 O  "O5'" . G   A 1 58 ? -0.087  -1.955  -13.383 1.00 23.94  ? 72  G   A "O5'" 1 
ATOM   1217 C  "C5'" . G   A 1 58 ? -0.448  -3.252  -13.857 1.00 28.64  ? 72  G   A "C5'" 1 
ATOM   1218 C  "C4'" . G   A 1 58 ? -1.410  -3.911  -12.898 1.00 28.94  ? 72  G   A "C4'" 1 
ATOM   1219 O  "O4'" . G   A 1 58 ? -0.696  -4.309  -11.698 1.00 28.53  ? 72  G   A "O4'" 1 
ATOM   1220 C  "C3'" . G   A 1 58 ? -2.521  -3.008  -12.392 1.00 30.40  ? 72  G   A "C3'" 1 
ATOM   1221 O  "O3'" . G   A 1 58 ? -3.606  -2.987  -13.310 1.00 31.81  ? 72  G   A "O3'" 1 
ATOM   1222 C  "C2'" . G   A 1 58 ? -2.904  -3.679  -11.079 1.00 29.52  ? 72  G   A "C2'" 1 
ATOM   1223 O  "O2'" . G   A 1 58 ? -3.774  -4.775  -11.268 1.00 30.66  ? 72  G   A "O2'" 1 
ATOM   1224 C  "C1'" . G   A 1 58 ? -1.540  -4.149  -10.567 1.00 28.52  ? 72  G   A "C1'" 1 
ATOM   1225 N  N9    . G   A 1 58 ? -0.914  -3.187  -9.664  1.00 26.77  ? 72  G   A N9    1 
ATOM   1226 C  C8    . G   A 1 58 ? -0.109  -2.128  -10.008 1.00 26.44  ? 72  G   A C8    1 
ATOM   1227 N  N7    . G   A 1 58 ? 0.286   -1.430  -8.979  1.00 26.34  ? 72  G   A N7    1 
ATOM   1228 C  C5    . G   A 1 58 ? -0.287  -2.071  -7.889  1.00 26.04  ? 72  G   A C5    1 
ATOM   1229 C  C6    . G   A 1 58 ? -0.212  -1.775  -6.502  1.00 26.57  ? 72  G   A C6    1 
ATOM   1230 O  O6    . G   A 1 58 ? 0.404   -0.859  -5.938  1.00 25.64  ? 72  G   A O6    1 
ATOM   1231 N  N1    . G   A 1 58 ? -0.953  -2.680  -5.747  1.00 26.65  ? 72  G   A N1    1 
ATOM   1232 C  C2    . G   A 1 58 ? -1.672  -3.732  -6.259  1.00 25.14  ? 72  G   A C2    1 
ATOM   1233 N  N2    . G   A 1 58 ? -2.337  -4.484  -5.374  1.00 24.58  ? 72  G   A N2    1 
ATOM   1234 N  N3    . G   A 1 58 ? -1.740  -4.022  -7.544  1.00 26.35  ? 72  G   A N3    1 
ATOM   1235 C  C4    . G   A 1 58 ? -1.030  -3.157  -8.296  1.00 26.16  ? 72  G   A C4    1 
ATOM   1236 P  P     . A   A 1 59 ? -4.650  -1.767  -13.275 1.00 33.38  ? 73  A   A P     1 
ATOM   1237 O  OP1   . A   A 1 59 ? -5.693  -2.009  -14.307 1.00 34.41  ? 73  A   A OP1   1 
ATOM   1238 O  OP2   . A   A 1 59 ? -3.865  -0.506  -13.305 1.00 31.58  ? 73  A   A OP2   1 
ATOM   1239 O  "O5'" . A   A 1 59 ? -5.325  -1.893  -11.839 1.00 34.63  ? 73  A   A "O5'" 1 
ATOM   1240 C  "C5'" . A   A 1 59 ? -6.513  -1.173  -11.520 1.00 39.71  ? 73  A   A "C5'" 1 
ATOM   1241 C  "C4'" . A   A 1 59 ? -7.173  -1.780  -10.307 1.00 41.12  ? 73  A   A "C4'" 1 
ATOM   1242 O  "O4'" . A   A 1 59 ? -6.346  -1.533  -9.142  1.00 42.76  ? 73  A   A "O4'" 1 
ATOM   1243 C  "C3'" . A   A 1 59 ? -8.519  -1.195  -9.922  1.00 42.60  ? 73  A   A "C3'" 1 
ATOM   1244 O  "O3'" . A   A 1 59 ? -9.555  -1.805  -10.684 1.00 44.98  ? 73  A   A "O3'" 1 
ATOM   1245 C  "C2'" . A   A 1 59 ? -8.617  -1.588  -8.453  1.00 43.56  ? 73  A   A "C2'" 1 
ATOM   1246 O  "O2'" . A   A 1 59 ? -9.026  -2.930  -8.281  1.00 45.33  ? 73  A   A "O2'" 1 
ATOM   1247 C  "C1'" . A   A 1 59 ? -7.165  -1.427  -7.993  1.00 42.40  ? 73  A   A "C1'" 1 
ATOM   1248 N  N9    . A   A 1 59 ? -6.885  -0.144  -7.353  1.00 41.28  ? 73  A   A N9    1 
ATOM   1249 C  C8    . A   A 1 59 ? -6.278  0.957   -7.906  1.00 42.06  ? 73  A   A C8    1 
ATOM   1250 N  N7    . A   A 1 59 ? -6.159  1.967   -7.078  1.00 42.06  ? 73  A   A N7    1 
ATOM   1251 C  C5    . A   A 1 59 ? -6.726  1.499   -5.899  1.00 41.08  ? 73  A   A C5    1 
ATOM   1252 C  C6    . A   A 1 59 ? -6.911  2.093   -4.637  1.00 40.41  ? 73  A   A C6    1 
ATOM   1253 N  N6    . A   A 1 59 ? -6.532  3.337   -4.337  1.00 40.76  ? 73  A   A N6    1 
ATOM   1254 N  N1    . A   A 1 59 ? -7.507  1.353   -3.678  1.00 41.49  ? 73  A   A N1    1 
ATOM   1255 C  C2    . A   A 1 59 ? -7.892  0.108   -3.979  1.00 42.97  ? 73  A   A C2    1 
ATOM   1256 N  N3    . A   A 1 59 ? -7.777  -0.558  -5.128  1.00 42.60  ? 73  A   A N3    1 
ATOM   1257 C  C4    . A   A 1 59 ? -7.178  0.202   -6.056  1.00 40.68  ? 73  A   A C4    1 
ATOM   1258 P  P     . C   A 1 60 ? -10.802 -0.921  -11.189 1.00 45.85  ? 74  C   A P     1 
ATOM   1259 O  OP1   . C   A 1 60 ? -11.641 -1.779  -12.071 1.00 42.65  ? 74  C   A OP1   1 
ATOM   1260 O  OP2   . C   A 1 60 ? -10.268 0.365   -11.707 1.00 44.47  ? 74  C   A OP2   1 
ATOM   1261 O  "O5'" . C   A 1 60 ? -11.616 -0.603  -9.856  1.00 42.61  ? 74  C   A "O5'" 1 
ATOM   1262 C  "C5'" . C   A 1 60 ? -12.394 -1.609  -9.221  1.00 40.36  ? 74  C   A "C5'" 1 
ATOM   1263 C  "C4'" . C   A 1 60 ? -12.689 -1.216  -7.792  1.00 40.20  ? 74  C   A "C4'" 1 
ATOM   1264 O  "O4'" . C   A 1 60 ? -11.435 -1.022  -7.079  1.00 37.74  ? 74  C   A "O4'" 1 
ATOM   1265 C  "C3'" . C   A 1 60 ? -13.422 0.103   -7.591  1.00 39.71  ? 74  C   A "C3'" 1 
ATOM   1266 O  "O3'" . C   A 1 60 ? -14.832 -0.033  -7.760  1.00 40.87  ? 74  C   A "O3'" 1 
ATOM   1267 C  "C2'" . C   A 1 60 ? -13.056 0.425   -6.149  1.00 38.56  ? 74  C   A "C2'" 1 
ATOM   1268 O  "O2'" . C   A 1 60 ? -13.752 -0.369  -5.208  1.00 38.07  ? 74  C   A "O2'" 1 
ATOM   1269 C  "C1'" . C   A 1 60 ? -11.577 0.042   -6.146  1.00 37.37  ? 74  C   A "C1'" 1 
ATOM   1270 N  N1    . C   A 1 60 ? -10.717 1.156   -6.576  1.00 34.80  ? 74  C   A N1    1 
ATOM   1271 C  C2    . C   A 1 60 ? -10.393 2.150   -5.648  1.00 34.55  ? 74  C   A C2    1 
ATOM   1272 O  O2    . C   A 1 60 ? -10.836 2.059   -4.490  1.00 32.87  ? 74  C   A O2    1 
ATOM   1273 N  N3    . C   A 1 60 ? -9.605  3.183   -6.035  1.00 33.66  ? 74  C   A N3    1 
ATOM   1274 C  C4    . C   A 1 60 ? -9.148  3.242   -7.289  1.00 32.07  ? 74  C   A C4    1 
ATOM   1275 N  N4    . C   A 1 60 ? -8.372  4.274   -7.625  1.00 28.79  ? 74  C   A N4    1 
ATOM   1276 C  C5    . C   A 1 60 ? -9.464  2.241   -8.253  1.00 32.27  ? 74  C   A C5    1 
ATOM   1277 C  C6    . C   A 1 60 ? -10.244 1.226   -7.857  1.00 34.11  ? 74  C   A C6    1 
ATOM   1278 P  P     . U   A 1 61 ? -15.696 1.219   -8.300  1.00 42.27  ? 75  U   A P     1 
ATOM   1279 O  OP1   . U   A 1 61 ? -17.131 0.841   -8.248  1.00 40.44  ? 75  U   A OP1   1 
ATOM   1280 O  OP2   . U   A 1 61 ? -15.104 1.679   -9.587  1.00 39.63  ? 75  U   A OP2   1 
ATOM   1281 O  "O5'" . U   A 1 61 ? -15.450 2.360   -7.216  1.00 39.76  ? 75  U   A "O5'" 1 
ATOM   1282 C  "C5'" . U   A 1 61 ? -16.038 2.277   -5.924  1.00 38.72  ? 75  U   A "C5'" 1 
ATOM   1283 C  "C4'" . U   A 1 61 ? -15.712 3.515   -5.127  1.00 38.39  ? 75  U   A "C4'" 1 
ATOM   1284 O  "O4'" . U   A 1 61 ? -14.270 3.617   -4.996  1.00 35.67  ? 75  U   A "O4'" 1 
ATOM   1285 C  "C3'" . U   A 1 61 ? -16.102 4.836   -5.774  1.00 39.29  ? 75  U   A "C3'" 1 
ATOM   1286 O  "O3'" . U   A 1 61 ? -17.473 5.150   -5.535  1.00 41.86  ? 75  U   A "O3'" 1 
ATOM   1287 C  "C2'" . U   A 1 61 ? -15.179 5.809   -5.055  1.00 37.60  ? 75  U   A "C2'" 1 
ATOM   1288 O  "O2'" . U   A 1 61 ? -15.632 6.124   -3.757  1.00 39.68  ? 75  U   A "O2'" 1 
ATOM   1289 C  "C1'" . U   A 1 61 ? -13.894 4.985   -4.957  1.00 35.31  ? 75  U   A "C1'" 1 
ATOM   1290 N  N1    . U   A 1 61 ? -12.960 5.248   -6.061  1.00 32.01  ? 75  U   A N1    1 
ATOM   1291 C  C2    . U   A 1 61 ? -12.180 6.386   -5.974  1.00 30.44  ? 75  U   A C2    1 
ATOM   1292 O  O2    . U   A 1 61 ? -12.241 7.156   -5.033  1.00 30.50  ? 75  U   A O2    1 
ATOM   1293 N  N3    . U   A 1 61 ? -11.327 6.589   -7.031  1.00 28.16  ? 75  U   A N3    1 
ATOM   1294 C  C4    . U   A 1 61 ? -11.182 5.790   -8.145  1.00 27.43  ? 75  U   A C4    1 
ATOM   1295 O  O4    . U   A 1 61 ? -10.358 6.101   -9.007  1.00 24.38  ? 75  U   A O4    1 
ATOM   1296 C  C5    . U   A 1 61 ? -12.026 4.633   -8.165  1.00 27.59  ? 75  U   A C5    1 
ATOM   1297 C  C6    . U   A 1 61 ? -12.864 4.405   -7.146  1.00 30.40  ? 75  U   A C6    1 
ATOM   1298 P  P     . A   A 1 62 ? -18.313 5.957   -6.648  1.00 44.18  ? 76  A   A P     1 
ATOM   1299 O  OP1   . A   A 1 62 ? -19.756 5.852   -6.312  1.00 44.07  ? 76  A   A OP1   1 
ATOM   1300 O  OP2   . A   A 1 62 ? -17.835 5.503   -7.978  1.00 42.48  ? 76  A   A OP2   1 
ATOM   1301 O  "O5'" . A   A 1 62 ? -17.873 7.475   -6.445  1.00 43.65  ? 76  A   A "O5'" 1 
ATOM   1302 C  "C5'" . A   A 1 62 ? -18.171 8.163   -5.235  1.00 44.91  ? 76  A   A "C5'" 1 
ATOM   1303 C  "C4'" . A   A 1 62 ? -17.594 9.555   -5.272  1.00 47.02  ? 76  A   A "C4'" 1 
ATOM   1304 O  "O4'" . A   A 1 62 ? -16.150 9.489   -5.118  1.00 47.83  ? 76  A   A "O4'" 1 
ATOM   1305 C  "C3'" . A   A 1 62 ? -17.770 10.301  -6.581  1.00 48.58  ? 76  A   A "C3'" 1 
ATOM   1306 O  "O3'" . A   A 1 62 ? -19.069 10.870  -6.690  1.00 49.60  ? 76  A   A "O3'" 1 
ATOM   1307 C  "C2'" . A   A 1 62 ? -16.673 11.354  -6.481  1.00 48.26  ? 76  A   A "C2'" 1 
ATOM   1308 O  "O2'" . A   A 1 62 ? -16.988 12.446  -5.641  1.00 49.20  ? 76  A   A "O2'" 1 
ATOM   1309 C  "C1'" . A   A 1 62 ? -15.541 10.535  -5.862  1.00 46.39  ? 76  A   A "C1'" 1 
ATOM   1310 N  N9    . A   A 1 62 ? -14.695 9.939   -6.894  1.00 45.09  ? 76  A   A N9    1 
ATOM   1311 C  C8    . A   A 1 62 ? -14.811 8.699   -7.474  1.00 44.89  ? 76  A   A C8    1 
ATOM   1312 N  N7    . A   A 1 62 ? -13.916 8.468   -8.406  1.00 44.87  ? 76  A   A N7    1 
ATOM   1313 C  C5    . A   A 1 62 ? -13.156 9.629   -8.435  1.00 42.99  ? 76  A   A C5    1 
ATOM   1314 C  C6    . A   A 1 62 ? -12.052 10.020  -9.213  1.00 42.01  ? 76  A   A C6    1 
ATOM   1315 N  N6    . A   A 1 62 ? -11.497 9.250   -10.155 1.00 40.48  ? 76  A   A N6    1 
ATOM   1316 N  N1    . A   A 1 62 ? -11.531 11.245  -8.989  1.00 41.65  ? 76  A   A N1    1 
ATOM   1317 C  C2    . A   A 1 62 ? -12.085 12.017  -8.045  1.00 41.71  ? 76  A   A C2    1 
ATOM   1318 N  N3    . A   A 1 62 ? -13.122 11.762  -7.252  1.00 42.10  ? 76  A   A N3    1 
ATOM   1319 C  C4    . A   A 1 62 ? -13.619 10.539  -7.501  1.00 43.61  ? 76  A   A C4    1 
ATOM   1320 P  P     . U   A 1 63 ? -19.732 11.059  -8.142  1.00 51.17  ? 77  U   A P     1 
ATOM   1321 O  OP1   . U   A 1 63 ? -21.138 11.503  -7.963  1.00 51.45  ? 77  U   A OP1   1 
ATOM   1322 O  OP2   . U   A 1 63 ? -19.443 9.836   -8.937  1.00 51.06  ? 77  U   A OP2   1 
ATOM   1323 O  "O5'" . U   A 1 63 ? -18.905 12.254  -8.791  1.00 50.52  ? 77  U   A "O5'" 1 
ATOM   1324 C  "C5'" . U   A 1 63 ? -18.817 13.517  -8.143  1.00 50.56  ? 77  U   A "C5'" 1 
ATOM   1325 C  "C4'" . U   A 1 63 ? -17.858 14.414  -8.886  1.00 51.39  ? 77  U   A "C4'" 1 
ATOM   1326 O  "O4'" . U   A 1 63 ? -16.501 13.933  -8.688  1.00 50.20  ? 77  U   A "O4'" 1 
ATOM   1327 C  "C3'" . U   A 1 63 ? -18.015 14.433  -10.398 1.00 51.78  ? 77  U   A "C3'" 1 
ATOM   1328 O  "O3'" . U   A 1 63 ? -19.042 15.335  -10.795 1.00 54.85  ? 77  U   A "O3'" 1 
ATOM   1329 C  "C2'" . U   A 1 63 ? -16.643 14.923  -10.840 1.00 50.29  ? 77  U   A "C2'" 1 
ATOM   1330 O  "O2'" . U   A 1 63 ? -16.485 16.319  -10.694 1.00 50.10  ? 77  U   A "O2'" 1 
ATOM   1331 C  "C1'" . U   A 1 63 ? -15.732 14.190  -9.854  1.00 48.80  ? 77  U   A "C1'" 1 
ATOM   1332 N  N1    . U   A 1 63 ? -15.257 12.910  -10.393 1.00 45.46  ? 77  U   A N1    1 
ATOM   1333 C  C2    . U   A 1 63 ? -14.119 12.929  -11.169 1.00 44.06  ? 77  U   A C2    1 
ATOM   1334 O  O2    . U   A 1 63 ? -13.487 13.949  -11.388 1.00 42.93  ? 77  U   A O2    1 
ATOM   1335 N  N3    . U   A 1 63 ? -13.745 11.710  -11.678 1.00 43.06  ? 77  U   A N3    1 
ATOM   1336 C  C4    . U   A 1 63 ? -14.377 10.501  -11.486 1.00 42.33  ? 77  U   A C4    1 
ATOM   1337 O  O4    . U   A 1 63 ? -13.937 9.493   -12.037 1.00 41.46  ? 77  U   A O4    1 
ATOM   1338 C  C5    . U   A 1 63 ? -15.538 10.562  -10.654 1.00 43.09  ? 77  U   A C5    1 
ATOM   1339 C  C6    . U   A 1 63 ? -15.929 11.736  -10.149 1.00 44.50  ? 77  U   A C6    1 
ATOM   1340 P  P     . G   A 1 64 ? -19.608 15.287  -12.301 1.00 57.03  ? 78  G   A P     1 
ATOM   1341 O  OP1   . G   A 1 64 ? -20.705 16.281  -12.407 1.00 57.05  ? 78  G   A OP1   1 
ATOM   1342 O  OP2   . G   A 1 64 ? -19.866 13.866  -12.657 1.00 54.77  ? 78  G   A OP2   1 
ATOM   1343 O  "O5'" . G   A 1 64 ? -18.392 15.806  -13.188 1.00 57.74  ? 78  G   A "O5'" 1 
ATOM   1344 C  "C5'" . G   A 1 64 ? -17.981 17.168  -13.135 1.00 60.17  ? 78  G   A "C5'" 1 
ATOM   1345 C  "C4'" . G   A 1 64 ? -16.805 17.393  -14.053 1.00 62.03  ? 78  G   A "C4'" 1 
ATOM   1346 O  "O4'" . G   A 1 64 ? -15.695 16.564  -13.618 1.00 61.83  ? 78  G   A "O4'" 1 
ATOM   1347 C  "C3'" . G   A 1 64 ? -17.019 16.976  -15.499 1.00 63.82  ? 78  G   A "C3'" 1 
ATOM   1348 O  "O3'" . G   A 1 64 ? -17.668 18.011  -16.227 1.00 67.37  ? 78  G   A "O3'" 1 
ATOM   1349 C  "C2'" . G   A 1 64 ? -15.590 16.774  -15.984 1.00 63.17  ? 78  G   A "C2'" 1 
ATOM   1350 O  "O2'" . G   A 1 64 ? -14.947 17.986  -16.323 1.00 63.57  ? 78  G   A "O2'" 1 
ATOM   1351 C  "C1'" . G   A 1 64 ? -14.931 16.166  -14.744 1.00 61.63  ? 78  G   A "C1'" 1 
ATOM   1352 N  N9    . G   A 1 64 ? -14.880 14.708  -14.778 1.00 59.51  ? 78  G   A N9    1 
ATOM   1353 C  C8    . G   A 1 64 ? -15.673 13.830  -14.080 1.00 58.32  ? 78  G   A C8    1 
ATOM   1354 N  N7    . G   A 1 64 ? -15.385 12.578  -14.318 1.00 57.48  ? 78  G   A N7    1 
ATOM   1355 C  C5    . G   A 1 64 ? -14.338 12.635  -15.229 1.00 57.05  ? 78  G   A C5    1 
ATOM   1356 C  C6    . G   A 1 64 ? -13.607 11.592  -15.857 1.00 56.35  ? 78  G   A C6    1 
ATOM   1357 O  O6    . G   A 1 64 ? -13.742 10.369  -15.728 1.00 54.74  ? 78  G   A O6    1 
ATOM   1358 N  N1    . G   A 1 64 ? -12.633 12.095  -16.715 1.00 56.51  ? 78  G   A N1    1 
ATOM   1359 C  C2    . G   A 1 64 ? -12.390 13.430  -16.940 1.00 57.41  ? 78  G   A C2    1 
ATOM   1360 N  N2    . G   A 1 64 ? -11.408 13.717  -17.811 1.00 56.37  ? 78  G   A N2    1 
ATOM   1361 N  N3    . G   A 1 64 ? -13.062 14.410  -16.358 1.00 57.77  ? 78  G   A N3    1 
ATOM   1362 C  C4    . G   A 1 64 ? -14.015 13.943  -15.522 1.00 58.19  ? 78  G   A C4    1 
ATOM   1363 P  P     . U   A 1 65 ? -18.420 17.664  -17.603 1.00 69.08  ? 79  U   A P     1 
ATOM   1364 O  OP1   . U   A 1 65 ? -19.543 18.621  -17.763 1.00 69.53  ? 79  U   A OP1   1 
ATOM   1365 O  OP2   . U   A 1 65 ? -18.688 16.202  -17.613 1.00 68.98  ? 79  U   A OP2   1 
ATOM   1366 O  "O5'" . U   A 1 65 ? -17.335 17.971  -18.728 1.00 71.95  ? 79  U   A "O5'" 1 
ATOM   1367 C  "C5'" . U   A 1 65 ? -17.469 17.429  -20.039 1.00 75.98  ? 79  U   A "C5'" 1 
ATOM   1368 C  "C4'" . U   A 1 65 ? -16.121 17.375  -20.720 1.00 79.05  ? 79  U   A "C4'" 1 
ATOM   1369 O  "O4'" . U   A 1 65 ? -15.143 16.832  -19.794 1.00 78.59  ? 79  U   A "O4'" 1 
ATOM   1370 C  "C3'" . U   A 1 65 ? -16.068 16.487  -21.957 1.00 81.42  ? 79  U   A "C3'" 1 
ATOM   1371 O  "O3'" . U   A 1 65 ? -16.286 17.264  -23.128 1.00 85.95  ? 79  U   A "O3'" 1 
ATOM   1372 C  "C2'" . U   A 1 65 ? -14.642 15.948  -21.932 1.00 80.30  ? 79  U   A "C2'" 1 
ATOM   1373 O  "O2'" . U   A 1 65 ? -13.711 16.834  -22.517 1.00 79.72  ? 79  U   A "O2'" 1 
ATOM   1374 C  "C1'" . U   A 1 65 ? -14.385 15.823  -20.432 1.00 78.93  ? 79  U   A "C1'" 1 
ATOM   1375 N  N1    . U   A 1 65 ? -14.775 14.526  -19.860 1.00 77.64  ? 79  U   A N1    1 
ATOM   1376 C  C2    . U   A 1 65 ? -14.123 13.395  -20.318 1.00 77.21  ? 79  U   A C2    1 
ATOM   1377 O  O2    . U   A 1 65 ? -13.266 13.429  -21.183 1.00 77.25  ? 79  U   A O2    1 
ATOM   1378 N  N3    . U   A 1 65 ? -14.514 12.221  -19.723 1.00 76.41  ? 79  U   A N3    1 
ATOM   1379 C  C4    . U   A 1 65 ? -15.472 12.067  -18.741 1.00 76.20  ? 79  U   A C4    1 
ATOM   1380 O  O4    . U   A 1 65 ? -15.673 10.949  -18.264 1.00 75.31  ? 79  U   A O4    1 
ATOM   1381 C  C5    . U   A 1 65 ? -16.110 13.282  -18.334 1.00 76.46  ? 79  U   A C5    1 
ATOM   1382 C  C6    . U   A 1 65 ? -15.750 14.440  -18.894 1.00 76.81  ? 79  U   A C6    1 
ATOM   1383 P  P     . C   A 1 66 ? -16.956 16.581  -24.418 1.00 89.85  ? 80  C   A P     1 
ATOM   1384 O  OP1   . C   A 1 66 ? -16.722 17.461  -25.595 1.00 89.02  ? 80  C   A OP1   1 
ATOM   1385 O  OP2   . C   A 1 66 ? -18.347 16.211  -24.043 1.00 89.37  ? 80  C   A OP2   1 
ATOM   1386 O  "O5'" . C   A 1 66 ? -16.121 15.240  -24.623 1.00 90.40  ? 80  C   A "O5'" 1 
ATOM   1387 C  "C5'" . C   A 1 66 ? -16.568 14.235  -25.527 1.00 92.44  ? 80  C   A "C5'" 1 
ATOM   1388 C  "C4'" . C   A 1 66 ? -15.387 13.548  -26.168 1.00 93.54  ? 80  C   A "C4'" 1 
ATOM   1389 O  "O4'" . C   A 1 66 ? -14.426 13.202  -25.134 1.00 92.90  ? 80  C   A "O4'" 1 
ATOM   1390 C  "C3'" . C   A 1 66 ? -15.716 12.242  -26.882 1.00 94.87  ? 80  C   A "C3'" 1 
ATOM   1391 O  "O3'" . C   A 1 66 ? -15.973 12.483  -28.261 1.00 97.90  ? 80  C   A "O3'" 1 
ATOM   1392 C  "C2'" . C   A 1 66 ? -14.444 11.426  -26.685 1.00 94.08  ? 80  C   A "C2'" 1 
ATOM   1393 O  "O2'" . C   A 1 66 ? -13.421 11.746  -27.608 1.00 93.86  ? 80  C   A "O2'" 1 
ATOM   1394 C  "C1'" . C   A 1 66 ? -14.033 11.849  -25.277 1.00 93.00  ? 80  C   A "C1'" 1 
ATOM   1395 N  N1    . C   A 1 66 ? -14.696 11.066  -24.223 1.00 92.06  ? 80  C   A N1    1 
ATOM   1396 C  C2    . C   A 1 66 ? -14.367 9.713   -24.079 1.00 90.97  ? 80  C   A C2    1 
ATOM   1397 O  O2    . C   A 1 66 ? -13.526 9.213   -24.842 1.00 90.39  ? 80  C   A O2    1 
ATOM   1398 N  N3    . C   A 1 66 ? -14.976 8.986   -23.114 1.00 89.65  ? 80  C   A N3    1 
ATOM   1399 C  C4    . C   A 1 66 ? -15.875 9.562   -22.312 1.00 89.64  ? 80  C   A C4    1 
ATOM   1400 N  N4    . C   A 1 66 ? -16.451 8.808   -21.375 1.00 88.94  ? 80  C   A N4    1 
ATOM   1401 C  C5    . C   A 1 66 ? -16.225 10.938  -22.436 1.00 90.21  ? 80  C   A C5    1 
ATOM   1402 C  C6    . C   A 1 66 ? -15.617 11.646  -23.395 1.00 91.37  ? 80  C   A C6    1 
ATOM   1403 P  P     . C   A 1 67 ? -16.730 11.367  -29.138 1.00 100.39 ? 81  C   A P     1 
ATOM   1404 O  OP1   . C   A 1 67 ? -16.808 11.847  -30.542 1.00 100.33 ? 81  C   A OP1   1 
ATOM   1405 O  OP2   . C   A 1 67 ? -17.977 11.006  -28.416 1.00 100.11 ? 81  C   A OP2   1 
ATOM   1406 O  "O5'" . C   A 1 67 ? -15.750 10.113  -29.095 1.00 100.49 ? 81  C   A "O5'" 1 
ATOM   1407 C  "C5'" . C   A 1 67 ? -15.859 9.066   -30.055 1.00 101.22 ? 81  C   A "C5'" 1 
ATOM   1408 C  "C4'" . C   A 1 67 ? -15.757 7.725   -29.373 1.00 101.86 ? 81  C   A "C4'" 1 
ATOM   1409 O  "O4'" . C   A 1 67 ? -15.408 7.921   -27.975 1.00 102.12 ? 81  C   A "O4'" 1 
ATOM   1410 C  "C3'" . C   A 1 67 ? -17.049 6.928   -29.314 1.00 102.21 ? 81  C   A "C3'" 1 
ATOM   1411 O  "O3'" . C   A 1 67 ? -17.384 6.294   -30.554 1.00 102.15 ? 81  C   A "O3'" 1 
ATOM   1412 C  "C2'" . C   A 1 67 ? -16.779 5.995   -28.144 1.00 102.46 ? 81  C   A "C2'" 1 
ATOM   1413 O  "O2'" . C   A 1 67 ? -15.912 4.930   -28.483 1.00 102.93 ? 81  C   A "O2'" 1 
ATOM   1414 C  "C1'" . C   A 1 67 ? -16.067 6.946   -27.178 1.00 102.15 ? 81  C   A "C1'" 1 
ATOM   1415 N  N1    . C   A 1 67 ? -16.985 7.646   -26.263 1.00 101.64 ? 81  C   A N1    1 
ATOM   1416 C  C2    . C   A 1 67 ? -17.425 6.986   -25.107 1.00 101.23 ? 81  C   A C2    1 
ATOM   1417 O  O2    . C   A 1 67 ? -17.025 5.832   -24.883 1.00 100.82 ? 81  C   A O2    1 
ATOM   1418 N  N3    . C   A 1 67 ? -18.272 7.625   -24.265 1.00 100.55 ? 81  C   A N3    1 
ATOM   1419 C  C4    . C   A 1 67 ? -18.676 8.868   -24.541 1.00 100.09 ? 81  C   A C4    1 
ATOM   1420 N  N4    . C   A 1 67 ? -19.512 9.457   -23.684 1.00 99.47  ? 81  C   A N4    1 
ATOM   1421 C  C5    . C   A 1 67 ? -18.241 9.561   -25.708 1.00 100.25 ? 81  C   A C5    1 
ATOM   1422 C  C6    . C   A 1 67 ? -17.405 8.918   -26.533 1.00 100.97 ? 81  C   A C6    1 
HETATM 1423 N  N9    . 2BP B 2 .  ? -9.139  9.293   -2.387  1.00 40.48  ? 91  2BP A N9    1 
HETATM 1424 C  C8    . 2BP B 2 .  ? -8.229  10.197  -2.879  1.00 40.44  ? 91  2BP A C8    1 
HETATM 1425 N  N7    . 2BP B 2 .  ? -7.547  9.662   -3.859  1.00 38.97  ? 91  2BP A N7    1 
HETATM 1426 C  C5    . 2BP B 2 .  ? -7.975  8.389   -4.059  1.00 38.77  ? 91  2BP A C5    1 
HETATM 1427 C  C6    . 2BP B 2 .  ? -7.619  7.339   -4.965  1.00 38.02  ? 91  2BP A C6    1 
HETATM 1428 N  N1    . 2BP B 2 .  ? -8.284  6.138   -4.884  1.00 37.59  ? 91  2BP A N1    1 
HETATM 1429 C  C2    . 2BP B 2 .  ? -9.278  5.948   -3.943  1.00 39.10  ? 91  2BP A C2    1 
HETATM 1430 N  N2    . 2BP B 2 .  ? -9.924  4.741   -3.883  1.00 39.58  ? 91  2BP A N2    1 
HETATM 1431 N  N3    . 2BP B 2 .  ? -9.620  6.920   -3.089  1.00 38.85  ? 91  2BP A N3    1 
HETATM 1432 C  C4    . 2BP B 2 .  ? -9.004  8.135   -3.114  1.00 40.00  ? 91  2BP A C4    1 
HETATM 1433 C  C     . ACT C 3 .  ? 7.963   -7.721  9.235   1.00 17.78  ? 96  ACT A C     1 
HETATM 1434 O  O     . ACT C 3 .  ? 7.476   -8.625  8.529   1.00 19.39  ? 96  ACT A O     1 
HETATM 1435 O  OXT   . ACT C 3 .  ? 7.702   -7.432  10.488  1.00 16.78  ? 96  ACT A OXT   1 
HETATM 1436 C  CH3   . ACT C 3 .  ? 8.989   -6.836  8.563   1.00 18.39  ? 96  ACT A CH3   1 
HETATM 1437 CO CO    . NCO D 4 .  ? 11.308  2.373   9.187   1.00 27.64  ? 101 NCO A CO    1 
HETATM 1438 N  N1    . NCO D 4 .  ? 12.365  0.799   9.699   1.00 27.24  ? 101 NCO A N1    1 
HETATM 1439 N  N2    . NCO D 4 .  ? 10.251  3.947   8.676   1.00 27.30  ? 101 NCO A N2    1 
HETATM 1440 N  N3    . NCO D 4 .  ? 12.707  2.904   7.918   1.00 27.03  ? 101 NCO A N3    1 
HETATM 1441 N  N4    . NCO D 4 .  ? 9.909   1.842   10.454  1.00 28.36  ? 101 NCO A N4    1 
HETATM 1442 N  N5    . NCO D 4 .  ? 10.431  1.326   7.781   1.00 27.38  ? 101 NCO A N5    1 
HETATM 1443 N  N6    . NCO D 4 .  ? 12.183  3.420   10.595  1.00 26.42  ? 101 NCO A N6    1 
HETATM 1444 CO CO    . NCO E 4 .  ? 0.206   -13.994 2.632   1.00 47.70  ? 102 NCO A CO    1 
HETATM 1445 N  N1    . NCO E 4 .  ? 1.912   -14.112 1.664   1.00 45.18  ? 102 NCO A N1    1 
HETATM 1446 N  N2    . NCO E 4 .  ? -1.497  -13.876 3.595   1.00 46.86  ? 102 NCO A N2    1 
HETATM 1447 N  N3    . NCO E 4 .  ? -0.353  -12.512 1.471   1.00 45.50  ? 102 NCO A N3    1 
HETATM 1448 N  N4    . NCO E 4 .  ? 0.761   -15.475 3.791   1.00 45.57  ? 102 NCO A N4    1 
HETATM 1449 N  N5    . NCO E 4 .  ? -0.591  -15.280 1.376   1.00 46.47  ? 102 NCO A N5    1 
HETATM 1450 N  N6    . NCO E 4 .  ? 1.005   -12.712 3.885   1.00 46.23  ? 102 NCO A N6    1 
HETATM 1451 CO CO    . NCO F 4 .  ? 4.730   -6.433  -0.394  1.00 27.72  ? 103 NCO A CO    1 
HETATM 1452 N  N1    . NCO F 4 .  ? 5.945   -6.692  -1.909  1.00 22.39  ? 103 NCO A N1    1 
HETATM 1453 N  N2    . NCO F 4 .  ? 3.514   -6.171  1.120   1.00 19.89  ? 103 NCO A N2    1 
HETATM 1454 N  N3    . NCO F 4 .  ? 3.203   -6.365  -1.627  1.00 22.99  ? 103 NCO A N3    1 
HETATM 1455 N  N4    . NCO F 4 .  ? 6.255   -6.505  0.841   1.00 22.65  ? 103 NCO A N4    1 
HETATM 1456 N  N5    . NCO F 4 .  ? 4.513   -8.379  -0.234  1.00 24.77  ? 103 NCO A N5    1 
HETATM 1457 N  N6    . NCO F 4 .  ? 4.948   -4.486  -0.556  1.00 23.64  ? 103 NCO A N6    1 
HETATM 1458 CO CO    . NCO G 4 .  ? 7.526   -4.365  15.833  1.00 28.26  ? 104 NCO A CO    1 
HETATM 1459 N  N1    . NCO G 4 .  ? 8.107   -2.528  15.466  1.00 23.31  ? 104 NCO A N1    1 
HETATM 1460 N  N2    . NCO G 4 .  ? 6.944   -6.204  16.202  1.00 25.50  ? 104 NCO A N2    1 
HETATM 1461 N  N3    . NCO G 4 .  ? 5.833   -3.689  16.553  1.00 24.27  ? 104 NCO A N3    1 
HETATM 1462 N  N4    . NCO G 4 .  ? 9.218   -5.046  15.113  1.00 25.66  ? 104 NCO A N4    1 
HETATM 1463 N  N5    . NCO G 4 .  ? 6.722   -4.470  14.048  1.00 23.11  ? 104 NCO A N5    1 
HETATM 1464 N  N6    . NCO G 4 .  ? 8.331   -4.267  17.617  1.00 22.29  ? 104 NCO A N6    1 
HETATM 1465 CO CO    . NCO H 4 .  ? 9.227   -14.958 -0.705  1.00 56.63  ? 105 NCO A CO    1 
HETATM 1466 N  N1    . NCO H 4 .  ? 10.654  -14.888 -2.054  1.00 53.55  ? 105 NCO A N1    1 
HETATM 1467 N  N2    . NCO H 4 .  ? 7.800   -15.028 0.644   1.00 53.70  ? 105 NCO A N2    1 
HETATM 1468 N  N3    . NCO H 4 .  ? 9.056   -13.002 -0.787  1.00 55.22  ? 105 NCO A N3    1 
HETATM 1469 N  N4    . NCO H 4 .  ? 9.400   -16.913 -0.625  1.00 55.34  ? 105 NCO A N4    1 
HETATM 1470 N  N5    . NCO H 4 .  ? 7.885   -15.131 -2.129  1.00 54.31  ? 105 NCO A N5    1 
HETATM 1471 N  N6    . NCO H 4 .  ? 10.565  -14.784 0.719   1.00 54.41  ? 105 NCO A N6    1 
HETATM 1472 CO CO    . NCO I 4 .  ? -7.046  -3.607  6.396   1.00 110.50 ? 107 NCO A CO    1 
HETATM 1473 N  N1    . NCO I 4 .  ? -6.397  -3.828  4.557   1.00 109.99 ? 107 NCO A N1    1 
HETATM 1474 N  N2    . NCO I 4 .  ? -7.696  -3.385  8.235   1.00 109.91 ? 107 NCO A N2    1 
HETATM 1475 N  N3    . NCO I 4 .  ? -5.756  -2.156  6.680   1.00 110.12 ? 107 NCO A N3    1 
HETATM 1476 N  N4    . NCO I 4 .  ? -8.337  -5.060  6.113   1.00 110.23 ? 107 NCO A N4    1 
HETATM 1477 N  N5    . NCO I 4 .  ? -8.375  -2.306  5.769   1.00 110.33 ? 107 NCO A N5    1 
HETATM 1478 N  N6    . NCO I 4 .  ? -5.717  -4.907  7.023   1.00 110.23 ? 107 NCO A N6    1 
HETATM 1479 CO CO    . NCO J 4 .  ? -10.844 10.040  6.700   1.00 85.52  ? 108 NCO A CO    1 
HETATM 1480 N  N1    . NCO J 4 .  ? -9.911  9.058   5.277   1.00 84.15  ? 108 NCO A N1    1 
HETATM 1481 N  N2    . NCO J 4 .  ? -11.777 11.020  8.121   1.00 84.19  ? 108 NCO A N2    1 
HETATM 1482 N  N3    . NCO J 4 .  ? -12.561 9.330   6.060   1.00 83.54  ? 108 NCO A N3    1 
HETATM 1483 N  N4    . NCO J 4 .  ? -9.127  10.749  7.338   1.00 83.27  ? 108 NCO A N4    1 
HETATM 1484 N  N5    . NCO J 4 .  ? -10.652 8.493   7.894   1.00 84.19  ? 108 NCO A N5    1 
HETATM 1485 N  N6    . NCO J 4 .  ? -11.037 11.586  5.504   1.00 83.83  ? 108 NCO A N6    1 
HETATM 1486 CO CO    . NCO K 4 .  ? 4.002   4.016   -9.714  1.00 115.52 ? 109 NCO A CO    1 
HETATM 1487 N  N1    . NCO K 4 .  ? 5.586   4.896   -10.469 1.00 115.08 ? 109 NCO A N1    1 
HETATM 1488 N  N2    . NCO K 4 .  ? 2.417   3.136   -8.959  1.00 115.11 ? 109 NCO A N2    1 
HETATM 1489 N  N3    . NCO K 4 .  ? 3.662   3.147   -11.441 1.00 115.11 ? 109 NCO A N3    1 
HETATM 1490 N  N4    . NCO K 4 .  ? 4.343   4.884   -7.986  1.00 115.27 ? 109 NCO A N4    1 
HETATM 1491 N  N5    . NCO K 4 .  ? 5.109   2.489   -9.165  1.00 115.25 ? 109 NCO A N5    1 
HETATM 1492 N  N6    . NCO K 4 .  ? 2.894   5.542   -10.262 1.00 114.98 ? 109 NCO A N6    1 
HETATM 1493 CO CO    . NCO L 4 .  ? -0.535  18.771  -5.548  1.00 104.18 ? 110 NCO A CO    1 
HETATM 1494 N  N1    . NCO L 4 .  ? 1.254   18.819  -6.358  1.00 104.00 ? 110 NCO A N1    1 
HETATM 1495 N  N2    . NCO L 4 .  ? -2.322  18.723  -4.738  1.00 103.92 ? 110 NCO A N2    1 
HETATM 1496 N  N3    . NCO L 4 .  ? -1.326  19.309  -7.263  1.00 103.79 ? 110 NCO A N3    1 
HETATM 1497 N  N4    . NCO L 4 .  ? 0.256   18.234  -3.834  1.00 103.93 ? 110 NCO A N4    1 
HETATM 1498 N  N5    . NCO L 4 .  ? -0.712  16.884  -6.059  1.00 103.88 ? 110 NCO A N5    1 
HETATM 1499 N  N6    . NCO L 4 .  ? -0.357  20.658  -5.039  1.00 104.04 ? 110 NCO A N6    1 
HETATM 1500 CO CO    . NCO M 4 .  ? 9.899   -12.236 18.692  1.00 116.53 ? 111 NCO A CO    1 
HETATM 1501 N  N1    . NCO M 4 .  ? 9.967   -11.490 16.874  1.00 116.23 ? 111 NCO A N1    1 
HETATM 1502 N  N2    . NCO M 4 .  ? 9.830   -12.979 20.507  1.00 116.06 ? 111 NCO A N2    1 
HETATM 1503 N  N3    . NCO M 4 .  ? 7.945   -12.387 18.556  1.00 116.13 ? 111 NCO A N3    1 
HETATM 1504 N  N4    . NCO M 4 .  ? 11.852  -12.084 18.828  1.00 116.07 ? 111 NCO A N4    1 
HETATM 1505 N  N5    . NCO M 4 .  ? 10.091  -14.047 17.958  1.00 116.25 ? 111 NCO A N5    1 
HETATM 1506 N  N6    . NCO M 4 .  ? 9.707   -10.424 19.426  1.00 116.16 ? 111 NCO A N6    1 
HETATM 1507 CO CO    . NCO N 4 .  ? -2.816  2.012   -16.800 0.64 33.54  ? 112 NCO A CO    1 
HETATM 1508 N  N1    . NCO N 4 .  ? -3.550  0.557   -17.892 0.64 30.79  ? 112 NCO A N1    1 
HETATM 1509 N  N2    . NCO N 4 .  ? -2.082  3.466   -15.706 0.64 30.32  ? 112 NCO A N2    1 
HETATM 1510 N  N3    . NCO N 4 .  ? -4.633  2.507   -16.246 0.64 31.16  ? 112 NCO A N3    1 
HETATM 1511 N  N4    . NCO N 4 .  ? -1.000  1.516   -17.354 0.64 31.28  ? 112 NCO A N4    1 
HETATM 1512 N  N5    . NCO N 4 .  ? -2.680  0.795   -15.268 0.64 32.09  ? 112 NCO A N5    1 
HETATM 1513 N  N6    . NCO N 4 .  ? -2.951  3.229   -18.332 0.64 31.42  ? 112 NCO A N6    1 
HETATM 1514 O  O     . HOH O 5 .  ? -3.113  -5.806  8.582   1.00 16.37  ? 500 HOH A O     1 
HETATM 1515 O  O     . HOH O 5 .  ? 5.407   -1.642  14.421  1.00 5.16   ? 501 HOH A O     1 
HETATM 1516 O  O     . HOH O 5 .  ? 10.184  -8.532  14.101  1.00 23.25  ? 502 HOH A O     1 
HETATM 1517 O  O     . HOH O 5 .  ? 9.824   -6.764  17.083  1.00 25.00  ? 503 HOH A O     1 
HETATM 1518 O  O     . HOH O 5 .  ? 3.481   10.965  1.255   1.00 20.66  ? 504 HOH A O     1 
HETATM 1519 O  O     . HOH O 5 .  ? 11.901  -4.373  -8.597  1.00 18.75  ? 505 HOH A O     1 
HETATM 1520 O  O     . HOH O 5 .  ? 1.664   -7.952  -0.051  1.00 36.43  ? 506 HOH A O     1 
HETATM 1521 O  O     . HOH O 5 .  ? -0.165  2.489   -9.436  1.00 20.23  ? 507 HOH A O     1 
HETATM 1522 O  O     . HOH O 5 .  ? 3.746   -2.924  -2.475  1.00 27.86  ? 508 HOH A O     1 
HETATM 1523 O  O     . HOH O 5 .  ? 7.753   3.974   12.118  1.00 33.00  ? 509 HOH A O     1 
HETATM 1524 O  O     . HOH O 5 .  ? 2.863   -11.713 1.494   1.00 26.68  ? 510 HOH A O     1 
HETATM 1525 O  O     . HOH O 5 .  ? -17.658 7.689   -9.095  1.00 32.99  ? 511 HOH A O     1 
HETATM 1526 O  O     . HOH O 5 .  ? 4.508   0.620   -5.979  1.00 18.53  ? 512 HOH A O     1 
HETATM 1527 O  O     . HOH O 5 .  ? -4.811  -0.424  -1.984  1.00 32.11  ? 513 HOH A O     1 
HETATM 1528 O  O     . HOH O 5 .  ? 1.889   -4.343  -0.149  1.00 39.10  ? 514 HOH A O     1 
HETATM 1529 O  O     . HOH O 5 .  ? -12.875 5.363   -29.142 1.00 34.10  ? 515 HOH A O     1 
HETATM 1530 O  O     . HOH O 5 .  ? 10.346  -21.074 10.424  1.00 38.12  ? 516 HOH A O     1 
HETATM 1531 O  O     . HOH O 5 .  ? 2.667   -6.783  -14.478 1.00 14.04  ? 517 HOH A O     1 
HETATM 1532 O  O     . HOH O 5 .  ? 16.852  -14.192 -9.849  1.00 29.50  ? 518 HOH A O     1 
HETATM 1533 O  O     . HOH O 5 .  ? 6.164   -6.182  5.489   1.00 26.15  ? 519 HOH A O     1 
HETATM 1534 O  O     . HOH O 5 .  ? 16.415  -4.612  -1.671  1.00 42.72  ? 520 HOH A O     1 
HETATM 1535 O  O     . HOH O 5 .  ? -11.577 11.252  -2.880  1.00 47.10  ? 521 HOH A O     1 
HETATM 1536 O  O     . HOH O 5 .  ? 2.069   2.695   -13.816 1.00 29.63  ? 522 HOH A O     1 
HETATM 1537 O  O     . HOH O 5 .  ? 8.993   -5.131  11.793  1.00 21.34  ? 523 HOH A O     1 
HETATM 1538 O  O     . HOH O 5 .  ? -5.716  -9.077  3.314   1.00 24.61  ? 524 HOH A O     1 
HETATM 1539 O  O     . HOH O 5 .  ? 8.436   -1.204  12.647  1.00 27.86  ? 525 HOH A O     1 
HETATM 1540 O  O     . HOH O 5 .  ? 4.702   1.318   14.482  1.00 13.27  ? 526 HOH A O     1 
HETATM 1541 O  O     . HOH O 5 .  ? 16.551  -6.488  3.581   1.00 51.19  ? 527 HOH A O     1 
HETATM 1542 O  O     . HOH O 5 .  ? -12.837 2.514   -2.662  1.00 39.61  ? 528 HOH A O     1 
HETATM 1543 O  O     . HOH O 5 .  ? -16.036 -1.541  -23.535 1.00 32.93  ? 529 HOH A O     1 
HETATM 1544 O  O     . HOH O 5 .  ? 13.145  2.373   -9.161  1.00 30.85  ? 530 HOH A O     1 
HETATM 1545 O  O     . HOH O 5 .  ? 2.809   18.795  -8.575  1.00 32.27  ? 531 HOH A O     1 
HETATM 1546 O  O     . HOH O 5 .  ? -5.484  2.407   -18.656 1.00 50.87  ? 532 HOH A O     1 
HETATM 1547 O  O     . HOH O 5 .  ? 25.433  -10.055 3.812   1.00 40.64  ? 533 HOH A O     1 
HETATM 1548 O  O     . HOH O 5 .  ? 5.640   -0.802  -3.389  1.00 24.94  ? 534 HOH A O     1 
HETATM 1549 O  O     . HOH O 5 .  ? 14.026  -6.723  -7.826  1.00 35.27  ? 535 HOH A O     1 
HETATM 1550 O  O     . HOH O 5 .  ? 15.449  -15.588 17.470  1.00 51.13  ? 536 HOH A O     1 
HETATM 1551 O  O     . HOH O 5 .  ? -0.086  -11.942 11.006  1.00 20.40  ? 537 HOH A O     1 
HETATM 1552 O  O     . HOH O 5 .  ? -8.408  -3.572  -5.636  1.00 39.58  ? 538 HOH A O     1 
HETATM 1553 O  O     . HOH O 5 .  ? 11.711  -12.332 -2.485  1.00 59.21  ? 539 HOH A O     1 
HETATM 1554 O  O     . HOH O 5 .  ? -17.471 4.405   -2.733  1.00 46.41  ? 540 HOH A O     1 
HETATM 1555 O  O     . HOH O 5 .  ? -1.370  4.961   -9.102  1.00 24.07  ? 541 HOH A O     1 
HETATM 1556 O  O     . HOH O 5 .  ? 10.229  4.105   12.300  1.00 31.50  ? 542 HOH A O     1 
HETATM 1557 O  O     . HOH O 5 .  ? 7.132   -12.231 16.005  1.00 46.88  ? 543 HOH A O     1 
HETATM 1558 O  O     . HOH O 5 .  ? 4.020   16.300  -7.697  1.00 23.22  ? 544 HOH A O     1 
HETATM 1559 O  O     . HOH O 5 .  ? 6.659   0.720   12.005  1.00 28.06  ? 545 HOH A O     1 
HETATM 1560 O  O     . HOH O 5 .  ? 4.584   -17.645 18.700  1.00 28.23  ? 546 HOH A O     1 
HETATM 1561 O  O     . HOH O 5 .  ? -0.511  14.077  -0.492  1.00 43.47  ? 547 HOH A O     1 
HETATM 1562 O  O     . HOH O 5 .  ? 18.851  -12.304 -8.300  1.00 34.67  ? 548 HOH A O     1 
HETATM 1563 O  O     . HOH O 5 .  ? -17.762 14.755  -28.304 1.00 27.37  ? 549 HOH A O     1 
HETATM 1564 O  O     . HOH O 5 .  ? 15.618  -4.347  1.626   1.00 44.38  ? 550 HOH A O     1 
HETATM 1565 O  O     . HOH O 5 .  ? -13.642 11.278  -30.514 1.00 39.67  ? 551 HOH A O     1 
HETATM 1566 O  O     . HOH O 5 .  ? 1.747   1.336   -5.811  1.00 41.35  ? 552 HOH A O     1 
HETATM 1567 O  O     . HOH O 5 .  ? -8.654  6.818   8.234   1.00 48.17  ? 553 HOH A O     1 
HETATM 1568 O  O     . HOH O 5 .  ? 0.484   -13.536 6.582   1.00 32.10  ? 554 HOH A O     1 
HETATM 1569 O  O     . HOH O 5 .  ? 1.668   11.376  2.960   1.00 31.12  ? 555 HOH A O     1 
HETATM 1570 O  O     . HOH O 5 .  ? -19.390 5.213   -0.542  1.00 38.03  ? 556 HOH A O     1 
HETATM 1571 O  O     . HOH O 5 .  ? -5.726  -4.086  -7.858  1.00 29.30  ? 557 HOH A O     1 
HETATM 1572 O  O     . HOH O 5 .  ? 14.129  -13.611 15.918  1.00 43.22  ? 558 HOH A O     1 
HETATM 1573 O  O     . HOH O 5 .  ? -5.945  21.925  -2.967  1.00 29.21  ? 559 HOH A O     1 
HETATM 1574 O  O     . HOH O 5 .  ? 15.613  -13.291 -3.164  1.00 36.09  ? 560 HOH A O     1 
HETATM 1575 O  O     . HOH O 5 .  ? 4.675   -5.575  -16.377 1.00 21.37  ? 561 HOH A O     1 
HETATM 1576 O  O     . HOH O 5 .  ? -5.377  -6.522  5.005   1.00 29.30  ? 562 HOH A O     1 
HETATM 1577 O  O     . HOH O 5 .  ? -8.443  18.987  -13.641 1.00 27.29  ? 563 HOH A O     1 
# 
loop_
_pdbx_poly_seq_scheme.asym_id 
_pdbx_poly_seq_scheme.entity_id 
_pdbx_poly_seq_scheme.seq_id 
_pdbx_poly_seq_scheme.mon_id 
_pdbx_poly_seq_scheme.ndb_seq_num 
_pdbx_poly_seq_scheme.pdb_seq_num 
_pdbx_poly_seq_scheme.auth_seq_num 
_pdbx_poly_seq_scheme.pdb_mon_id 
_pdbx_poly_seq_scheme.auth_mon_id 
_pdbx_poly_seq_scheme.pdb_strand_id 
_pdbx_poly_seq_scheme.pdb_ins_code 
_pdbx_poly_seq_scheme.hetero 
A 1 1  G 1  15 15 G GUA A . n 
A 1 2  G 2  16 16 G GUA A . n 
A 1 3  A 3  17 17 A ADE A . n 
A 1 4  C 4  18 18 C CYT A . n 
A 1 5  A 5  19 19 A ADE A . n 
A 1 6  U 6  20 20 U URI A . n 
A 1 7  A 7  21 21 A ADE A . n 
A 1 8  U 8  22 22 U URI A . n 
A 1 9  A 9  23 23 A ADE A . n 
A 1 10 A 10 24 24 A ADE A . n 
A 1 11 U 11 25 25 U URI A . n 
A 1 12 C 12 26 26 C CYT A . n 
A 1 13 G 13 27 27 G GUA A . n 
A 1 14 C 14 28 28 C CYT A . n 
A 1 15 G 15 29 29 G GUA A . n 
A 1 16 U 16 30 30 U URI A . n 
A 1 17 G 17 31 31 G GUA A . n 
A 1 18 G 18 32 32 G GUA A . n 
A 1 19 A 19 33 33 A ADE A . n 
A 1 20 U 20 34 34 U URI A . n 
A 1 21 A 21 35 35 A ADE A . n 
A 1 22 U 22 36 36 U URI A . n 
A 1 23 G 23 37 37 G GUA A . n 
A 1 24 G 24 38 38 G GUA A . n 
A 1 25 C 25 39 39 C CYT A . n 
A 1 26 A 26 40 40 A ADE A . n 
A 1 27 C 27 41 41 C CYT A . n 
A 1 28 G 28 42 42 G GUA A . n 
A 1 29 C 29 43 43 C CYT A . n 
A 1 30 A 30 44 44 A ADE A . n 
A 1 31 A 31 45 45 A ADE A . n 
A 1 32 G 32 46 46 G GUA A . n 
A 1 33 U 33 47 47 U URI A . n 
A 1 34 U 34 48 48 U URI A . n 
A 1 35 U 35 49 49 U URI A . n 
A 1 36 C 36 50 50 C CYT A . n 
A 1 37 U 37 51 51 U URI A . n 
A 1 38 A 38 52 52 A ADE A . n 
A 1 39 C 39 53 53 C CYT A . n 
A 1 40 C 40 54 54 C CYT A . n 
A 1 41 G 41 55 55 G GUA A . n 
A 1 42 G 42 56 56 G GUA A . n 
A 1 43 G 43 57 57 G GUA A . n 
A 1 44 C 44 58 58 C CYT A . n 
A 1 45 A 45 59 59 A ADE A . n 
A 1 46 C 46 60 60 C CYT A . n 
A 1 47 C 47 61 61 C CYT A . n 
A 1 48 G 48 62 62 G GUA A . n 
A 1 49 U 49 63 63 U URI A . n 
A 1 50 A 50 64 64 A ADE A . n 
A 1 51 A 51 65 65 A ADE A . n 
A 1 52 A 52 66 66 A ADE A . n 
A 1 53 U 53 67 67 U URI A . n 
A 1 54 G 54 68 68 G GUA A . n 
A 1 55 U 55 69 69 U URI A . n 
A 1 56 C 56 70 70 C CYT A . n 
A 1 57 C 57 71 71 C CYT A . n 
A 1 58 G 58 72 72 G GUA A . n 
A 1 59 A 59 73 73 A ADE A . n 
A 1 60 C 60 74 74 C CYT A . n 
A 1 61 U 61 75 75 U URI A . n 
A 1 62 A 62 76 76 A ADE A . n 
A 1 63 U 63 77 77 U URI A . n 
A 1 64 G 64 78 78 G GUA A . n 
A 1 65 U 65 79 79 U URI A . n 
A 1 66 C 66 80 80 C CYT A . n 
A 1 67 C 67 81 81 C CYT A . n 
# 
loop_
_pdbx_nonpoly_scheme.asym_id 
_pdbx_nonpoly_scheme.entity_id 
_pdbx_nonpoly_scheme.mon_id 
_pdbx_nonpoly_scheme.ndb_seq_num 
_pdbx_nonpoly_scheme.pdb_seq_num 
_pdbx_nonpoly_scheme.auth_seq_num 
_pdbx_nonpoly_scheme.pdb_mon_id 
_pdbx_nonpoly_scheme.auth_mon_id 
_pdbx_nonpoly_scheme.pdb_strand_id 
_pdbx_nonpoly_scheme.pdb_ins_code 
B 2 2BP 1  91  91  2BP 2AP A . 
C 3 ACT 1  96  96  ACT ACT A . 
D 4 NCO 1  101 101 NCO NCO A . 
E 4 NCO 1  102 102 NCO NCO A . 
F 4 NCO 1  103 103 NCO NCO A . 
G 4 NCO 1  104 104 NCO NCO A . 
H 4 NCO 1  105 105 NCO NCO A . 
I 4 NCO 1  107 107 NCO NCO A . 
J 4 NCO 1  108 108 NCO NCO A . 
K 4 NCO 1  109 109 NCO NCO A . 
L 4 NCO 1  110 110 NCO NCO A . 
M 4 NCO 1  111 111 NCO NCO A . 
N 4 NCO 1  112 112 NCO NCO A . 
O 5 HOH 1  500 500 HOH HOH A . 
O 5 HOH 2  501 501 HOH HOH A . 
O 5 HOH 3  502 502 HOH HOH A . 
O 5 HOH 4  503 503 HOH HOH A . 
O 5 HOH 5  504 504 HOH HOH A . 
O 5 HOH 6  505 505 HOH HOH A . 
O 5 HOH 7  506 506 HOH HOH A . 
O 5 HOH 8  507 507 HOH HOH A . 
O 5 HOH 9  508 508 HOH HOH A . 
O 5 HOH 10 509 509 HOH HOH A . 
O 5 HOH 11 510 510 HOH HOH A . 
O 5 HOH 12 511 511 HOH HOH A . 
O 5 HOH 13 512 512 HOH HOH A . 
O 5 HOH 14 513 513 HOH HOH A . 
O 5 HOH 15 514 514 HOH HOH A . 
O 5 HOH 16 515 515 HOH HOH A . 
O 5 HOH 17 516 516 HOH HOH A . 
O 5 HOH 18 517 517 HOH HOH A . 
O 5 HOH 19 518 518 HOH HOH A . 
O 5 HOH 20 519 519 HOH HOH A . 
O 5 HOH 21 520 520 HOH HOH A . 
O 5 HOH 22 521 521 HOH HOH A . 
O 5 HOH 23 522 522 HOH HOH A . 
O 5 HOH 24 523 523 HOH HOH A . 
O 5 HOH 25 524 524 HOH HOH A . 
O 5 HOH 26 525 525 HOH HOH A . 
O 5 HOH 27 526 526 HOH HOH A . 
O 5 HOH 28 527 527 HOH HOH A . 
O 5 HOH 29 528 528 HOH HOH A . 
O 5 HOH 30 529 529 HOH HOH A . 
O 5 HOH 31 530 530 HOH HOH A . 
O 5 HOH 32 531 531 HOH HOH A . 
O 5 HOH 33 532 532 HOH HOH A . 
O 5 HOH 34 533 533 HOH HOH A . 
O 5 HOH 35 534 534 HOH HOH A . 
O 5 HOH 36 535 535 HOH HOH A . 
O 5 HOH 37 536 536 HOH HOH A . 
O 5 HOH 38 537 537 HOH HOH A . 
O 5 HOH 39 538 538 HOH HOH A . 
O 5 HOH 40 539 539 HOH HOH A . 
O 5 HOH 41 540 540 HOH HOH A . 
O 5 HOH 42 541 541 HOH HOH A . 
O 5 HOH 43 542 542 HOH HOH A . 
O 5 HOH 44 543 543 HOH HOH A . 
O 5 HOH 45 544 544 HOH HOH A . 
O 5 HOH 46 545 545 HOH HOH A . 
O 5 HOH 47 546 546 HOH HOH A . 
O 5 HOH 48 547 547 HOH HOH A . 
O 5 HOH 49 548 548 HOH HOH A . 
O 5 HOH 50 549 549 HOH HOH A . 
O 5 HOH 51 550 550 HOH HOH A . 
O 5 HOH 52 551 551 HOH HOH A . 
O 5 HOH 53 552 552 HOH HOH A . 
O 5 HOH 54 553 553 HOH HOH A . 
O 5 HOH 55 554 554 HOH HOH A . 
O 5 HOH 56 555 555 HOH HOH A . 
O 5 HOH 57 556 556 HOH HOH A . 
O 5 HOH 58 557 557 HOH HOH A . 
O 5 HOH 59 558 558 HOH HOH A . 
O 5 HOH 60 559 559 HOH HOH A . 
O 5 HOH 61 560 560 HOH HOH A . 
O 5 HOH 62 561 561 HOH HOH A . 
O 5 HOH 63 562 562 HOH HOH A . 
O 5 HOH 64 563 563 HOH HOH A . 
# 
_pdbx_struct_assembly.id                   1 
_pdbx_struct_assembly.details              author_and_software_defined_assembly 
_pdbx_struct_assembly.method_details       PISA 
_pdbx_struct_assembly.oligomeric_details   monomeric 
_pdbx_struct_assembly.oligomeric_count     1 
# 
_pdbx_struct_assembly_gen.assembly_id       1 
_pdbx_struct_assembly_gen.oper_expression   1 
_pdbx_struct_assembly_gen.asym_id_list      A,B,C,D,E,F,G,H,I,J,K,L,M,N,O 
# 
_pdbx_struct_oper_list.id                   1 
_pdbx_struct_oper_list.type                 'identity operation' 
_pdbx_struct_oper_list.name                 1_555 
_pdbx_struct_oper_list.symmetry_operation   x,y,z 
_pdbx_struct_oper_list.matrix[1][1]         1.0000000000 
_pdbx_struct_oper_list.matrix[1][2]         0.0000000000 
_pdbx_struct_oper_list.matrix[1][3]         0.0000000000 
_pdbx_struct_oper_list.vector[1]            0.0000000000 
_pdbx_struct_oper_list.matrix[2][1]         0.0000000000 
_pdbx_struct_oper_list.matrix[2][2]         1.0000000000 
_pdbx_struct_oper_list.matrix[2][3]         0.0000000000 
_pdbx_struct_oper_list.vector[2]            0.0000000000 
_pdbx_struct_oper_list.matrix[3][1]         0.0000000000 
_pdbx_struct_oper_list.matrix[3][2]         0.0000000000 
_pdbx_struct_oper_list.matrix[3][3]         1.0000000000 
_pdbx_struct_oper_list.vector[3]            0.0000000000 
# 
loop_
_pdbx_audit_revision_history.ordinal 
_pdbx_audit_revision_history.data_content_type 
_pdbx_audit_revision_history.major_revision 
_pdbx_audit_revision_history.minor_revision 
_pdbx_audit_revision_history.revision_date 
1 'Structure model' 1 0 2009-06-23 
2 'Structure model' 1 1 2011-07-13 
3 'Structure model' 1 2 2023-09-06 
# 
_pdbx_audit_revision_details.ordinal             1 
_pdbx_audit_revision_details.revision_ordinal    1 
_pdbx_audit_revision_details.data_content_type   'Structure model' 
_pdbx_audit_revision_details.provider            repository 
_pdbx_audit_revision_details.type                'Initial release' 
_pdbx_audit_revision_details.description         ? 
_pdbx_audit_revision_details.details             ? 
# 
loop_
_pdbx_audit_revision_group.ordinal 
_pdbx_audit_revision_group.revision_ordinal 
_pdbx_audit_revision_group.data_content_type 
_pdbx_audit_revision_group.group 
1 2 'Structure model' 'Version format compliance' 
2 3 'Structure model' 'Data collection'           
3 3 'Structure model' 'Database references'       
4 3 'Structure model' 'Derived calculations'      
5 3 'Structure model' 'Refinement description'    
# 
loop_
_pdbx_audit_revision_category.ordinal 
_pdbx_audit_revision_category.revision_ordinal 
_pdbx_audit_revision_category.data_content_type 
_pdbx_audit_revision_category.category 
1 3 'Structure model' chem_comp_atom                
2 3 'Structure model' chem_comp_bond                
3 3 'Structure model' database_2                    
4 3 'Structure model' pdbx_initial_refinement_model 
5 3 'Structure model' struct_site                   
# 
loop_
_pdbx_audit_revision_item.ordinal 
_pdbx_audit_revision_item.revision_ordinal 
_pdbx_audit_revision_item.data_content_type 
_pdbx_audit_revision_item.item 
1 3 'Structure model' '_database_2.pdbx_DOI'                
2 3 'Structure model' '_database_2.pdbx_database_accession' 
3 3 'Structure model' '_struct_site.pdbx_auth_asym_id'      
4 3 'Structure model' '_struct_site.pdbx_auth_comp_id'      
5 3 'Structure model' '_struct_site.pdbx_auth_seq_id'       
# 
loop_
_software.name 
_software.classification 
_software.version 
_software.citation_id 
_software.pdbx_ordinal 
CrystalClear 'data collection' . ? 1 
CNS          refinement        . ? 2 
d*TREK       'data reduction'  . ? 3 
d*TREK       'data scaling'    . ? 4 
CNS          phasing           . ? 5 
# 
loop_
_chem_comp_atom.comp_id 
_chem_comp_atom.atom_id 
_chem_comp_atom.type_symbol 
_chem_comp_atom.pdbx_aromatic_flag 
_chem_comp_atom.pdbx_stereo_config 
_chem_comp_atom.pdbx_ordinal 
2BP N9     N  Y N 1   
2BP C8     C  Y N 2   
2BP N7     N  Y N 3   
2BP C5     C  Y N 4   
2BP C6     C  Y N 5   
2BP N1     N  Y N 6   
2BP C2     C  Y N 7   
2BP N2     N  N N 8   
2BP N3     N  Y N 9   
2BP C4     C  Y N 10  
2BP H8     H  N N 11  
2BP H6     H  N N 12  
2BP HN2    H  N N 13  
2BP HN2A   H  N N 14  
2BP HN9    H  N N 15  
A   OP3    O  N N 16  
A   P      P  N N 17  
A   OP1    O  N N 18  
A   OP2    O  N N 19  
A   "O5'"  O  N N 20  
A   "C5'"  C  N N 21  
A   "C4'"  C  N R 22  
A   "O4'"  O  N N 23  
A   "C3'"  C  N S 24  
A   "O3'"  O  N N 25  
A   "C2'"  C  N R 26  
A   "O2'"  O  N N 27  
A   "C1'"  C  N R 28  
A   N9     N  Y N 29  
A   C8     C  Y N 30  
A   N7     N  Y N 31  
A   C5     C  Y N 32  
A   C6     C  Y N 33  
A   N6     N  N N 34  
A   N1     N  Y N 35  
A   C2     C  Y N 36  
A   N3     N  Y N 37  
A   C4     C  Y N 38  
A   HOP3   H  N N 39  
A   HOP2   H  N N 40  
A   "H5'"  H  N N 41  
A   "H5''" H  N N 42  
A   "H4'"  H  N N 43  
A   "H3'"  H  N N 44  
A   "HO3'" H  N N 45  
A   "H2'"  H  N N 46  
A   "HO2'" H  N N 47  
A   "H1'"  H  N N 48  
A   H8     H  N N 49  
A   H61    H  N N 50  
A   H62    H  N N 51  
A   H2     H  N N 52  
ACT C      C  N N 53  
ACT O      O  N N 54  
ACT OXT    O  N N 55  
ACT CH3    C  N N 56  
ACT H1     H  N N 57  
ACT H2     H  N N 58  
ACT H3     H  N N 59  
C   OP3    O  N N 60  
C   P      P  N N 61  
C   OP1    O  N N 62  
C   OP2    O  N N 63  
C   "O5'"  O  N N 64  
C   "C5'"  C  N N 65  
C   "C4'"  C  N R 66  
C   "O4'"  O  N N 67  
C   "C3'"  C  N S 68  
C   "O3'"  O  N N 69  
C   "C2'"  C  N R 70  
C   "O2'"  O  N N 71  
C   "C1'"  C  N R 72  
C   N1     N  N N 73  
C   C2     C  N N 74  
C   O2     O  N N 75  
C   N3     N  N N 76  
C   C4     C  N N 77  
C   N4     N  N N 78  
C   C5     C  N N 79  
C   C6     C  N N 80  
C   HOP3   H  N N 81  
C   HOP2   H  N N 82  
C   "H5'"  H  N N 83  
C   "H5''" H  N N 84  
C   "H4'"  H  N N 85  
C   "H3'"  H  N N 86  
C   "HO3'" H  N N 87  
C   "H2'"  H  N N 88  
C   "HO2'" H  N N 89  
C   "H1'"  H  N N 90  
C   H41    H  N N 91  
C   H42    H  N N 92  
C   H5     H  N N 93  
C   H6     H  N N 94  
G   OP3    O  N N 95  
G   P      P  N N 96  
G   OP1    O  N N 97  
G   OP2    O  N N 98  
G   "O5'"  O  N N 99  
G   "C5'"  C  N N 100 
G   "C4'"  C  N R 101 
G   "O4'"  O  N N 102 
G   "C3'"  C  N S 103 
G   "O3'"  O  N N 104 
G   "C2'"  C  N R 105 
G   "O2'"  O  N N 106 
G   "C1'"  C  N R 107 
G   N9     N  Y N 108 
G   C8     C  Y N 109 
G   N7     N  Y N 110 
G   C5     C  Y N 111 
G   C6     C  N N 112 
G   O6     O  N N 113 
G   N1     N  N N 114 
G   C2     C  N N 115 
G   N2     N  N N 116 
G   N3     N  N N 117 
G   C4     C  Y N 118 
G   HOP3   H  N N 119 
G   HOP2   H  N N 120 
G   "H5'"  H  N N 121 
G   "H5''" H  N N 122 
G   "H4'"  H  N N 123 
G   "H3'"  H  N N 124 
G   "HO3'" H  N N 125 
G   "H2'"  H  N N 126 
G   "HO2'" H  N N 127 
G   "H1'"  H  N N 128 
G   H8     H  N N 129 
G   H1     H  N N 130 
G   H21    H  N N 131 
G   H22    H  N N 132 
HOH O      O  N N 133 
HOH H1     H  N N 134 
HOH H2     H  N N 135 
NCO CO     CO N N 136 
NCO N1     N  N N 137 
NCO N2     N  N N 138 
NCO N3     N  N N 139 
NCO N4     N  N N 140 
NCO N5     N  N N 141 
NCO N6     N  N N 142 
NCO HN11   H  N N 143 
NCO HN12   H  N N 144 
NCO HN13   H  N N 145 
NCO HN21   H  N N 146 
NCO HN22   H  N N 147 
NCO HN23   H  N N 148 
NCO HN31   H  N N 149 
NCO HN32   H  N N 150 
NCO HN33   H  N N 151 
NCO HN41   H  N N 152 
NCO HN42   H  N N 153 
NCO HN43   H  N N 154 
NCO HN51   H  N N 155 
NCO HN52   H  N N 156 
NCO HN53   H  N N 157 
NCO HN61   H  N N 158 
NCO HN62   H  N N 159 
NCO HN63   H  N N 160 
U   OP3    O  N N 161 
U   P      P  N N 162 
U   OP1    O  N N 163 
U   OP2    O  N N 164 
U   "O5'"  O  N N 165 
U   "C5'"  C  N N 166 
U   "C4'"  C  N R 167 
U   "O4'"  O  N N 168 
U   "C3'"  C  N S 169 
U   "O3'"  O  N N 170 
U   "C2'"  C  N R 171 
U   "O2'"  O  N N 172 
U   "C1'"  C  N R 173 
U   N1     N  N N 174 
U   C2     C  N N 175 
U   O2     O  N N 176 
U   N3     N  N N 177 
U   C4     C  N N 178 
U   O4     O  N N 179 
U   C5     C  N N 180 
U   C6     C  N N 181 
U   HOP3   H  N N 182 
U   HOP2   H  N N 183 
U   "H5'"  H  N N 184 
U   "H5''" H  N N 185 
U   "H4'"  H  N N 186 
U   "H3'"  H  N N 187 
U   "HO3'" H  N N 188 
U   "H2'"  H  N N 189 
U   "HO2'" H  N N 190 
U   "H1'"  H  N N 191 
U   H3     H  N N 192 
U   H5     H  N N 193 
U   H6     H  N N 194 
# 
loop_
_chem_comp_bond.comp_id 
_chem_comp_bond.atom_id_1 
_chem_comp_bond.atom_id_2 
_chem_comp_bond.value_order 
_chem_comp_bond.pdbx_aromatic_flag 
_chem_comp_bond.pdbx_stereo_config 
_chem_comp_bond.pdbx_ordinal 
2BP C8    N9     sing Y N 1   
2BP N9    C4     sing Y N 2   
2BP C8    N7     doub Y N 3   
2BP C8    H8     sing N N 4   
2BP N7    C5     sing Y N 5   
2BP C5    C4     doub Y N 6   
2BP C5    C6     sing Y N 7   
2BP C6    N1     doub Y N 8   
2BP C6    H6     sing N N 9   
2BP N1    C2     sing Y N 10  
2BP N3    C2     doub Y N 11  
2BP C2    N2     sing N N 12  
2BP N2    HN2    sing N N 13  
2BP N2    HN2A   sing N N 14  
2BP C4    N3     sing Y N 15  
2BP N9    HN9    sing N N 16  
A   OP3   P      sing N N 17  
A   OP3   HOP3   sing N N 18  
A   P     OP1    doub N N 19  
A   P     OP2    sing N N 20  
A   P     "O5'"  sing N N 21  
A   OP2   HOP2   sing N N 22  
A   "O5'" "C5'"  sing N N 23  
A   "C5'" "C4'"  sing N N 24  
A   "C5'" "H5'"  sing N N 25  
A   "C5'" "H5''" sing N N 26  
A   "C4'" "O4'"  sing N N 27  
A   "C4'" "C3'"  sing N N 28  
A   "C4'" "H4'"  sing N N 29  
A   "O4'" "C1'"  sing N N 30  
A   "C3'" "O3'"  sing N N 31  
A   "C3'" "C2'"  sing N N 32  
A   "C3'" "H3'"  sing N N 33  
A   "O3'" "HO3'" sing N N 34  
A   "C2'" "O2'"  sing N N 35  
A   "C2'" "C1'"  sing N N 36  
A   "C2'" "H2'"  sing N N 37  
A   "O2'" "HO2'" sing N N 38  
A   "C1'" N9     sing N N 39  
A   "C1'" "H1'"  sing N N 40  
A   N9    C8     sing Y N 41  
A   N9    C4     sing Y N 42  
A   C8    N7     doub Y N 43  
A   C8    H8     sing N N 44  
A   N7    C5     sing Y N 45  
A   C5    C6     sing Y N 46  
A   C5    C4     doub Y N 47  
A   C6    N6     sing N N 48  
A   C6    N1     doub Y N 49  
A   N6    H61    sing N N 50  
A   N6    H62    sing N N 51  
A   N1    C2     sing Y N 52  
A   C2    N3     doub Y N 53  
A   C2    H2     sing N N 54  
A   N3    C4     sing Y N 55  
ACT C     O      doub N N 56  
ACT C     OXT    sing N N 57  
ACT C     CH3    sing N N 58  
ACT CH3   H1     sing N N 59  
ACT CH3   H2     sing N N 60  
ACT CH3   H3     sing N N 61  
C   OP3   P      sing N N 62  
C   OP3   HOP3   sing N N 63  
C   P     OP1    doub N N 64  
C   P     OP2    sing N N 65  
C   P     "O5'"  sing N N 66  
C   OP2   HOP2   sing N N 67  
C   "O5'" "C5'"  sing N N 68  
C   "C5'" "C4'"  sing N N 69  
C   "C5'" "H5'"  sing N N 70  
C   "C5'" "H5''" sing N N 71  
C   "C4'" "O4'"  sing N N 72  
C   "C4'" "C3'"  sing N N 73  
C   "C4'" "H4'"  sing N N 74  
C   "O4'" "C1'"  sing N N 75  
C   "C3'" "O3'"  sing N N 76  
C   "C3'" "C2'"  sing N N 77  
C   "C3'" "H3'"  sing N N 78  
C   "O3'" "HO3'" sing N N 79  
C   "C2'" "O2'"  sing N N 80  
C   "C2'" "C1'"  sing N N 81  
C   "C2'" "H2'"  sing N N 82  
C   "O2'" "HO2'" sing N N 83  
C   "C1'" N1     sing N N 84  
C   "C1'" "H1'"  sing N N 85  
C   N1    C2     sing N N 86  
C   N1    C6     sing N N 87  
C   C2    O2     doub N N 88  
C   C2    N3     sing N N 89  
C   N3    C4     doub N N 90  
C   C4    N4     sing N N 91  
C   C4    C5     sing N N 92  
C   N4    H41    sing N N 93  
C   N4    H42    sing N N 94  
C   C5    C6     doub N N 95  
C   C5    H5     sing N N 96  
C   C6    H6     sing N N 97  
G   OP3   P      sing N N 98  
G   OP3   HOP3   sing N N 99  
G   P     OP1    doub N N 100 
G   P     OP2    sing N N 101 
G   P     "O5'"  sing N N 102 
G   OP2   HOP2   sing N N 103 
G   "O5'" "C5'"  sing N N 104 
G   "C5'" "C4'"  sing N N 105 
G   "C5'" "H5'"  sing N N 106 
G   "C5'" "H5''" sing N N 107 
G   "C4'" "O4'"  sing N N 108 
G   "C4'" "C3'"  sing N N 109 
G   "C4'" "H4'"  sing N N 110 
G   "O4'" "C1'"  sing N N 111 
G   "C3'" "O3'"  sing N N 112 
G   "C3'" "C2'"  sing N N 113 
G   "C3'" "H3'"  sing N N 114 
G   "O3'" "HO3'" sing N N 115 
G   "C2'" "O2'"  sing N N 116 
G   "C2'" "C1'"  sing N N 117 
G   "C2'" "H2'"  sing N N 118 
G   "O2'" "HO2'" sing N N 119 
G   "C1'" N9     sing N N 120 
G   "C1'" "H1'"  sing N N 121 
G   N9    C8     sing Y N 122 
G   N9    C4     sing Y N 123 
G   C8    N7     doub Y N 124 
G   C8    H8     sing N N 125 
G   N7    C5     sing Y N 126 
G   C5    C6     sing N N 127 
G   C5    C4     doub Y N 128 
G   C6    O6     doub N N 129 
G   C6    N1     sing N N 130 
G   N1    C2     sing N N 131 
G   N1    H1     sing N N 132 
G   C2    N2     sing N N 133 
G   C2    N3     doub N N 134 
G   N2    H21    sing N N 135 
G   N2    H22    sing N N 136 
G   N3    C4     sing N N 137 
HOH O     H1     sing N N 138 
HOH O     H2     sing N N 139 
NCO CO    N1     sing N N 140 
NCO CO    N2     sing N N 141 
NCO CO    N3     sing N N 142 
NCO CO    N4     sing N N 143 
NCO CO    N5     sing N N 144 
NCO CO    N6     sing N N 145 
NCO N1    HN11   sing N N 146 
NCO N1    HN12   sing N N 147 
NCO N1    HN13   sing N N 148 
NCO N2    HN21   sing N N 149 
NCO N2    HN22   sing N N 150 
NCO N2    HN23   sing N N 151 
NCO N3    HN31   sing N N 152 
NCO N3    HN32   sing N N 153 
NCO N3    HN33   sing N N 154 
NCO N4    HN41   sing N N 155 
NCO N4    HN42   sing N N 156 
NCO N4    HN43   sing N N 157 
NCO N5    HN51   sing N N 158 
NCO N5    HN52   sing N N 159 
NCO N5    HN53   sing N N 160 
NCO N6    HN61   sing N N 161 
NCO N6    HN62   sing N N 162 
NCO N6    HN63   sing N N 163 
U   OP3   P      sing N N 164 
U   OP3   HOP3   sing N N 165 
U   P     OP1    doub N N 166 
U   P     OP2    sing N N 167 
U   P     "O5'"  sing N N 168 
U   OP2   HOP2   sing N N 169 
U   "O5'" "C5'"  sing N N 170 
U   "C5'" "C4'"  sing N N 171 
U   "C5'" "H5'"  sing N N 172 
U   "C5'" "H5''" sing N N 173 
U   "C4'" "O4'"  sing N N 174 
U   "C4'" "C3'"  sing N N 175 
U   "C4'" "H4'"  sing N N 176 
U   "O4'" "C1'"  sing N N 177 
U   "C3'" "O3'"  sing N N 178 
U   "C3'" "C2'"  sing N N 179 
U   "C3'" "H3'"  sing N N 180 
U   "O3'" "HO3'" sing N N 181 
U   "C2'" "O2'"  sing N N 182 
U   "C2'" "C1'"  sing N N 183 
U   "C2'" "H2'"  sing N N 184 
U   "O2'" "HO2'" sing N N 185 
U   "C1'" N1     sing N N 186 
U   "C1'" "H1'"  sing N N 187 
U   N1    C2     sing N N 188 
U   N1    C6     sing N N 189 
U   C2    O2     doub N N 190 
U   C2    N3     sing N N 191 
U   N3    C4     sing N N 192 
U   N3    H3     sing N N 193 
U   C4    O4     doub N N 194 
U   C4    C5     sing N N 195 
U   C5    C6     doub N N 196 
U   C5    H5     sing N N 197 
U   C6    H6     sing N N 198 
# 
loop_
_ndb_struct_conf_na.entry_id 
_ndb_struct_conf_na.feature 
3G4M 'double helix'         
3G4M 'a-form double helix'  
3G4M 'mismatched base pair' 
3G4M 'internal loop'        
3G4M 'triple helix'         
3G4M 'three-way junction'   
# 
loop_
_ndb_struct_na_base_pair.model_number 
_ndb_struct_na_base_pair.i_label_asym_id 
_ndb_struct_na_base_pair.i_label_comp_id 
_ndb_struct_na_base_pair.i_label_seq_id 
_ndb_struct_na_base_pair.i_symmetry 
_ndb_struct_na_base_pair.j_label_asym_id 
_ndb_struct_na_base_pair.j_label_comp_id 
_ndb_struct_na_base_pair.j_label_seq_id 
_ndb_struct_na_base_pair.j_symmetry 
_ndb_struct_na_base_pair.shear 
_ndb_struct_na_base_pair.stretch 
_ndb_struct_na_base_pair.stagger 
_ndb_struct_na_base_pair.buckle 
_ndb_struct_na_base_pair.propeller 
_ndb_struct_na_base_pair.opening 
_ndb_struct_na_base_pair.pair_number 
_ndb_struct_na_base_pair.pair_name 
_ndb_struct_na_base_pair.i_auth_asym_id 
_ndb_struct_na_base_pair.i_auth_seq_id 
_ndb_struct_na_base_pair.i_PDB_ins_code 
_ndb_struct_na_base_pair.j_auth_asym_id 
_ndb_struct_na_base_pair.j_auth_seq_id 
_ndb_struct_na_base_pair.j_PDB_ins_code 
_ndb_struct_na_base_pair.hbond_type_28 
_ndb_struct_na_base_pair.hbond_type_12 
1 A G 2  1_555 A C 66 1_555 1.038  -0.483 0.467  0.493   -21.754 -8.767   1  A_G16:C80_A A 16 ? A 80 ? 19 1 
1 A A 3  1_555 A U 65 1_555 0.238  -0.128 0.513  5.631   -13.781 -0.581   2  A_A17:U79_A A 17 ? A 79 ? 20 1 
1 A C 4  1_555 A G 64 1_555 -0.524 -0.219 0.156  8.970   -17.302 -5.882   3  A_C18:G78_A A 18 ? A 78 ? 19 1 
1 A A 5  1_555 A U 63 1_555 -0.201 -0.136 0.217  -4.714  -12.883 7.281    4  A_A19:U77_A A 19 ? A 77 ? 20 1 
1 A U 6  1_555 A A 62 1_555 -0.326 -0.236 0.061  -4.445  -16.739 1.052    5  A_U20:A76_A A 20 ? A 76 ? 20 1 
1 A A 7  1_555 A U 61 1_555 -0.161 -0.166 -0.126 -0.376  -12.030 -0.995   6  A_A21:U75_A A 21 ? A 75 ? 20 1 
1 A U 37 1_555 A U 33 1_555 -4.053 -0.663 0.506  -29.918 45.026  -65.356  7  A_U51:U47_A A 51 ? A 47 ? ?  ? 
1 A A 38 1_555 A U 8  1_555 -0.140 0.001  -0.138 -13.621 3.259   3.541    8  A_A52:U22_A A 52 ? A 22 ? 20 1 
1 A C 39 1_555 A G 32 1_555 0.355  0.190  -0.342 18.337  3.596   -0.478   9  A_C53:G46_A A 53 ? A 46 ? 19 1 
1 A U 11 1_555 A A 31 1_555 0.006  -0.276 0.059  5.081   -10.577 0.589    10 A_U25:A45_A A 25 ? A 45 ? 20 1 
1 A C 12 1_555 A A 30 1_555 -0.671 0.078  0.347  5.970   -12.648 -4.895   11 A_C26:A44_A A 26 ? A 44 ? ?  ? 
1 A G 13 1_555 A C 29 1_555 -0.272 -0.152 0.407  -7.967  -8.732  6.304    12 A_G27:C43_A A 27 ? A 43 ? 19 1 
1 A C 14 1_555 A G 28 1_555 0.060  -0.058 -0.004 7.295   -15.838 3.972    13 A_C28:G42_A A 28 ? A 42 ? 19 1 
1 A G 15 1_555 A C 27 1_555 -0.375 -0.175 -0.348 -0.258  -8.870  1.085    14 A_G29:C41_A A 29 ? A 41 ? 19 1 
1 A U 16 1_555 A A 26 1_555 -0.031 -0.195 0.188  -0.206  1.510   4.042    15 A_U30:A40_A A 30 ? A 40 ? 20 1 
1 A G 17 1_555 A C 25 1_555 0.365  -0.308 -0.146 3.203   -7.853  -2.919   16 A_G31:C39_A A 31 ? A 39 ? 19 1 
1 A C 40 1_555 A G 58 1_555 -0.222 -0.208 0.149  -10.281 -11.548 2.915    17 A_C54:G72_A A 54 ? A 72 ? 19 1 
1 A G 41 1_555 A C 57 1_555 -0.058 -0.082 0.556  -0.908  -13.435 3.813    18 A_G55:C71_A A 55 ? A 71 ? 19 1 
1 A G 42 1_555 A C 56 1_555 -0.331 -0.338 0.006  -0.470  -18.869 -4.341   19 A_G56:C70_A A 56 ? A 70 ? 19 1 
1 A G 43 1_555 A U 55 1_555 -2.468 -0.714 0.301  3.315   -15.247 -1.494   20 A_G57:U69_A A 57 ? A 69 ? 28 ? 
1 A C 44 1_555 A G 54 1_555 -0.023 -0.298 0.319  3.249   -16.090 -2.156   21 A_C58:G68_A A 58 ? A 68 ? 19 1 
1 A A 45 1_555 A U 53 1_555 0.409  -0.036 -0.170 -5.137  -14.447 -3.951   22 A_A59:U67_A A 59 ? A 67 ? 20 1 
1 A C 46 1_555 A G 24 1_555 -0.075 0.096  0.257  -16.567 -10.670 1.049    23 A_C60:G38_A A 60 ? A 38 ? 19 1 
1 A C 47 1_555 A G 23 1_555 0.388  -0.178 0.638  -3.518  -11.846 -4.882   24 A_C61:G37_A A 61 ? A 37 ? 19 1 
1 A A 50 1_555 A A 21 1_555 4.661  1.395  0.701  1.949   5.540   -112.417 25 A_A64:A35_A A 64 ? A 35 ? 5  4 
1 A G 48 1_555 A U 49 1_555 8.024  1.334  0.654  1.042   -2.350  13.933   26 A_G62:U63_A A 62 ? A 63 ? ?  ? 
# 
loop_
_ndb_struct_na_base_pair_step.model_number 
_ndb_struct_na_base_pair_step.i_label_asym_id_1 
_ndb_struct_na_base_pair_step.i_label_comp_id_1 
_ndb_struct_na_base_pair_step.i_label_seq_id_1 
_ndb_struct_na_base_pair_step.i_symmetry_1 
_ndb_struct_na_base_pair_step.j_label_asym_id_1 
_ndb_struct_na_base_pair_step.j_label_comp_id_1 
_ndb_struct_na_base_pair_step.j_label_seq_id_1 
_ndb_struct_na_base_pair_step.j_symmetry_1 
_ndb_struct_na_base_pair_step.i_label_asym_id_2 
_ndb_struct_na_base_pair_step.i_label_comp_id_2 
_ndb_struct_na_base_pair_step.i_label_seq_id_2 
_ndb_struct_na_base_pair_step.i_symmetry_2 
_ndb_struct_na_base_pair_step.j_label_asym_id_2 
_ndb_struct_na_base_pair_step.j_label_comp_id_2 
_ndb_struct_na_base_pair_step.j_label_seq_id_2 
_ndb_struct_na_base_pair_step.j_symmetry_2 
_ndb_struct_na_base_pair_step.shift 
_ndb_struct_na_base_pair_step.slide 
_ndb_struct_na_base_pair_step.rise 
_ndb_struct_na_base_pair_step.tilt 
_ndb_struct_na_base_pair_step.roll 
_ndb_struct_na_base_pair_step.twist 
_ndb_struct_na_base_pair_step.x_displacement 
_ndb_struct_na_base_pair_step.y_displacement 
_ndb_struct_na_base_pair_step.helical_rise 
_ndb_struct_na_base_pair_step.inclination 
_ndb_struct_na_base_pair_step.tip 
_ndb_struct_na_base_pair_step.helical_twist 
_ndb_struct_na_base_pair_step.step_number 
_ndb_struct_na_base_pair_step.step_name 
_ndb_struct_na_base_pair_step.i_auth_asym_id_1 
_ndb_struct_na_base_pair_step.i_auth_seq_id_1 
_ndb_struct_na_base_pair_step.i_PDB_ins_code_1 
_ndb_struct_na_base_pair_step.j_auth_asym_id_1 
_ndb_struct_na_base_pair_step.j_auth_seq_id_1 
_ndb_struct_na_base_pair_step.j_PDB_ins_code_1 
_ndb_struct_na_base_pair_step.i_auth_asym_id_2 
_ndb_struct_na_base_pair_step.i_auth_seq_id_2 
_ndb_struct_na_base_pair_step.i_PDB_ins_code_2 
_ndb_struct_na_base_pair_step.j_auth_asym_id_2 
_ndb_struct_na_base_pair_step.j_auth_seq_id_2 
_ndb_struct_na_base_pair_step.j_PDB_ins_code_2 
1 A G 2  1_555 A C 66 1_555 A A 3  1_555 A U 65 1_555 0.528  -2.439 2.881 1.439   9.720    34.061   -5.131 -0.702 2.146  16.180  
-2.396  35.410   1  AA_G16A17:U79C80_AA A 16 ? A 80 ? A 17 ? A 79 ? 
1 A A 3  1_555 A U 65 1_555 A C 4  1_555 A G 64 1_555 0.505  -1.479 3.157 2.433   7.073    26.664   -4.662 -0.517 2.716  14.967  
-5.149  27.675   2  AA_A17C18:G78U79_AA A 17 ? A 79 ? A 18 ? A 78 ? 
1 A C 4  1_555 A G 64 1_555 A A 5  1_555 A U 63 1_555 1.049  -1.791 3.322 0.407   13.907   32.989   -4.755 -1.656 2.408  23.245  
-0.680  35.728   3  AA_C18A19:U77G78_AA A 18 ? A 78 ? A 19 ? A 77 ? 
1 A A 5  1_555 A U 63 1_555 A U 6  1_555 A A 62 1_555 -0.638 -1.521 3.196 0.692   11.649   31.706   -4.318 1.200  2.485  20.474  
-1.217  33.734   4  AA_A19U20:A76U77_AA A 19 ? A 77 ? A 20 ? A 76 ? 
1 A U 6  1_555 A A 62 1_555 A A 7  1_555 A U 61 1_555 0.680  -1.540 3.171 3.739   17.151   30.654   -4.758 -0.642 2.110  29.594  
-6.451  35.219   5  AA_U20A21:U75A76_AA A 20 ? A 76 ? A 21 ? A 75 ? 
1 A A 7  1_555 A U 61 1_555 A U 37 1_555 A U 33 1_555 -1.473 6.153  1.979 24.359  9.995    160.331  3.105  0.784  2.016  5.070   
-12.355 160.853  6  AA_A21U51:U47U75_AA A 21 ? A 75 ? A 51 ? A 47 ? 
1 A U 37 1_555 A U 33 1_555 A A 38 1_555 A U 8  1_555 -0.013 -0.701 3.301 -5.934  27.467   4.042    -6.777 -1.128 -0.201 80.131  
17.312  28.384   7  AA_U51A52:U22U47_AA A 51 ? A 47 ? A 52 ? A 22 ? 
1 A A 38 1_555 A U 8  1_555 A C 39 1_555 A G 32 1_555 2.048  -0.338 2.596 1.826   12.747   44.190   -1.308 -2.499 2.490  16.531  
-2.368  45.938   8  AA_A52C53:G46U22_AA A 52 ? A 22 ? A 53 ? A 46 ? 
1 A C 39 1_555 A G 32 1_555 A U 11 1_555 A A 31 1_555 -2.374 -0.368 3.441 -15.152 0.110    51.127   -0.419 1.536  3.948  0.124   
17.131  53.180   9  AA_C53U25:A45G46_AA A 53 ? A 46 ? A 25 ? A 45 ? 
1 A U 11 1_555 A A 31 1_555 A C 12 1_555 A A 30 1_555 -0.625 -2.413 3.204 -3.854  4.797    22.601   -7.445 0.337  2.708  11.957  
9.607   23.413   10 AA_U25C26:A44A45_AA A 25 ? A 45 ? A 26 ? A 44 ? 
1 A C 12 1_555 A A 30 1_555 A G 13 1_555 A C 29 1_555 -0.154 -2.128 3.379 -1.094  8.700    37.852   -4.225 0.103  2.843  13.196  
1.659   38.818   11 AA_C26G27:C43A44_AA A 26 ? A 44 ? A 27 ? A 43 ? 
1 A G 13 1_555 A C 29 1_555 A C 14 1_555 A G 28 1_555 0.987  -2.172 2.943 7.754   1.559    24.480   -5.288 -0.197 2.968  3.560   
-17.705 25.707   12 AA_G27C28:G42C43_AA A 27 ? A 43 ? A 28 ? A 42 ? 
1 A C 14 1_555 A G 28 1_555 A G 15 1_555 A C 27 1_555 -0.776 -1.650 3.328 -0.759  12.726   29.080   -5.178 1.292  2.430  23.945  
1.429   31.697   13 AA_C28G29:C41G42_AA A 28 ? A 42 ? A 29 ? A 41 ? 
1 A G 15 1_555 A C 27 1_555 A U 16 1_555 A A 26 1_555 0.044  -1.237 3.370 -5.522  11.451   32.125   -3.809 -0.904 2.739  19.754  
9.526   34.488   14 AA_G29U30:A40C41_AA A 29 ? A 41 ? A 30 ? A 40 ? 
1 A U 16 1_555 A A 26 1_555 A G 17 1_555 A C 25 1_555 0.394  -1.721 3.152 3.331   1.787    34.943   -3.106 -0.176 3.086  2.965   
-5.527  35.140   15 AA_U30G31:C39A40_AA A 30 ? A 40 ? A 31 ? A 39 ? 
1 A C 40 1_555 A G 58 1_555 A G 41 1_555 A C 57 1_555 -0.383 -1.534 3.007 0.144   1.965    36.686   -2.678 0.625  2.923  3.119   
-0.228  36.737   16 AA_C54G55:C71G72_AA A 54 ? A 72 ? A 55 ? A 71 ? 
1 A G 41 1_555 A C 57 1_555 A G 42 1_555 A C 56 1_555 -0.427 -0.728 3.248 2.234   14.365   29.883   -3.554 1.103  2.598  26.009  
-4.045  33.159   17 AA_G55G56:C70C71_AA A 55 ? A 71 ? A 56 ? A 70 ? 
1 A G 42 1_555 A C 56 1_555 A G 43 1_555 A U 55 1_555 0.042  -1.430 2.970 -5.549  5.859    26.475   -4.216 -1.247 2.539  12.431  
11.773  27.656   18 AA_G56G57:U69C70_AA A 56 ? A 70 ? A 57 ? A 69 ? 
1 A G 43 1_555 A U 55 1_555 A C 44 1_555 A G 54 1_555 0.224  -1.338 3.245 -1.684  2.406    43.252   -2.040 -0.464 3.159  3.260   
2.281   43.347   19 AA_G57C58:G68U69_AA A 57 ? A 69 ? A 58 ? A 68 ? 
1 A C 44 1_555 A G 54 1_555 A A 45 1_555 A U 53 1_555 0.111  -1.826 3.563 4.358   4.484    35.275   -3.652 0.483  3.303  7.328   
-7.123  35.807   20 AA_C58A59:U67G68_AA A 58 ? A 68 ? A 59 ? A 67 ? 
1 A A 45 1_555 A U 53 1_555 A C 46 1_555 A G 24 1_555 2.223  -0.478 3.207 3.581   7.747    52.480   -1.026 -2.259 3.246  8.695   
-4.019  53.121   21 AA_A59C60:G38U67_AA A 59 ? A 67 ? A 60 ? A 38 ? 
1 A C 46 1_555 A G 24 1_555 A C 47 1_555 A G 23 1_555 -0.504 -0.573 3.194 -1.820  4.227    30.059   -1.913 0.608  3.111  8.091   
3.484   30.401   22 AA_C60C61:G37G38_AA A 60 ? A 38 ? A 61 ? A 37 ? 
1 A C 47 1_555 A G 23 1_555 A A 50 1_555 A A 21 1_555 2.453  3.562  3.227 62.207  -158.711 -111.557 -0.745 1.635  4.029  80.121  
31.404  -174.643 23 AA_C61A64:A35G37_AA A 61 ? A 37 ? A 64 ? A 35 ? 
1 A A 50 1_555 A A 21 1_555 A G 48 1_555 A U 49 1_555 -3.071 -4.356 0.361 15.787  -175.343 5.858    -0.079 1.726  4.076  -89.537 
-8.062  176.058  24 AA_A64G62:U63A35_AA A 64 ? A 35 ? A 62 ? A 63 ? 
# 
loop_
_pdbx_entity_nonpoly.entity_id 
_pdbx_entity_nonpoly.name 
_pdbx_entity_nonpoly.comp_id 
2 9H-purin-2-amine        2BP 
3 'ACETATE ION'           ACT 
4 'COBALT HEXAMMINE(III)' NCO 
5 water                   HOH 
# 
_pdbx_initial_refinement_model.id               1 
_pdbx_initial_refinement_model.entity_id_list   ? 
_pdbx_initial_refinement_model.type             'experimental model' 
_pdbx_initial_refinement_model.source_name      PDB 
_pdbx_initial_refinement_model.accession_code   1U8D 
_pdbx_initial_refinement_model.details          ? 
# 
